data_6P02
#
_entry.id   6P02
#
_cell.length_a   143.679
_cell.length_b   143.679
_cell.length_c   59.838
_cell.angle_alpha   90.00
_cell.angle_beta   90.00
_cell.angle_gamma   120.00
#
_symmetry.space_group_name_H-M   'P 31'
#
loop_
_entity.id
_entity.type
_entity.pdbx_description
1 polymer 'Aspartate 1-decarboxylase beta chain'
2 polymer 'Aspartate 1-decarboxylase alpha chain'
3 non-polymer '6-chloropyrazine-2-carboxylic acid'
4 water water
#
loop_
_entity_poly.entity_id
_entity_poly.type
_entity_poly.pdbx_seq_one_letter_code
_entity_poly.pdbx_strand_id
1 'polypeptide(L)' MLRTMLKSKIHRATVTCADLHYVG A,C,E,G,I,K,M,O,Q,S,U,W
2 'polypeptide(L)'
;(PYR)VTIDADLMDAADLLEGEQVTIVDIDNGARLVTYAITGERGSGVIGINGAAAHLVHPGDLVILIAYATMDDARART
YQPRIVFVDAYNKPIDMGHDPAFVPENAGELLDPRLGVGLEHHHHHH
;
B,D,F,H,J,L,N,P,R,T,V,X
#
# COMPACT_ATOMS: atom_id res chain seq x y z
N MET A 1 -6.69 -23.35 21.90
CA MET A 1 -5.92 -24.21 20.98
C MET A 1 -5.64 -23.47 19.67
N LEU A 2 -4.35 -23.29 19.35
CA LEU A 2 -3.93 -22.63 18.07
C LEU A 2 -3.46 -23.73 17.09
N ARG A 3 -3.93 -23.68 15.88
CA ARG A 3 -3.50 -24.52 14.74
C ARG A 3 -2.58 -23.71 13.84
N THR A 4 -1.68 -24.40 13.14
CA THR A 4 -0.81 -23.75 12.17
C THR A 4 -1.47 -23.96 10.83
N MET A 5 -1.79 -22.89 10.13
CA MET A 5 -2.54 -22.99 8.85
C MET A 5 -1.80 -22.29 7.74
N LEU A 6 -2.00 -22.76 6.51
CA LEU A 6 -1.53 -22.01 5.32
C LEU A 6 -2.16 -20.61 5.31
N LYS A 7 -1.32 -19.59 5.15
CA LYS A 7 -1.77 -18.17 5.02
C LYS A 7 -1.49 -17.66 3.58
N SER A 8 -0.31 -17.96 3.06
CA SER A 8 0.18 -17.39 1.77
C SER A 8 0.83 -18.49 0.94
N LYS A 9 0.56 -18.49 -0.36
CA LYS A 9 1.24 -19.39 -1.31
C LYS A 9 1.45 -18.65 -2.64
N ILE A 10 2.68 -18.59 -3.07
CA ILE A 10 3.01 -18.22 -4.49
C ILE A 10 3.43 -19.49 -5.18
N HIS A 11 2.61 -19.90 -6.13
CA HIS A 11 2.72 -21.22 -6.80
C HIS A 11 3.51 -21.17 -8.12
N ARG A 12 4.62 -21.90 -8.11
CA ARG A 12 5.43 -22.23 -9.31
C ARG A 12 6.01 -20.94 -9.89
N ALA A 13 6.68 -20.18 -9.03
CA ALA A 13 7.48 -19.01 -9.42
C ALA A 13 8.84 -19.52 -9.89
N THR A 14 9.49 -18.72 -10.70
CA THR A 14 10.80 -19.04 -11.27
C THR A 14 11.81 -18.21 -10.52
N VAL A 15 12.82 -18.85 -9.97
CA VAL A 15 13.93 -18.09 -9.33
C VAL A 15 14.68 -17.31 -10.43
N THR A 16 14.81 -16.00 -10.29
CA THR A 16 15.37 -15.10 -11.32
C THR A 16 16.85 -14.82 -11.05
N CYS A 17 17.28 -14.78 -9.79
CA CYS A 17 18.69 -14.55 -9.45
C CYS A 17 18.96 -15.13 -8.08
N ALA A 18 20.27 -15.33 -7.82
CA ALA A 18 20.87 -15.81 -6.56
C ALA A 18 22.19 -15.04 -6.37
N ASP A 19 22.54 -14.79 -5.13
CA ASP A 19 23.79 -14.10 -4.76
C ASP A 19 24.24 -14.71 -3.45
N LEU A 20 25.35 -15.45 -3.45
CA LEU A 20 25.87 -16.11 -2.25
C LEU A 20 26.33 -15.05 -1.27
N HIS A 21 26.86 -13.97 -1.81
CA HIS A 21 27.55 -12.96 -0.99
C HIS A 21 26.72 -11.68 -0.87
N TYR A 22 25.40 -11.78 -0.96
CA TYR A 22 24.44 -10.66 -0.69
C TYR A 22 24.78 -10.01 0.65
N VAL A 23 24.67 -8.67 0.71
CA VAL A 23 24.81 -7.84 1.93
C VAL A 23 23.59 -6.92 2.02
N GLY A 24 22.78 -7.08 3.08
CA GLY A 24 21.50 -6.34 3.30
C GLY A 24 20.55 -7.11 4.20
N VAL B 2 15.06 -14.17 0.89
CA VAL B 2 14.39 -14.25 -0.45
C VAL B 2 13.76 -12.90 -0.80
N THR B 3 14.21 -12.33 -1.89
CA THR B 3 13.74 -11.04 -2.41
C THR B 3 12.54 -11.34 -3.29
N ILE B 4 11.40 -10.77 -2.98
CA ILE B 4 10.13 -11.01 -3.71
C ILE B 4 9.60 -9.68 -4.22
N ASP B 5 9.16 -9.67 -5.47
CA ASP B 5 8.48 -8.56 -6.12
C ASP B 5 7.37 -8.08 -5.21
N ALA B 6 7.38 -6.80 -4.89
CA ALA B 6 6.38 -6.19 -3.96
C ALA B 6 4.96 -6.53 -4.41
N ASP B 7 4.73 -6.72 -5.71
CA ASP B 7 3.36 -7.02 -6.23
C ASP B 7 2.96 -8.42 -5.75
N LEU B 8 3.89 -9.36 -5.74
CA LEU B 8 3.60 -10.75 -5.29
C LEU B 8 3.41 -10.76 -3.77
N MET B 9 4.17 -9.93 -3.07
CA MET B 9 4.04 -9.82 -1.59
C MET B 9 2.65 -9.26 -1.23
N ASP B 10 2.20 -8.21 -1.92
CA ASP B 10 0.84 -7.65 -1.73
C ASP B 10 -0.19 -8.72 -2.09
N ALA B 11 -0.03 -9.35 -3.26
CA ALA B 11 -0.97 -10.38 -3.75
C ALA B 11 -1.07 -11.52 -2.74
N ALA B 12 0.05 -11.90 -2.12
CA ALA B 12 0.13 -13.08 -1.22
C ALA B 12 -0.04 -12.66 0.23
N ASP B 13 -0.14 -11.35 0.51
CA ASP B 13 -0.30 -10.78 1.88
C ASP B 13 0.92 -11.16 2.71
N LEU B 14 2.12 -10.84 2.20
CA LEU B 14 3.41 -11.10 2.89
C LEU B 14 3.99 -9.75 3.30
N LEU B 15 4.51 -9.66 4.52
CA LEU B 15 5.26 -8.48 4.99
C LEU B 15 6.75 -8.71 4.84
N GLU B 16 7.50 -7.63 4.65
CA GLU B 16 8.97 -7.66 4.75
C GLU B 16 9.31 -8.28 6.13
N GLY B 17 10.13 -9.31 6.13
CA GLY B 17 10.59 -9.96 7.38
C GLY B 17 9.72 -11.14 7.75
N GLU B 18 8.62 -11.40 7.02
CA GLU B 18 7.75 -12.55 7.35
C GLU B 18 8.47 -13.85 6.98
N GLN B 19 8.36 -14.85 7.83
CA GLN B 19 9.01 -16.15 7.59
C GLN B 19 8.35 -16.82 6.40
N VAL B 20 9.19 -17.36 5.52
CA VAL B 20 8.72 -17.98 4.26
C VAL B 20 9.42 -19.31 4.11
N THR B 21 8.64 -20.31 3.68
CA THR B 21 9.14 -21.65 3.36
C THR B 21 9.32 -21.68 1.84
N ILE B 22 10.49 -22.04 1.36
CA ILE B 22 10.70 -22.22 -0.09
C ILE B 22 10.83 -23.71 -0.37
N VAL B 23 10.09 -24.20 -1.33
CA VAL B 23 10.18 -25.62 -1.74
C VAL B 23 10.52 -25.64 -3.24
N ASP B 24 11.47 -26.46 -3.63
CA ASP B 24 12.08 -26.41 -4.99
C ASP B 24 11.58 -27.61 -5.78
N ILE B 25 10.81 -27.36 -6.83
CA ILE B 25 10.17 -28.46 -7.62
C ILE B 25 11.26 -29.19 -8.39
N ASP B 26 12.33 -28.48 -8.77
CA ASP B 26 13.38 -29.07 -9.60
C ASP B 26 14.25 -30.05 -8.81
N ASN B 27 14.69 -29.73 -7.58
CA ASN B 27 15.63 -30.63 -6.88
C ASN B 27 15.04 -31.13 -5.56
N GLY B 28 13.84 -30.71 -5.15
CA GLY B 28 13.19 -31.21 -3.92
C GLY B 28 13.71 -30.57 -2.63
N ALA B 29 14.60 -29.60 -2.69
CA ALA B 29 15.03 -28.82 -1.51
C ALA B 29 13.81 -28.12 -0.88
N ARG B 30 13.89 -28.00 0.44
CA ARG B 30 12.84 -27.37 1.26
C ARG B 30 13.59 -26.57 2.33
N LEU B 31 13.36 -25.27 2.43
CA LEU B 31 14.05 -24.51 3.51
C LEU B 31 13.17 -23.36 3.99
N VAL B 32 13.57 -22.81 5.10
CA VAL B 32 12.85 -21.72 5.75
C VAL B 32 13.73 -20.48 5.67
N THR B 33 13.13 -19.40 5.17
CA THR B 33 13.80 -18.09 5.15
C THR B 33 12.75 -17.01 5.38
N TYR B 34 13.18 -15.76 5.20
CA TYR B 34 12.24 -14.63 5.39
C TYR B 34 12.17 -13.76 4.13
N ALA B 35 11.10 -13.02 3.97
CA ALA B 35 10.80 -12.23 2.75
C ALA B 35 11.46 -10.86 2.83
N ILE B 36 12.12 -10.47 1.75
CA ILE B 36 12.60 -9.08 1.50
C ILE B 36 11.84 -8.51 0.30
N THR B 37 11.37 -7.27 0.43
CA THR B 37 10.57 -6.58 -0.62
C THR B 37 11.47 -6.26 -1.81
N GLY B 38 11.14 -6.77 -2.99
CA GLY B 38 11.89 -6.53 -4.23
C GLY B 38 11.21 -5.49 -5.10
N GLU B 39 11.94 -4.97 -6.09
CA GLU B 39 11.46 -3.90 -7.00
C GLU B 39 10.09 -4.30 -7.55
N ARG B 40 9.09 -3.44 -7.38
CA ARG B 40 7.68 -3.75 -7.76
C ARG B 40 7.59 -3.95 -9.28
N GLY B 41 6.89 -5.00 -9.72
CA GLY B 41 6.69 -5.32 -11.14
C GLY B 41 7.94 -5.86 -11.85
N SER B 42 9.07 -6.04 -11.17
CA SER B 42 10.32 -6.60 -11.76
C SER B 42 10.23 -8.12 -11.95
N GLY B 43 9.31 -8.79 -11.24
CA GLY B 43 9.21 -10.26 -11.25
C GLY B 43 10.38 -10.92 -10.57
N VAL B 44 11.09 -10.18 -9.73
CA VAL B 44 12.28 -10.68 -9.00
C VAL B 44 11.85 -11.76 -8.00
N ILE B 45 12.57 -12.88 -8.03
CA ILE B 45 12.60 -13.91 -6.98
C ILE B 45 14.07 -14.15 -6.76
N GLY B 46 14.63 -13.46 -5.76
CA GLY B 46 16.08 -13.48 -5.50
C GLY B 46 16.43 -14.33 -4.31
N ILE B 47 17.28 -15.35 -4.46
CA ILE B 47 17.76 -16.16 -3.33
C ILE B 47 19.06 -15.53 -2.87
N ASN B 48 19.12 -15.09 -1.60
CA ASN B 48 20.29 -14.40 -1.03
C ASN B 48 20.96 -15.29 0.01
N GLY B 49 22.30 -15.29 0.01
CA GLY B 49 23.12 -15.94 1.04
C GLY B 49 23.10 -17.45 0.93
N ALA B 50 23.14 -18.14 2.07
CA ALA B 50 23.37 -19.60 2.19
C ALA B 50 22.36 -20.39 1.38
N ALA B 51 21.15 -19.87 1.25
CA ALA B 51 20.04 -20.55 0.52
C ALA B 51 20.41 -20.78 -0.94
N ALA B 52 21.30 -19.96 -1.51
CA ALA B 52 21.71 -20.04 -2.94
C ALA B 52 22.41 -21.36 -3.23
N HIS B 53 22.90 -22.05 -2.21
CA HIS B 53 23.48 -23.39 -2.38
C HIS B 53 22.38 -24.37 -2.75
N LEU B 54 21.14 -24.14 -2.32
CA LEU B 54 20.10 -25.16 -2.42
C LEU B 54 19.09 -24.85 -3.50
N VAL B 55 18.82 -23.57 -3.73
CA VAL B 55 17.76 -23.11 -4.63
C VAL B 55 18.38 -22.20 -5.66
N HIS B 56 18.21 -22.52 -6.92
CA HIS B 56 18.99 -21.88 -8.02
C HIS B 56 18.11 -21.18 -9.02
N PRO B 57 18.66 -20.10 -9.64
CA PRO B 57 17.99 -19.44 -10.76
C PRO B 57 17.53 -20.45 -11.84
N GLY B 58 16.30 -20.29 -12.28
CA GLY B 58 15.68 -21.16 -13.28
C GLY B 58 14.87 -22.28 -12.65
N ASP B 59 15.08 -22.55 -11.36
CA ASP B 59 14.25 -23.53 -10.61
C ASP B 59 12.81 -23.01 -10.51
N LEU B 60 11.85 -23.89 -10.62
CA LEU B 60 10.44 -23.67 -10.22
C LEU B 60 10.36 -23.87 -8.70
N VAL B 61 9.82 -22.86 -8.02
CA VAL B 61 9.66 -22.91 -6.54
C VAL B 61 8.22 -22.61 -6.15
N ILE B 62 7.87 -23.07 -4.96
CA ILE B 62 6.62 -22.67 -4.26
C ILE B 62 7.07 -21.93 -3.00
N LEU B 63 6.51 -20.75 -2.79
CA LEU B 63 6.75 -19.93 -1.58
C LEU B 63 5.50 -20.02 -0.69
N ILE B 64 5.71 -20.31 0.58
CA ILE B 64 4.61 -20.60 1.54
C ILE B 64 4.85 -19.76 2.79
N ALA B 65 3.80 -19.12 3.30
CA ALA B 65 3.81 -18.55 4.66
C ALA B 65 2.70 -19.21 5.48
N TYR B 66 2.97 -19.39 6.76
CA TYR B 66 1.99 -20.00 7.68
C TYR B 66 1.65 -18.97 8.74
N ALA B 67 0.47 -19.11 9.33
CA ALA B 67 0.03 -18.34 10.50
C ALA B 67 -0.47 -19.29 11.58
N THR B 68 -0.23 -18.90 12.81
CA THR B 68 -0.78 -19.57 13.98
C THR B 68 -2.07 -18.83 14.32
N MET B 69 -3.16 -19.56 14.44
CA MET B 69 -4.45 -18.95 14.75
C MET B 69 -5.29 -19.93 15.57
N ASP B 70 -6.23 -19.37 16.32
CA ASP B 70 -7.10 -20.14 17.23
C ASP B 70 -7.95 -21.07 16.38
N ASP B 71 -8.35 -22.19 16.95
CA ASP B 71 -9.22 -23.18 16.25
C ASP B 71 -10.35 -22.46 15.48
N ALA B 72 -11.05 -21.54 16.11
CA ALA B 72 -12.25 -20.88 15.52
C ALA B 72 -11.87 -20.19 14.21
N ARG B 73 -10.81 -19.38 14.20
CA ARG B 73 -10.35 -18.61 13.01
C ARG B 73 -9.85 -19.59 11.94
N ALA B 74 -9.19 -20.69 12.35
CA ALA B 74 -8.58 -21.66 11.42
C ALA B 74 -9.67 -22.26 10.51
N ARG B 75 -10.89 -22.43 11.03
CA ARG B 75 -12.00 -23.11 10.32
C ARG B 75 -12.61 -22.17 9.28
N THR B 76 -12.36 -20.86 9.37
CA THR B 76 -13.01 -19.86 8.51
C THR B 76 -11.98 -19.13 7.64
N TYR B 77 -10.71 -19.15 8.02
CA TYR B 77 -9.65 -18.38 7.33
C TYR B 77 -9.51 -18.81 5.86
N GLN B 78 -9.41 -17.85 4.96
CA GLN B 78 -9.20 -18.11 3.50
C GLN B 78 -7.79 -17.66 3.10
N PRO B 79 -6.90 -18.60 2.74
CA PRO B 79 -5.52 -18.25 2.36
C PRO B 79 -5.43 -17.45 1.05
N ARG B 80 -4.41 -16.64 0.92
CA ARG B 80 -4.08 -15.94 -0.36
C ARG B 80 -3.19 -16.86 -1.19
N ILE B 81 -3.71 -17.36 -2.29
CA ILE B 81 -3.00 -18.25 -3.25
C ILE B 81 -2.72 -17.45 -4.53
N VAL B 82 -1.46 -17.28 -4.90
CA VAL B 82 -1.09 -16.44 -6.06
C VAL B 82 -0.45 -17.35 -7.13
N PHE B 83 -1.13 -17.48 -8.27
CA PHE B 83 -0.58 -18.18 -9.45
C PHE B 83 0.16 -17.16 -10.30
N VAL B 84 1.29 -17.57 -10.92
CA VAL B 84 2.17 -16.65 -11.68
C VAL B 84 2.51 -17.27 -13.04
N ASP B 85 2.82 -16.41 -14.01
CA ASP B 85 3.29 -16.85 -15.34
C ASP B 85 4.79 -17.13 -15.27
N ALA B 86 5.41 -17.51 -16.38
CA ALA B 86 6.86 -17.83 -16.48
C ALA B 86 7.70 -16.63 -16.03
N TYR B 87 7.14 -15.41 -15.99
CA TYR B 87 7.89 -14.16 -15.68
C TYR B 87 7.51 -13.66 -14.29
N ASN B 88 6.84 -14.49 -13.49
CA ASN B 88 6.52 -14.20 -12.06
C ASN B 88 5.56 -13.03 -11.97
N LYS B 89 4.62 -12.94 -12.91
CA LYS B 89 3.52 -11.92 -12.86
C LYS B 89 2.26 -12.65 -12.43
N PRO B 90 1.49 -12.10 -11.46
CA PRO B 90 0.26 -12.77 -11.00
C PRO B 90 -0.79 -12.99 -12.11
N ILE B 91 -1.64 -14.01 -11.95
CA ILE B 91 -2.83 -14.33 -12.79
C ILE B 91 -4.08 -14.36 -11.88
N MET C 1 2.37 -18.95 28.48
CA MET C 1 3.38 -19.92 27.90
C MET C 1 2.67 -20.99 27.07
N LEU C 2 3.00 -21.05 25.78
CA LEU C 2 2.37 -22.01 24.83
C LEU C 2 3.30 -23.19 24.57
N ARG C 3 2.77 -24.40 24.70
CA ARG C 3 3.46 -25.66 24.35
C ARG C 3 2.97 -26.13 22.98
N THR C 4 3.83 -26.83 22.27
CA THR C 4 3.43 -27.49 21.02
C THR C 4 3.12 -28.91 21.42
N MET C 5 1.92 -29.36 21.14
CA MET C 5 1.53 -30.77 21.49
C MET C 5 1.02 -31.46 20.21
N LEU C 6 1.19 -32.77 20.15
CA LEU C 6 0.56 -33.61 19.13
C LEU C 6 -0.96 -33.43 19.20
N LYS C 7 -1.57 -33.14 18.04
CA LYS C 7 -3.02 -32.95 17.89
C LYS C 7 -3.62 -34.09 17.03
N SER C 8 -2.95 -34.45 15.95
CA SER C 8 -3.50 -35.37 14.94
C SER C 8 -2.39 -36.33 14.52
N LYS C 9 -2.73 -37.59 14.31
CA LYS C 9 -1.80 -38.58 13.73
C LYS C 9 -2.61 -39.57 12.88
N ILE C 10 -2.22 -39.69 11.63
CA ILE C 10 -2.67 -40.79 10.74
C ILE C 10 -1.49 -41.73 10.59
N HIS C 11 -1.66 -42.91 11.14
CA HIS C 11 -0.52 -43.85 11.37
C HIS C 11 -0.45 -44.91 10.26
N ARG C 12 0.68 -44.88 9.55
CA ARG C 12 1.12 -45.94 8.61
C ARG C 12 0.10 -46.07 7.48
N ALA C 13 -0.20 -44.95 6.84
CA ALA C 13 -0.95 -44.91 5.58
C ALA C 13 0.02 -45.19 4.43
N THR C 14 -0.54 -45.61 3.33
CA THR C 14 0.21 -45.98 2.13
C THR C 14 0.05 -44.86 1.14
N VAL C 15 1.16 -44.32 0.65
CA VAL C 15 1.10 -43.29 -0.41
C VAL C 15 0.52 -43.95 -1.66
N THR C 16 -0.53 -43.35 -2.23
CA THR C 16 -1.30 -43.93 -3.36
C THR C 16 -0.83 -43.33 -4.68
N CYS C 17 -0.40 -42.06 -4.69
CA CYS C 17 0.10 -41.42 -5.94
C CYS C 17 1.03 -40.28 -5.56
N ALA C 18 1.81 -39.83 -6.53
CA ALA C 18 2.72 -38.68 -6.45
C ALA C 18 2.72 -37.94 -7.79
N ASP C 19 2.69 -36.61 -7.74
CA ASP C 19 2.63 -35.79 -8.96
C ASP C 19 3.56 -34.59 -8.75
N LEU C 20 4.67 -34.59 -9.46
CA LEU C 20 5.71 -33.54 -9.32
C LEU C 20 5.12 -32.23 -9.81
N HIS C 21 4.29 -32.32 -10.84
CA HIS C 21 3.84 -31.12 -11.55
C HIS C 21 2.38 -30.79 -11.22
N TYR C 22 1.89 -31.16 -10.04
CA TYR C 22 0.57 -30.74 -9.49
C TYR C 22 0.44 -29.21 -9.60
N VAL C 23 -0.76 -28.73 -9.94
CA VAL C 23 -1.13 -27.29 -9.98
C VAL C 23 -2.42 -27.10 -9.16
N GLY C 24 -2.35 -26.35 -8.04
CA GLY C 24 -3.46 -26.12 -7.09
C GLY C 24 -2.97 -25.75 -5.69
N VAL D 2 -0.14 -32.27 0.38
CA VAL D 2 -0.55 -33.69 0.57
C VAL D 2 -2.06 -33.80 0.54
N THR D 3 -2.57 -34.58 -0.40
CA THR D 3 -4.00 -34.80 -0.59
C THR D 3 -4.40 -35.98 0.30
N ILE D 4 -5.35 -35.77 1.19
CA ILE D 4 -5.80 -36.81 2.16
C ILE D 4 -7.29 -37.02 2.01
N ASP D 5 -7.70 -38.27 2.01
CA ASP D 5 -9.11 -38.71 1.97
C ASP D 5 -9.86 -37.96 3.09
N ALA D 6 -10.93 -37.28 2.74
CA ALA D 6 -11.74 -36.46 3.66
C ALA D 6 -12.13 -37.27 4.90
N ASP D 7 -12.30 -38.59 4.78
CA ASP D 7 -12.68 -39.44 5.95
C ASP D 7 -11.54 -39.45 6.97
N LEU D 8 -10.29 -39.50 6.51
CA LEU D 8 -9.11 -39.52 7.40
C LEU D 8 -8.93 -38.13 8.01
N MET D 9 -9.22 -37.08 7.25
CA MET D 9 -9.13 -35.70 7.78
C MET D 9 -10.15 -35.47 8.89
N ASP D 10 -11.39 -35.93 8.69
CA ASP D 10 -12.45 -35.87 9.75
C ASP D 10 -11.99 -36.72 10.94
N ALA D 11 -11.55 -37.95 10.69
CA ALA D 11 -11.13 -38.89 11.75
C ALA D 11 -9.98 -38.27 12.56
N ALA D 12 -9.06 -37.56 11.89
CA ALA D 12 -7.85 -37.02 12.52
C ALA D 12 -8.06 -35.57 12.98
N ASP D 13 -9.21 -34.98 12.64
CA ASP D 13 -9.57 -33.56 12.97
C ASP D 13 -8.57 -32.64 12.29
N LEU D 14 -8.39 -32.80 10.98
CA LEU D 14 -7.45 -32.00 10.16
C LEU D 14 -8.29 -31.12 9.24
N LEU D 15 -7.89 -29.84 9.14
CA LEU D 15 -8.55 -28.89 8.21
C LEU D 15 -7.74 -28.80 6.91
N GLU D 16 -8.42 -28.52 5.82
CA GLU D 16 -7.76 -28.12 4.56
C GLU D 16 -6.85 -26.92 4.90
N GLY D 17 -5.56 -27.03 4.56
CA GLY D 17 -4.61 -25.94 4.77
C GLY D 17 -3.88 -26.05 6.09
N GLU D 18 -4.21 -27.05 6.93
CA GLU D 18 -3.50 -27.23 8.20
C GLU D 18 -2.10 -27.78 7.91
N GLN D 19 -1.11 -27.26 8.63
CA GLN D 19 0.28 -27.72 8.46
C GLN D 19 0.42 -29.18 8.89
N VAL D 20 1.08 -29.98 8.07
CA VAL D 20 1.24 -31.43 8.32
C VAL D 20 2.69 -31.80 8.09
N THR D 21 3.19 -32.63 9.02
CA THR D 21 4.54 -33.19 8.92
C THR D 21 4.36 -34.59 8.34
N ILE D 22 5.07 -34.90 7.27
CA ILE D 22 5.05 -36.27 6.71
C ILE D 22 6.38 -36.92 7.01
N VAL D 23 6.34 -38.12 7.57
CA VAL D 23 7.59 -38.88 7.80
C VAL D 23 7.44 -40.22 7.07
N ASP D 24 8.50 -40.64 6.35
CA ASP D 24 8.44 -41.80 5.42
C ASP D 24 9.16 -42.99 6.08
N ILE D 25 8.41 -44.04 6.38
CA ILE D 25 8.95 -45.23 7.09
C ILE D 25 9.91 -45.97 6.16
N ASP D 26 9.70 -45.89 4.87
CA ASP D 26 10.53 -46.62 3.90
C ASP D 26 11.92 -46.00 3.75
N ASN D 27 12.05 -44.69 3.60
CA ASN D 27 13.37 -44.09 3.32
C ASN D 27 13.80 -43.09 4.41
N GLY D 28 12.97 -42.83 5.43
CA GLY D 28 13.33 -41.92 6.53
C GLY D 28 13.22 -40.42 6.20
N ALA D 29 12.73 -40.05 5.02
CA ALA D 29 12.45 -38.63 4.69
C ALA D 29 11.45 -38.04 5.71
N ARG D 30 11.61 -36.76 5.96
CA ARG D 30 10.81 -35.98 6.89
C ARG D 30 10.57 -34.61 6.27
N LEU D 31 9.32 -34.21 6.08
CA LEU D 31 9.09 -32.85 5.55
C LEU D 31 7.81 -32.25 6.10
N VAL D 32 7.68 -30.97 5.94
CA VAL D 32 6.50 -30.22 6.46
C VAL D 32 5.74 -29.74 5.25
N THR D 33 4.45 -30.02 5.22
CA THR D 33 3.58 -29.55 4.16
C THR D 33 2.19 -29.29 4.75
N TYR D 34 1.23 -29.05 3.85
CA TYR D 34 -0.14 -28.76 4.34
C TYR D 34 -1.13 -29.73 3.73
N ALA D 35 -2.26 -29.92 4.40
CA ALA D 35 -3.27 -30.92 4.02
C ALA D 35 -4.21 -30.34 2.98
N ILE D 36 -4.47 -31.12 1.93
CA ILE D 36 -5.55 -30.84 0.93
C ILE D 36 -6.58 -31.96 1.02
N THR D 37 -7.86 -31.61 1.01
CA THR D 37 -8.99 -32.57 1.14
C THR D 37 -9.09 -33.41 -0.14
N GLY D 38 -9.00 -34.71 -0.02
CA GLY D 38 -9.10 -35.66 -1.14
C GLY D 38 -10.47 -36.34 -1.16
N GLU D 39 -10.78 -36.96 -2.29
CA GLU D 39 -12.09 -37.62 -2.55
C GLU D 39 -12.44 -38.52 -1.36
N ARG D 40 -13.59 -38.32 -0.73
CA ARG D 40 -14.00 -39.05 0.50
C ARG D 40 -14.11 -40.55 0.20
N GLY D 41 -13.56 -41.40 1.06
CA GLY D 41 -13.62 -42.87 0.93
C GLY D 41 -12.74 -43.44 -0.19
N SER D 42 -11.98 -42.62 -0.92
CA SER D 42 -11.06 -43.08 -1.99
C SER D 42 -9.79 -43.72 -1.41
N GLY D 43 -9.46 -43.45 -0.15
CA GLY D 43 -8.19 -43.90 0.44
C GLY D 43 -6.98 -43.18 -0.16
N VAL D 44 -7.18 -42.05 -0.79
CA VAL D 44 -6.10 -41.28 -1.46
C VAL D 44 -5.15 -40.72 -0.39
N ILE D 45 -3.86 -40.93 -0.62
CA ILE D 45 -2.76 -40.20 0.06
C ILE D 45 -1.86 -39.71 -1.06
N GLY D 46 -2.06 -38.47 -1.47
CA GLY D 46 -1.42 -37.93 -2.69
C GLY D 46 -0.32 -36.95 -2.38
N ILE D 47 0.90 -37.26 -2.82
CA ILE D 47 2.06 -36.33 -2.66
C ILE D 47 2.11 -35.45 -3.90
N ASN D 48 2.01 -34.15 -3.71
CA ASN D 48 1.99 -33.15 -4.82
C ASN D 48 3.28 -32.32 -4.77
N GLY D 49 3.84 -32.01 -5.94
CA GLY D 49 4.92 -31.02 -6.08
C GLY D 49 6.25 -31.54 -5.58
N ALA D 50 7.07 -30.67 -4.98
CA ALA D 50 8.48 -30.92 -4.60
C ALA D 50 8.61 -32.13 -3.71
N ALA D 51 7.59 -32.41 -2.89
CA ALA D 51 7.59 -33.55 -1.94
C ALA D 51 7.76 -34.88 -2.68
N ALA D 52 7.34 -34.96 -3.95
CA ALA D 52 7.38 -36.21 -4.76
C ALA D 52 8.84 -36.66 -4.99
N HIS D 53 9.81 -35.77 -4.81
CA HIS D 53 11.24 -36.14 -4.86
C HIS D 53 11.58 -37.03 -3.68
N LEU D 54 10.89 -36.88 -2.56
CA LEU D 54 11.31 -37.53 -1.29
C LEU D 54 10.40 -38.68 -0.91
N VAL D 55 9.13 -38.61 -1.27
CA VAL D 55 8.09 -39.57 -0.83
C VAL D 55 7.46 -40.14 -2.10
N HIS D 56 7.51 -41.45 -2.20
CA HIS D 56 7.16 -42.18 -3.44
C HIS D 56 5.97 -43.11 -3.25
N PRO D 57 5.25 -43.36 -4.36
CA PRO D 57 4.12 -44.29 -4.34
C PRO D 57 4.49 -45.65 -3.72
N GLY D 58 3.64 -46.14 -2.83
CA GLY D 58 3.83 -47.40 -2.13
C GLY D 58 4.55 -47.24 -0.81
N ASP D 59 5.14 -46.07 -0.55
CA ASP D 59 5.80 -45.80 0.76
C ASP D 59 4.77 -45.81 1.89
N LEU D 60 5.14 -46.35 3.02
CA LEU D 60 4.38 -46.20 4.30
C LEU D 60 4.79 -44.87 4.91
N VAL D 61 3.79 -44.04 5.24
CA VAL D 61 4.06 -42.71 5.86
C VAL D 61 3.25 -42.54 7.14
N ILE D 62 3.74 -41.65 7.99
CA ILE D 62 2.97 -41.14 9.15
C ILE D 62 2.73 -39.65 8.91
N LEU D 63 1.50 -39.23 9.06
CA LEU D 63 1.09 -37.81 8.93
C LEU D 63 0.81 -37.25 10.32
N ILE D 64 1.42 -36.11 10.66
CA ILE D 64 1.36 -35.55 12.02
C ILE D 64 0.97 -34.08 11.93
N ALA D 65 0.02 -33.66 12.79
CA ALA D 65 -0.28 -32.24 12.99
C ALA D 65 -0.16 -31.90 14.45
N TYR D 66 0.22 -30.69 14.75
CA TYR D 66 0.47 -30.21 16.13
C TYR D 66 -0.46 -29.04 16.41
N ALA D 67 -0.68 -28.76 17.68
CA ALA D 67 -1.45 -27.59 18.16
C ALA D 67 -0.69 -26.90 19.28
N THR D 68 -0.79 -25.60 19.30
CA THR D 68 -0.16 -24.76 20.34
C THR D 68 -1.22 -24.52 21.40
N MET D 69 -0.92 -24.81 22.64
CA MET D 69 -1.94 -24.53 23.69
C MET D 69 -1.30 -24.17 25.03
N ASP D 70 -2.04 -23.49 25.86
CA ASP D 70 -1.64 -23.07 27.22
C ASP D 70 -1.32 -24.33 28.04
N ASP D 71 -0.42 -24.17 28.98
CA ASP D 71 0.01 -25.23 29.93
C ASP D 71 -1.21 -26.03 30.43
N ALA D 72 -2.27 -25.39 30.89
CA ALA D 72 -3.39 -26.09 31.54
C ALA D 72 -4.04 -27.06 30.54
N ARG D 73 -4.34 -26.62 29.33
CA ARG D 73 -4.99 -27.43 28.28
C ARG D 73 -4.04 -28.56 27.83
N ALA D 74 -2.73 -28.26 27.77
CA ALA D 74 -1.71 -29.23 27.28
C ALA D 74 -1.72 -30.49 28.15
N ARG D 75 -2.00 -30.36 29.45
CA ARG D 75 -1.94 -31.47 30.43
C ARG D 75 -3.16 -32.38 30.27
N THR D 76 -4.25 -31.90 29.65
CA THR D 76 -5.52 -32.64 29.55
C THR D 76 -5.83 -33.01 28.09
N TYR D 77 -5.26 -32.32 27.12
CA TYR D 77 -5.62 -32.50 25.69
C TYR D 77 -5.36 -33.94 25.22
N GLN D 78 -6.32 -34.53 24.52
CA GLN D 78 -6.21 -35.89 23.96
C GLN D 78 -6.15 -35.80 22.43
N PRO D 79 -5.01 -36.20 21.83
CA PRO D 79 -4.88 -36.22 20.37
C PRO D 79 -5.80 -37.24 19.68
N ARG D 80 -6.15 -36.97 18.45
CA ARG D 80 -6.86 -37.89 17.54
C ARG D 80 -5.84 -38.76 16.84
N ILE D 81 -5.82 -40.04 17.18
CA ILE D 81 -4.89 -41.04 16.55
C ILE D 81 -5.71 -41.96 15.63
N VAL D 82 -5.39 -42.00 14.36
CA VAL D 82 -6.16 -42.77 13.35
C VAL D 82 -5.29 -43.90 12.81
N PHE D 83 -5.71 -45.13 13.09
CA PHE D 83 -5.12 -46.36 12.47
C PHE D 83 -5.84 -46.66 11.19
N VAL D 84 -5.11 -47.12 10.17
CA VAL D 84 -5.68 -47.43 8.82
C VAL D 84 -5.25 -48.83 8.37
N ASP D 85 -6.07 -49.43 7.53
CA ASP D 85 -5.78 -50.77 6.93
C ASP D 85 -4.90 -50.55 5.70
N ALA D 86 -4.58 -51.62 4.99
CA ALA D 86 -3.73 -51.59 3.76
C ALA D 86 -4.39 -50.71 2.68
N TYR D 87 -5.68 -50.37 2.80
CA TYR D 87 -6.42 -49.57 1.78
C TYR D 87 -6.67 -48.16 2.30
N ASN D 88 -6.00 -47.76 3.38
CA ASN D 88 -6.08 -46.38 3.96
C ASN D 88 -7.51 -46.09 4.42
N LYS D 89 -8.20 -47.08 4.98
CA LYS D 89 -9.52 -46.91 5.61
C LYS D 89 -9.32 -46.95 7.12
N PRO D 90 -9.98 -46.05 7.88
CA PRO D 90 -9.86 -46.03 9.35
C PRO D 90 -10.28 -47.34 10.02
N ILE D 91 -9.70 -47.62 11.20
CA ILE D 91 -10.09 -48.75 12.10
C ILE D 91 -10.53 -48.22 13.47
N MET E 1 4.67 -9.20 21.38
CA MET E 1 5.71 -9.98 20.72
C MET E 1 6.00 -11.26 21.53
N LEU E 2 5.87 -12.42 20.88
CA LEU E 2 6.21 -13.73 21.49
C LEU E 2 7.57 -14.20 20.98
N ARG E 3 8.43 -14.62 21.90
CA ARG E 3 9.72 -15.26 21.59
C ARG E 3 9.61 -16.77 21.73
N THR E 4 10.43 -17.50 21.00
CA THR E 4 10.53 -18.95 21.16
C THR E 4 11.71 -19.18 22.07
N MET E 5 11.49 -19.83 23.21
CA MET E 5 12.59 -20.00 24.19
C MET E 5 12.75 -21.48 24.54
N LEU E 6 13.96 -21.87 24.91
CA LEU E 6 14.23 -23.20 25.49
C LEU E 6 13.37 -23.39 26.74
N LYS E 7 12.63 -24.49 26.81
CA LYS E 7 11.78 -24.86 27.97
C LYS E 7 12.36 -26.09 28.72
N SER E 8 12.82 -27.08 27.98
CA SER E 8 13.25 -28.41 28.50
C SER E 8 14.48 -28.84 27.72
N LYS E 9 15.44 -29.47 28.39
CA LYS E 9 16.61 -30.10 27.73
C LYS E 9 17.02 -31.33 28.53
N ILE E 10 17.08 -32.47 27.86
CA ILE E 10 17.71 -33.69 28.43
C ILE E 10 19.02 -33.88 27.69
N HIS E 11 20.09 -33.73 28.43
CA HIS E 11 21.47 -33.60 27.89
C HIS E 11 22.23 -34.94 27.90
N ARG E 12 22.57 -35.39 26.71
CA ARG E 12 23.46 -36.54 26.45
C ARG E 12 22.82 -37.83 26.98
N ALA E 13 21.66 -38.14 26.49
CA ALA E 13 20.97 -39.43 26.74
C ALA E 13 21.51 -40.47 25.77
N THR E 14 21.39 -41.72 26.14
CA THR E 14 21.81 -42.84 25.28
C THR E 14 20.54 -43.46 24.72
N VAL E 15 20.45 -43.56 23.41
CA VAL E 15 19.30 -44.28 22.79
C VAL E 15 19.41 -45.77 23.15
N THR E 16 18.37 -46.34 23.76
CA THR E 16 18.38 -47.74 24.25
C THR E 16 17.73 -48.69 23.25
N CYS E 17 16.75 -48.24 22.49
CA CYS E 17 16.07 -49.11 21.51
C CYS E 17 15.46 -48.27 20.40
N ALA E 18 15.12 -48.94 19.30
CA ALA E 18 14.44 -48.37 18.12
C ALA E 18 13.47 -49.40 17.56
N ASP E 19 12.31 -48.95 17.08
CA ASP E 19 11.36 -49.83 16.38
C ASP E 19 10.85 -49.07 15.16
N LEU E 20 11.23 -49.52 13.98
CA LEU E 20 10.86 -48.85 12.70
C LEU E 20 9.36 -48.97 12.53
N HIS E 21 8.82 -50.10 12.94
CA HIS E 21 7.42 -50.43 12.64
C HIS E 21 6.55 -50.33 13.89
N TYR E 22 6.88 -49.44 14.83
CA TYR E 22 6.06 -49.08 16.02
C TYR E 22 4.60 -48.89 15.62
N VAL E 23 3.67 -49.40 16.45
CA VAL E 23 2.19 -49.21 16.28
C VAL E 23 1.63 -48.65 17.59
N GLY E 24 1.11 -47.41 17.54
CA GLY E 24 0.60 -46.66 18.72
C GLY E 24 0.61 -45.16 18.49
N VAL F 2 9.21 -40.60 20.21
CA VAL F 2 10.34 -40.88 21.13
C VAL F 2 9.78 -41.25 22.51
N THR F 3 10.10 -42.45 22.97
CA THR F 3 9.66 -42.96 24.28
C THR F 3 10.68 -42.54 25.30
N ILE F 4 10.27 -41.83 26.32
CA ILE F 4 11.18 -41.27 27.37
C ILE F 4 10.71 -41.76 28.72
N ASP F 5 11.66 -42.18 29.55
CA ASP F 5 11.40 -42.61 30.93
C ASP F 5 10.62 -41.49 31.63
N ALA F 6 9.50 -41.82 32.23
CA ALA F 6 8.60 -40.86 32.91
C ALA F 6 9.37 -39.99 33.89
N ASP F 7 10.45 -40.50 34.49
CA ASP F 7 11.24 -39.72 35.49
C ASP F 7 11.92 -38.55 34.78
N LEU F 8 12.43 -38.78 33.56
CA LEU F 8 13.13 -37.72 32.79
C LEU F 8 12.09 -36.71 32.29
N MET F 9 10.89 -37.18 31.94
CA MET F 9 9.82 -36.28 31.49
C MET F 9 9.38 -35.35 32.63
N ASP F 10 9.20 -35.91 33.83
CA ASP F 10 8.87 -35.09 35.05
C ASP F 10 10.02 -34.13 35.32
N ALA F 11 11.25 -34.64 35.33
CA ALA F 11 12.45 -33.82 35.62
C ALA F 11 12.55 -32.66 34.63
N ALA F 12 12.21 -32.92 33.34
CA ALA F 12 12.38 -31.92 32.25
C ALA F 12 11.09 -31.12 32.05
N ASP F 13 9.99 -31.50 32.72
CA ASP F 13 8.66 -30.87 32.59
C ASP F 13 8.19 -31.06 31.14
N LEU F 14 8.17 -32.31 30.67
CA LEU F 14 7.62 -32.70 29.34
C LEU F 14 6.33 -33.45 29.56
N LEU F 15 5.31 -33.13 28.78
CA LEU F 15 4.04 -33.90 28.74
C LEU F 15 4.07 -34.90 27.59
N GLU F 16 3.35 -36.01 27.77
CA GLU F 16 3.08 -36.95 26.66
C GLU F 16 2.47 -36.13 25.52
N GLY F 17 3.05 -36.25 24.34
CA GLY F 17 2.52 -35.56 23.14
C GLY F 17 3.16 -34.21 22.92
N GLU F 18 4.05 -33.77 23.82
CA GLU F 18 4.76 -32.49 23.63
C GLU F 18 5.80 -32.64 22.52
N GLN F 19 5.90 -31.65 21.66
CA GLN F 19 6.86 -31.67 20.55
C GLN F 19 8.27 -31.62 21.09
N VAL F 20 9.14 -32.47 20.56
CA VAL F 20 10.53 -32.61 21.01
C VAL F 20 11.44 -32.62 19.80
N THR F 21 12.56 -31.90 19.94
CA THR F 21 13.63 -31.87 18.93
C THR F 21 14.70 -32.83 19.41
N ILE F 22 15.07 -33.78 18.57
CA ILE F 22 16.18 -34.72 18.91
C ILE F 22 17.39 -34.33 18.06
N VAL F 23 18.53 -34.17 18.71
CA VAL F 23 19.79 -33.92 17.95
C VAL F 23 20.78 -35.02 18.32
N ASP F 24 21.43 -35.63 17.34
CA ASP F 24 22.27 -36.83 17.52
C ASP F 24 23.73 -36.44 17.49
N ILE F 25 24.42 -36.63 18.62
CA ILE F 25 25.85 -36.20 18.75
C ILE F 25 26.71 -37.10 17.88
N ASP F 26 26.31 -38.34 17.68
CA ASP F 26 27.10 -39.32 16.93
C ASP F 26 27.11 -39.02 15.42
N ASN F 27 25.95 -38.73 14.80
CA ASN F 27 25.93 -38.61 13.33
C ASN F 27 25.42 -37.21 12.91
N GLY F 28 25.05 -36.32 13.84
CA GLY F 28 24.65 -34.95 13.45
C GLY F 28 23.19 -34.84 12.99
N ALA F 29 22.41 -35.92 12.98
CA ALA F 29 20.97 -35.84 12.66
C ALA F 29 20.24 -34.91 13.62
N ARG F 30 19.23 -34.26 13.09
CA ARG F 30 18.39 -33.27 13.79
C ARG F 30 16.96 -33.48 13.33
N LEU F 31 16.04 -33.79 14.23
CA LEU F 31 14.65 -33.96 13.79
C LEU F 31 13.68 -33.56 14.86
N VAL F 32 12.43 -33.41 14.46
CA VAL F 32 11.37 -32.97 15.38
C VAL F 32 10.43 -34.13 15.55
N THR F 33 10.14 -34.50 16.77
CA THR F 33 9.17 -35.54 17.08
C THR F 33 8.44 -35.18 18.37
N TYR F 34 7.67 -36.14 18.88
CA TYR F 34 6.86 -35.87 20.10
C TYR F 34 7.16 -36.92 21.16
N ALA F 35 6.94 -36.58 22.42
CA ALA F 35 7.33 -37.40 23.56
C ALA F 35 6.23 -38.43 23.85
N ILE F 36 6.63 -39.66 24.06
CA ILE F 36 5.76 -40.74 24.63
C ILE F 36 6.33 -41.16 25.99
N THR F 37 5.46 -41.31 26.99
CA THR F 37 5.86 -41.66 28.38
C THR F 37 6.34 -43.12 28.39
N GLY F 38 7.57 -43.34 28.83
CA GLY F 38 8.16 -44.69 28.96
C GLY F 38 8.16 -45.16 30.40
N GLU F 39 8.33 -46.45 30.61
CA GLU F 39 8.30 -47.12 31.94
C GLU F 39 9.20 -46.31 32.90
N ARG F 40 8.67 -45.87 34.03
CA ARG F 40 9.36 -45.00 34.98
C ARG F 40 10.59 -45.73 35.56
N GLY F 41 11.74 -45.05 35.62
CA GLY F 41 13.00 -45.61 36.15
C GLY F 41 13.66 -46.67 35.27
N SER F 42 13.12 -46.99 34.09
CA SER F 42 13.70 -47.97 33.15
C SER F 42 14.90 -47.38 32.39
N GLY F 43 15.04 -46.05 32.35
CA GLY F 43 16.10 -45.38 31.57
C GLY F 43 15.86 -45.53 30.06
N VAL F 44 14.62 -45.84 29.66
CA VAL F 44 14.29 -46.04 28.23
C VAL F 44 14.42 -44.70 27.48
N ILE F 45 15.12 -44.73 26.36
CA ILE F 45 15.05 -43.69 25.31
C ILE F 45 14.81 -44.44 24.00
N GLY F 46 13.55 -44.53 23.61
CA GLY F 46 13.12 -45.36 22.47
C GLY F 46 12.78 -44.54 21.23
N ILE F 47 13.47 -44.79 20.13
CA ILE F 47 13.16 -44.06 18.85
C ILE F 47 12.16 -44.91 18.07
N ASN F 48 10.97 -44.38 17.81
CA ASN F 48 9.87 -45.12 17.16
C ASN F 48 9.59 -44.56 15.76
N GLY F 49 9.30 -45.44 14.83
CA GLY F 49 8.88 -45.11 13.47
C GLY F 49 10.04 -44.57 12.63
N ALA F 50 9.73 -43.61 11.74
CA ALA F 50 10.65 -43.15 10.67
C ALA F 50 11.93 -42.59 11.27
N ALA F 51 11.87 -42.06 12.48
CA ALA F 51 13.04 -41.47 13.18
C ALA F 51 14.17 -42.51 13.33
N ALA F 52 13.82 -43.79 13.41
CA ALA F 52 14.80 -44.89 13.61
C ALA F 52 15.79 -44.97 12.43
N HIS F 53 15.46 -44.40 11.27
CA HIS F 53 16.40 -44.30 10.15
C HIS F 53 17.55 -43.38 10.52
N LEU F 54 17.31 -42.38 11.37
CA LEU F 54 18.29 -41.29 11.56
C LEU F 54 19.01 -41.43 12.91
N VAL F 55 18.33 -41.95 13.92
CA VAL F 55 18.82 -41.98 15.30
C VAL F 55 18.79 -43.46 15.75
N HIS F 56 19.93 -43.93 16.18
CA HIS F 56 20.13 -45.38 16.43
C HIS F 56 20.50 -45.66 17.87
N PRO F 57 20.16 -46.88 18.34
CA PRO F 57 20.62 -47.34 19.66
C PRO F 57 22.13 -47.19 19.83
N GLY F 58 22.52 -46.69 20.99
CA GLY F 58 23.92 -46.43 21.35
C GLY F 58 24.32 -44.99 21.05
N ASP F 59 23.54 -44.28 20.24
CA ASP F 59 23.85 -42.85 19.94
C ASP F 59 23.64 -42.00 21.19
N LEU F 60 24.50 -41.03 21.41
CA LEU F 60 24.27 -39.94 22.39
C LEU F 60 23.38 -38.90 21.73
N VAL F 61 22.28 -38.56 22.40
CA VAL F 61 21.32 -37.55 21.87
C VAL F 61 21.07 -36.45 22.90
N ILE F 62 20.62 -35.31 22.39
CA ILE F 62 20.07 -34.21 23.22
C ILE F 62 18.60 -34.07 22.84
N LEU F 63 17.74 -34.04 23.85
CA LEU F 63 16.28 -33.87 23.64
C LEU F 63 15.90 -32.46 24.09
N ILE F 64 15.20 -31.72 23.24
CA ILE F 64 14.90 -30.29 23.48
C ILE F 64 13.41 -30.05 23.30
N ALA F 65 12.81 -29.29 24.23
CA ALA F 65 11.47 -28.68 23.97
C ALA F 65 11.60 -27.17 24.09
N TYR F 66 10.79 -26.46 23.34
CA TYR F 66 10.76 -24.98 23.34
C TYR F 66 9.38 -24.55 23.73
N ALA F 67 9.22 -23.30 24.15
CA ALA F 67 7.90 -22.67 24.42
C ALA F 67 7.93 -21.28 23.82
N THR F 68 6.75 -20.85 23.38
CA THR F 68 6.53 -19.49 22.91
C THR F 68 5.98 -18.72 24.09
N MET F 69 6.58 -17.58 24.37
CA MET F 69 6.01 -16.67 25.40
C MET F 69 6.36 -15.23 25.08
N ASP F 70 5.58 -14.32 25.65
CA ASP F 70 5.72 -12.86 25.46
C ASP F 70 7.09 -12.44 26.01
N ASP F 71 7.61 -11.37 25.45
CA ASP F 71 8.90 -10.75 25.83
C ASP F 71 9.05 -10.74 27.36
N ALA F 72 8.06 -10.26 28.11
CA ALA F 72 8.22 -10.06 29.57
C ALA F 72 8.51 -11.41 30.26
N ARG F 73 7.74 -12.44 29.95
CA ARG F 73 7.88 -13.79 30.56
C ARG F 73 9.21 -14.41 30.11
N ALA F 74 9.61 -14.18 28.85
CA ALA F 74 10.83 -14.78 28.27
C ALA F 74 12.07 -14.37 29.08
N ARG F 75 12.07 -13.15 29.63
CA ARG F 75 13.24 -12.57 30.34
C ARG F 75 13.34 -13.17 31.74
N THR F 76 12.29 -13.78 32.26
CA THR F 76 12.24 -14.30 33.66
C THR F 76 12.13 -15.83 33.68
N TYR F 77 11.63 -16.44 32.61
CA TYR F 77 11.43 -17.91 32.58
C TYR F 77 12.79 -18.63 32.69
N GLN F 78 12.85 -19.66 33.52
CA GLN F 78 14.06 -20.51 33.72
C GLN F 78 13.79 -21.91 33.16
N PRO F 79 14.53 -22.31 32.13
CA PRO F 79 14.40 -23.67 31.58
C PRO F 79 14.81 -24.80 32.52
N ARG F 80 14.19 -25.96 32.35
CA ARG F 80 14.49 -27.19 33.13
C ARG F 80 15.59 -27.94 32.38
N ILE F 81 16.80 -27.99 32.94
CA ILE F 81 17.96 -28.70 32.32
C ILE F 81 18.25 -29.99 33.09
N VAL F 82 18.17 -31.13 32.46
CA VAL F 82 18.35 -32.45 33.12
C VAL F 82 19.60 -33.13 32.54
N PHE F 83 20.60 -33.30 33.37
CA PHE F 83 21.83 -34.09 33.03
C PHE F 83 21.58 -35.54 33.43
N VAL F 84 22.09 -36.48 32.64
CA VAL F 84 21.88 -37.94 32.86
C VAL F 84 23.22 -38.69 32.80
N ASP F 85 23.27 -39.82 33.48
CA ASP F 85 24.47 -40.70 33.45
C ASP F 85 24.38 -41.60 32.22
N ALA F 86 25.34 -42.51 32.04
CA ALA F 86 25.40 -43.46 30.90
C ALA F 86 24.13 -44.34 30.86
N TYR F 87 23.36 -44.42 31.96
CA TYR F 87 22.17 -45.31 32.06
C TYR F 87 20.89 -44.47 32.03
N ASN F 88 20.98 -43.19 31.64
CA ASN F 88 19.81 -42.29 31.45
C ASN F 88 19.09 -42.07 32.77
N LYS F 89 19.84 -41.97 33.88
CA LYS F 89 19.29 -41.60 35.20
C LYS F 89 19.69 -40.16 35.47
N PRO F 90 18.76 -39.32 35.96
CA PRO F 90 19.09 -37.91 36.28
C PRO F 90 20.22 -37.73 37.30
N ILE F 91 20.94 -36.60 37.22
CA ILE F 91 21.99 -36.15 38.19
C ILE F 91 21.59 -34.78 38.76
N MET G 1 -4.72 -13.84 14.96
CA MET G 1 -3.81 -14.49 13.97
C MET G 1 -2.37 -13.99 14.14
N LEU G 2 -1.45 -14.90 14.45
CA LEU G 2 -0.03 -14.59 14.72
C LEU G 2 0.81 -14.95 13.49
N ARG G 3 1.67 -14.04 13.07
CA ARG G 3 2.69 -14.23 12.02
C ARG G 3 4.04 -14.49 12.66
N THR G 4 4.91 -15.19 11.96
CA THR G 4 6.29 -15.35 12.37
C THR G 4 7.06 -14.29 11.61
N MET G 5 7.75 -13.43 12.33
CA MET G 5 8.53 -12.33 11.68
C MET G 5 9.98 -12.39 12.12
N LEU G 6 10.88 -11.94 11.24
CA LEU G 6 12.28 -11.70 11.63
C LEU G 6 12.33 -10.71 12.78
N LYS G 7 13.07 -11.06 13.85
CA LYS G 7 13.31 -10.20 15.02
C LYS G 7 14.78 -9.77 15.10
N SER G 8 15.69 -10.66 14.84
CA SER G 8 17.15 -10.47 15.08
C SER G 8 17.93 -11.07 13.92
N LYS G 9 18.98 -10.40 13.50
CA LYS G 9 19.89 -10.93 12.46
C LYS G 9 21.32 -10.47 12.76
N ILE G 10 22.23 -11.42 12.91
CA ILE G 10 23.69 -11.18 12.91
C ILE G 10 24.21 -11.68 11.57
N HIS G 11 24.65 -10.74 10.77
CA HIS G 11 24.99 -10.99 9.34
C HIS G 11 26.49 -11.26 9.12
N ARG G 12 26.79 -12.44 8.64
CA ARG G 12 28.11 -12.84 8.09
C ARG G 12 29.16 -12.77 9.20
N ALA G 13 28.86 -13.45 10.31
CA ALA G 13 29.83 -13.71 11.38
C ALA G 13 30.70 -14.89 10.98
N THR G 14 31.88 -14.94 11.57
CA THR G 14 32.86 -16.00 11.30
C THR G 14 32.82 -16.93 12.49
N VAL G 15 32.62 -18.21 12.22
CA VAL G 15 32.66 -19.23 13.29
C VAL G 15 34.09 -19.27 13.84
N THR G 16 34.23 -19.12 15.16
CA THR G 16 35.56 -19.03 15.84
C THR G 16 35.94 -20.40 16.41
N CYS G 17 34.98 -21.20 16.85
CA CYS G 17 35.29 -22.55 17.38
C CYS G 17 34.08 -23.46 17.20
N ALA G 18 34.35 -24.76 17.27
CA ALA G 18 33.34 -25.84 17.24
C ALA G 18 33.79 -26.98 18.15
N ASP G 19 32.88 -27.52 18.96
CA ASP G 19 33.26 -28.56 19.93
C ASP G 19 32.14 -29.59 19.95
N LEU G 20 32.42 -30.78 19.43
CA LEU G 20 31.43 -31.87 19.32
C LEU G 20 31.07 -32.30 20.74
N HIS G 21 32.07 -32.29 21.60
CA HIS G 21 31.94 -32.93 22.92
C HIS G 21 31.78 -31.87 24.03
N TYR G 22 31.27 -30.68 23.73
CA TYR G 22 30.91 -29.65 24.74
C TYR G 22 29.95 -30.27 25.76
N VAL G 23 30.09 -29.94 27.04
CA VAL G 23 29.17 -30.35 28.14
C VAL G 23 28.78 -29.08 28.92
N GLY G 24 27.49 -28.71 28.92
CA GLY G 24 26.95 -27.48 29.54
C GLY G 24 25.63 -27.03 28.92
N VAL H 2 24.64 -22.55 20.38
CA VAL H 2 25.54 -21.51 19.75
C VAL H 2 25.89 -20.45 20.77
N THR H 3 27.18 -20.31 21.05
CA THR H 3 27.71 -19.33 22.00
C THR H 3 27.94 -18.03 21.22
N ILE H 4 27.32 -16.95 21.66
CA ILE H 4 27.42 -15.63 20.98
C ILE H 4 27.93 -14.60 21.97
N ASP H 5 28.87 -13.77 21.53
CA ASP H 5 29.42 -12.64 22.28
C ASP H 5 28.25 -11.79 22.78
N ALA H 6 28.22 -11.54 24.07
CA ALA H 6 27.12 -10.80 24.74
C ALA H 6 26.85 -9.48 24.04
N ASP H 7 27.87 -8.86 23.42
CA ASP H 7 27.68 -7.56 22.72
C ASP H 7 26.77 -7.75 21.52
N LEU H 8 26.95 -8.87 20.80
CA LEU H 8 26.14 -9.16 19.58
C LEU H 8 24.72 -9.55 20.02
N MET H 9 24.60 -10.24 21.15
CA MET H 9 23.26 -10.60 21.68
C MET H 9 22.47 -9.35 22.07
N ASP H 10 23.12 -8.40 22.76
CA ASP H 10 22.49 -7.09 23.10
C ASP H 10 22.16 -6.35 21.80
N ALA H 11 23.11 -6.27 20.87
CA ALA H 11 22.95 -5.55 19.59
C ALA H 11 21.77 -6.15 18.81
N ALA H 12 21.61 -7.49 18.86
CA ALA H 12 20.61 -8.22 18.05
C ALA H 12 19.34 -8.44 18.86
N ASP H 13 19.33 -8.07 20.15
CA ASP H 13 18.18 -8.25 21.07
C ASP H 13 17.86 -9.73 21.21
N LEU H 14 18.88 -10.53 21.55
CA LEU H 14 18.76 -12.00 21.73
C LEU H 14 18.91 -12.31 23.20
N LEU H 15 18.06 -13.19 23.73
CA LEU H 15 18.19 -13.67 25.13
C LEU H 15 18.89 -15.02 25.13
N GLU H 16 19.61 -15.30 26.21
CA GLU H 16 20.10 -16.65 26.50
C GLU H 16 18.91 -17.61 26.44
N GLY H 17 19.02 -18.66 25.62
CA GLY H 17 17.98 -19.68 25.50
C GLY H 17 16.96 -19.36 24.42
N GLU H 18 17.08 -18.22 23.74
CA GLU H 18 16.20 -17.91 22.61
C GLU H 18 16.53 -18.82 21.41
N GLN H 19 15.52 -19.32 20.74
CA GLN H 19 15.71 -20.17 19.55
C GLN H 19 16.37 -19.38 18.42
N VAL H 20 17.39 -19.96 17.81
CA VAL H 20 18.19 -19.30 16.77
C VAL H 20 18.37 -20.28 15.60
N THR H 21 18.25 -19.74 14.39
CA THR H 21 18.52 -20.47 13.14
C THR H 21 19.92 -20.11 12.71
N ILE H 22 20.76 -21.09 12.47
CA ILE H 22 22.11 -20.81 11.88
C ILE H 22 22.10 -21.29 10.44
N VAL H 23 22.56 -20.43 9.56
CA VAL H 23 22.75 -20.84 8.13
C VAL H 23 24.21 -20.62 7.76
N ASP H 24 24.82 -21.58 7.08
CA ASP H 24 26.27 -21.59 6.77
C ASP H 24 26.48 -21.19 5.32
N ILE H 25 27.11 -20.05 5.09
CA ILE H 25 27.32 -19.50 3.72
C ILE H 25 28.30 -20.39 2.98
N ASP H 26 29.23 -21.02 3.68
CA ASP H 26 30.27 -21.85 3.06
C ASP H 26 29.71 -23.16 2.51
N ASN H 27 28.88 -23.89 3.25
CA ASN H 27 28.47 -25.24 2.79
C ASN H 27 26.93 -25.32 2.66
N GLY H 28 26.17 -24.28 3.01
CA GLY H 28 24.71 -24.30 2.81
C GLY H 28 23.94 -25.02 3.93
N ALA H 29 24.60 -25.52 4.97
CA ALA H 29 23.92 -26.13 6.13
C ALA H 29 23.00 -25.10 6.80
N ARG H 30 21.90 -25.61 7.33
CA ARG H 30 20.82 -24.84 7.95
C ARG H 30 20.34 -25.61 9.17
N LEU H 31 20.39 -25.01 10.35
CA LEU H 31 19.88 -25.74 11.54
C LEU H 31 19.30 -24.79 12.54
N VAL H 32 18.55 -25.35 13.47
CA VAL H 32 17.85 -24.57 14.51
C VAL H 32 18.51 -24.92 15.82
N THR H 33 18.93 -23.90 16.55
CA THR H 33 19.51 -24.10 17.88
C THR H 33 19.11 -22.94 18.78
N TYR H 34 19.73 -22.87 19.95
CA TYR H 34 19.44 -21.78 20.89
C TYR H 34 20.70 -21.03 21.26
N ALA H 35 20.52 -19.79 21.68
CA ALA H 35 21.65 -18.86 21.95
C ALA H 35 22.18 -19.07 23.37
N ILE H 36 23.48 -19.15 23.51
CA ILE H 36 24.18 -19.10 24.83
C ILE H 36 25.06 -17.83 24.85
N THR H 37 25.02 -17.09 25.95
CA THR H 37 25.78 -15.82 26.11
C THR H 37 27.27 -16.11 26.22
N GLY H 38 28.08 -15.57 25.34
CA GLY H 38 29.55 -15.73 25.31
C GLY H 38 30.26 -14.51 25.88
N GLU H 39 31.53 -14.66 26.21
CA GLU H 39 32.37 -13.61 26.84
C GLU H 39 32.20 -12.30 26.05
N ARG H 40 31.82 -11.21 26.71
CA ARG H 40 31.52 -9.93 26.06
C ARG H 40 32.78 -9.37 25.39
N GLY H 41 32.67 -8.90 24.14
CA GLY H 41 33.78 -8.33 23.37
C GLY H 41 34.82 -9.33 22.89
N SER H 42 34.64 -10.63 23.14
CA SER H 42 35.57 -11.69 22.67
C SER H 42 35.38 -11.99 21.18
N GLY H 43 34.25 -11.61 20.58
CA GLY H 43 33.93 -11.95 19.18
C GLY H 43 33.66 -13.43 19.01
N VAL H 44 33.35 -14.15 20.10
CA VAL H 44 33.10 -15.61 20.05
C VAL H 44 31.81 -15.88 19.26
N ILE H 45 31.89 -16.80 18.32
CA ILE H 45 30.73 -17.47 17.69
C ILE H 45 31.02 -18.96 17.78
N GLY H 46 30.50 -19.60 18.81
CA GLY H 46 30.91 -20.97 19.18
C GLY H 46 29.83 -21.98 18.85
N ILE H 47 30.16 -22.97 18.01
CA ILE H 47 29.24 -24.09 17.71
C ILE H 47 29.52 -25.20 18.71
N ASN H 48 28.50 -25.57 19.48
CA ASN H 48 28.63 -26.62 20.53
C ASN H 48 27.84 -27.86 20.12
N GLY H 49 28.40 -29.04 20.37
CA GLY H 49 27.66 -30.32 20.26
C GLY H 49 27.41 -30.73 18.83
N ALA H 50 26.26 -31.34 18.56
CA ALA H 50 25.88 -31.99 17.29
C ALA H 50 26.05 -31.05 16.11
N ALA H 51 25.83 -29.76 16.30
CA ALA H 51 25.93 -28.73 15.23
C ALA H 51 27.34 -28.72 14.60
N ALA H 52 28.37 -29.14 15.35
CA ALA H 52 29.77 -29.11 14.90
C ALA H 52 29.97 -30.07 13.72
N HIS H 53 29.07 -31.03 13.52
CA HIS H 53 29.10 -31.89 12.31
C HIS H 53 28.83 -31.05 11.06
N LEU H 54 28.06 -29.97 11.18
CA LEU H 54 27.52 -29.26 9.99
C LEU H 54 28.22 -27.92 9.79
N VAL H 55 28.64 -27.27 10.87
CA VAL H 55 29.18 -25.90 10.85
C VAL H 55 30.57 -25.96 11.46
N HIS H 56 31.55 -25.49 10.71
CA HIS H 56 32.98 -25.66 11.04
C HIS H 56 33.68 -24.34 11.26
N PRO H 57 34.78 -24.36 12.05
CA PRO H 57 35.59 -23.17 12.28
C PRO H 57 36.01 -22.49 10.97
N GLY H 58 35.85 -21.18 10.91
CA GLY H 58 36.21 -20.35 9.75
C GLY H 58 35.02 -20.13 8.84
N ASP H 59 33.92 -20.90 9.02
CA ASP H 59 32.73 -20.73 8.14
C ASP H 59 32.08 -19.35 8.41
N LEU H 60 31.60 -18.72 7.35
CA LEU H 60 30.77 -17.51 7.47
C LEU H 60 29.33 -17.98 7.70
N VAL H 61 28.68 -17.47 8.73
CA VAL H 61 27.32 -17.88 9.11
C VAL H 61 26.42 -16.66 9.28
N ILE H 62 25.14 -16.89 9.12
CA ILE H 62 24.08 -15.89 9.42
C ILE H 62 23.25 -16.47 10.57
N LEU H 63 23.06 -15.69 11.62
CA LEU H 63 22.30 -16.12 12.82
C LEU H 63 20.98 -15.36 12.83
N ILE H 64 19.86 -16.08 12.95
CA ILE H 64 18.52 -15.48 12.75
C ILE H 64 17.65 -15.88 13.93
N ALA H 65 16.90 -14.91 14.49
CA ALA H 65 15.80 -15.21 15.42
C ALA H 65 14.51 -14.63 14.89
N TYR H 66 13.42 -15.30 15.18
CA TYR H 66 12.05 -14.95 14.73
C TYR H 66 11.20 -14.69 15.96
N ALA H 67 10.14 -13.90 15.79
CA ALA H 67 9.13 -13.67 16.83
C ALA H 67 7.75 -13.87 16.25
N THR H 68 6.86 -14.38 17.09
CA THR H 68 5.46 -14.56 16.74
C THR H 68 4.73 -13.34 17.28
N MET H 69 3.98 -12.66 16.44
CA MET H 69 3.29 -11.46 16.93
C MET H 69 1.98 -11.25 16.16
N ASP H 70 1.07 -10.54 16.80
CA ASP H 70 -0.28 -10.22 16.25
C ASP H 70 -0.08 -9.41 14.97
N ASP H 71 -1.02 -9.54 14.05
CA ASP H 71 -0.96 -8.85 12.74
C ASP H 71 -0.59 -7.37 12.93
N ALA H 72 -1.21 -6.67 13.87
CA ALA H 72 -1.02 -5.21 14.05
C ALA H 72 0.46 -4.91 14.32
N ARG H 73 1.07 -5.61 15.27
CA ARG H 73 2.47 -5.38 15.69
C ARG H 73 3.41 -5.78 14.54
N ALA H 74 3.07 -6.84 13.81
CA ALA H 74 3.92 -7.37 12.70
C ALA H 74 4.16 -6.29 11.64
N ARG H 75 3.18 -5.43 11.41
CA ARG H 75 3.22 -4.41 10.33
C ARG H 75 4.13 -3.24 10.75
N THR H 76 4.41 -3.08 12.06
CA THR H 76 5.14 -1.91 12.60
C THR H 76 6.48 -2.33 13.20
N TYR H 77 6.65 -3.61 13.55
CA TYR H 77 7.86 -4.09 14.25
C TYR H 77 9.11 -3.87 13.37
N GLN H 78 10.18 -3.37 13.95
CA GLN H 78 11.48 -3.16 13.23
C GLN H 78 12.53 -4.14 13.75
N PRO H 79 12.98 -5.09 12.93
CA PRO H 79 13.99 -6.05 13.36
C PRO H 79 15.38 -5.42 13.62
N ARG H 80 16.13 -6.04 14.50
CA ARG H 80 17.51 -5.64 14.85
C ARG H 80 18.44 -6.38 13.91
N ILE H 81 19.08 -5.64 12.99
CA ILE H 81 20.05 -6.20 12.01
C ILE H 81 21.45 -5.76 12.41
N VAL H 82 22.34 -6.69 12.68
CA VAL H 82 23.71 -6.39 13.17
C VAL H 82 24.69 -6.86 12.08
N PHE H 83 25.41 -5.92 11.49
CA PHE H 83 26.56 -6.21 10.60
C PHE H 83 27.81 -6.28 11.46
N VAL H 84 28.73 -7.19 11.11
CA VAL H 84 29.97 -7.42 11.89
C VAL H 84 31.18 -7.43 10.95
N ASP H 85 32.33 -7.05 11.50
CA ASP H 85 33.61 -7.06 10.74
C ASP H 85 34.17 -8.49 10.78
N ALA H 86 35.36 -8.69 10.20
CA ALA H 86 36.07 -9.99 10.16
C ALA H 86 36.31 -10.53 11.59
N TYR H 87 36.23 -9.69 12.63
CA TYR H 87 36.53 -10.07 14.04
C TYR H 87 35.24 -10.16 14.84
N ASN H 88 34.07 -10.16 14.19
CA ASN H 88 32.74 -10.32 14.84
C ASN H 88 32.49 -9.17 15.81
N LYS H 89 32.90 -7.95 15.43
CA LYS H 89 32.57 -6.72 16.17
C LYS H 89 31.49 -5.99 15.38
N PRO H 90 30.45 -5.45 16.06
CA PRO H 90 29.38 -4.71 15.36
C PRO H 90 29.88 -3.49 14.56
N ILE H 91 29.13 -3.12 13.52
CA ILE H 91 29.33 -1.87 12.72
C ILE H 91 28.03 -1.06 12.73
N MET I 1 -10.83 -3.83 0.29
CA MET I 1 -11.96 -4.01 1.23
C MET I 1 -11.85 -2.99 2.37
N LEU I 2 -12.88 -2.16 2.55
CA LEU I 2 -12.94 -1.18 3.65
C LEU I 2 -13.86 -1.70 4.75
N ARG I 3 -13.39 -1.65 6.00
CA ARG I 3 -14.15 -1.89 7.23
C ARG I 3 -14.58 -0.57 7.85
N THR I 4 -15.64 -0.60 8.62
CA THR I 4 -16.03 0.57 9.42
C THR I 4 -15.49 0.34 10.80
N MET I 5 -14.62 1.21 11.28
CA MET I 5 -13.96 0.97 12.59
C MET I 5 -14.20 2.16 13.51
N LEU I 6 -14.28 1.89 14.81
CA LEU I 6 -14.30 2.97 15.82
C LEU I 6 -13.03 3.81 15.68
N LYS I 7 -13.20 5.13 15.62
CA LYS I 7 -12.12 6.13 15.55
C LYS I 7 -12.10 6.98 16.85
N SER I 8 -13.26 7.38 17.35
CA SER I 8 -13.34 8.35 18.47
C SER I 8 -14.42 7.91 19.44
N LYS I 9 -14.17 8.03 20.75
CA LYS I 9 -15.15 7.70 21.79
C LYS I 9 -14.99 8.67 22.96
N ILE I 10 -16.05 9.36 23.31
CA ILE I 10 -16.13 10.11 24.61
C ILE I 10 -17.07 9.35 25.49
N HIS I 11 -16.52 8.78 26.54
CA HIS I 11 -17.26 7.80 27.40
C HIS I 11 -17.90 8.43 28.64
N ARG I 12 -19.23 8.34 28.68
CA ARG I 12 -20.10 8.65 29.84
C ARG I 12 -19.94 10.12 30.20
N ALA I 13 -20.16 10.96 29.21
CA ALA I 13 -20.25 12.42 29.36
C ALA I 13 -21.65 12.77 29.85
N THR I 14 -21.76 13.94 30.45
CA THR I 14 -23.06 14.44 30.94
C THR I 14 -23.52 15.50 29.97
N VAL I 15 -24.71 15.38 29.45
CA VAL I 15 -25.31 16.47 28.64
C VAL I 15 -25.56 17.67 29.56
N THR I 16 -25.03 18.84 29.24
CA THR I 16 -25.06 20.05 30.06
C THR I 16 -26.23 20.97 29.67
N CYS I 17 -26.64 21.02 28.41
CA CYS I 17 -27.76 21.91 28.02
C CYS I 17 -28.37 21.41 26.71
N ALA I 18 -29.59 21.84 26.43
CA ALA I 18 -30.44 21.36 25.32
C ALA I 18 -31.39 22.49 24.95
N ASP I 19 -31.64 22.68 23.67
CA ASP I 19 -32.42 23.82 23.15
C ASP I 19 -33.14 23.31 21.93
N LEU I 20 -34.46 23.21 21.98
CA LEU I 20 -35.28 22.72 20.85
C LEU I 20 -35.18 23.72 19.73
N HIS I 21 -35.11 24.99 20.09
CA HIS I 21 -35.23 26.07 19.09
C HIS I 21 -33.87 26.73 18.81
N TYR I 22 -32.75 26.01 19.00
CA TYR I 22 -31.39 26.49 18.61
C TYR I 22 -31.41 26.88 17.13
N VAL I 23 -30.70 27.95 16.77
CA VAL I 23 -30.48 28.40 15.37
C VAL I 23 -28.98 28.62 15.17
N GLY I 24 -28.34 27.84 14.27
CA GLY I 24 -26.89 27.84 14.02
C GLY I 24 -26.40 26.54 13.41
N VAL J 2 -24.66 18.52 17.84
CA VAL J 2 -24.12 18.39 19.22
C VAL J 2 -22.90 19.30 19.38
N THR J 3 -22.99 20.21 20.34
CA THR J 3 -21.91 21.15 20.68
C THR J 3 -21.01 20.46 21.69
N ILE J 4 -19.74 20.33 21.38
CA ILE J 4 -18.74 19.62 22.23
C ILE J 4 -17.61 20.57 22.55
N ASP J 5 -17.19 20.58 23.81
CA ASP J 5 -16.04 21.35 24.31
C ASP J 5 -14.85 21.03 23.42
N ALA J 6 -14.22 22.05 22.88
CA ALA J 6 -13.07 21.92 21.94
C ALA J 6 -12.00 21.01 22.54
N ASP J 7 -11.84 20.97 23.86
CA ASP J 7 -10.81 20.12 24.50
C ASP J 7 -11.15 18.65 24.28
N LEU J 8 -12.43 18.28 24.35
CA LEU J 8 -12.88 16.88 24.16
C LEU J 8 -12.76 16.54 22.68
N MET J 9 -13.03 17.49 21.80
CA MET J 9 -12.89 17.26 20.34
C MET J 9 -11.43 16.98 19.98
N ASP J 10 -10.50 17.78 20.53
CA ASP J 10 -9.03 17.56 20.34
C ASP J 10 -8.67 16.20 20.93
N ALA J 11 -9.09 15.95 22.16
CA ALA J 11 -8.77 14.69 22.88
C ALA J 11 -9.28 13.49 22.09
N ALA J 12 -10.45 13.61 21.45
CA ALA J 12 -11.14 12.49 20.77
C ALA J 12 -10.80 12.50 19.29
N ASP J 13 -10.08 13.53 18.80
CA ASP J 13 -9.70 13.69 17.36
C ASP J 13 -10.99 13.80 16.54
N LEU J 14 -11.86 14.75 16.91
CA LEU J 14 -13.12 15.04 16.20
C LEU J 14 -12.97 16.40 15.52
N LEU J 15 -13.42 16.50 14.28
CA LEU J 15 -13.47 17.80 13.55
C LEU J 15 -14.89 18.34 13.65
N GLU J 16 -15.00 19.67 13.61
CA GLU J 16 -16.29 20.35 13.41
C GLU J 16 -16.91 19.77 12.13
N GLY J 17 -18.14 19.29 12.23
CA GLY J 17 -18.88 18.75 11.09
C GLY J 17 -18.69 17.25 10.92
N GLU J 18 -17.90 16.62 11.77
CA GLU J 18 -17.72 15.14 11.70
C GLU J 18 -18.98 14.46 12.22
N GLN J 19 -19.41 13.41 11.54
CA GLN J 19 -20.60 12.64 11.95
C GLN J 19 -20.35 11.98 13.29
N VAL J 20 -21.31 12.08 14.19
CA VAL J 20 -21.20 11.55 15.56
C VAL J 20 -22.48 10.80 15.88
N THR J 21 -22.31 9.64 16.53
CA THR J 21 -23.40 8.82 17.04
C THR J 21 -23.52 9.14 18.52
N ILE J 22 -24.70 9.52 18.98
CA ILE J 22 -24.93 9.71 20.44
C ILE J 22 -25.79 8.56 20.93
N VAL J 23 -25.37 7.95 22.01
CA VAL J 23 -26.19 6.86 22.66
C VAL J 23 -26.43 7.27 24.11
N ASP J 24 -27.64 7.14 24.58
CA ASP J 24 -28.08 7.71 25.89
C ASP J 24 -28.24 6.56 26.88
N ILE J 25 -27.41 6.56 27.92
CA ILE J 25 -27.39 5.44 28.92
C ILE J 25 -28.68 5.50 29.74
N ASP J 26 -29.23 6.68 29.92
CA ASP J 26 -30.42 6.87 30.78
C ASP J 26 -31.68 6.35 30.12
N ASN J 27 -31.93 6.64 28.83
CA ASN J 27 -33.23 6.28 28.23
C ASN J 27 -33.03 5.35 27.02
N GLY J 28 -31.79 5.03 26.63
CA GLY J 28 -31.56 4.08 25.52
C GLY J 28 -31.70 4.70 24.12
N ALA J 29 -31.94 5.99 24.00
CA ALA J 29 -31.98 6.67 22.67
C ALA J 29 -30.61 6.53 22.00
N ARG J 30 -30.68 6.46 20.68
CA ARG J 30 -29.53 6.30 19.78
C ARG J 30 -29.77 7.19 18.57
N LEU J 31 -28.86 8.12 18.28
CA LEU J 31 -29.06 8.92 17.05
C LEU J 31 -27.76 9.34 16.46
N VAL J 32 -27.84 9.78 15.22
CA VAL J 32 -26.66 10.19 14.44
C VAL J 32 -26.75 11.67 14.24
N THR J 33 -25.69 12.38 14.59
CA THR J 33 -25.62 13.83 14.40
C THR J 33 -24.18 14.21 14.08
N TYR J 34 -23.93 15.52 14.05
CA TYR J 34 -22.56 15.99 13.74
C TYR J 34 -22.05 16.90 14.83
N ALA J 35 -20.74 17.00 14.94
CA ALA J 35 -20.06 17.72 16.03
C ALA J 35 -19.96 19.20 15.68
N ILE J 36 -20.29 20.05 16.63
CA ILE J 36 -19.99 21.52 16.59
C ILE J 36 -19.04 21.86 17.74
N THR J 37 -18.02 22.67 17.46
CA THR J 37 -16.97 23.05 18.45
C THR J 37 -17.59 23.98 19.50
N GLY J 38 -17.51 23.58 20.76
CA GLY J 38 -18.02 24.37 21.91
C GLY J 38 -16.90 25.05 22.65
N GLU J 39 -17.23 26.03 23.47
CA GLU J 39 -16.27 26.88 24.24
C GLU J 39 -15.27 25.96 24.94
N ARG J 40 -13.98 26.15 24.70
CA ARG J 40 -12.90 25.27 25.21
C ARG J 40 -12.89 25.32 26.75
N GLY J 41 -12.80 24.15 27.40
CA GLY J 41 -12.75 24.04 28.87
C GLY J 41 -14.06 24.31 29.57
N SER J 42 -15.15 24.60 28.86
CA SER J 42 -16.50 24.84 29.46
C SER J 42 -17.17 23.53 29.89
N GLY J 43 -16.72 22.38 29.38
CA GLY J 43 -17.36 21.07 29.65
C GLY J 43 -18.72 20.96 28.97
N VAL J 44 -19.00 21.81 27.97
CA VAL J 44 -20.30 21.85 27.28
C VAL J 44 -20.50 20.54 26.50
N ILE J 45 -21.65 19.92 26.67
CA ILE J 45 -22.19 18.90 25.74
C ILE J 45 -23.61 19.34 25.44
N GLY J 46 -23.79 20.06 24.33
CA GLY J 46 -25.02 20.80 24.04
C GLY J 46 -25.81 20.12 22.93
N ILE J 47 -27.05 19.71 23.23
CA ILE J 47 -27.91 19.04 22.22
C ILE J 47 -28.75 20.12 21.57
N ASN J 48 -28.62 20.30 20.25
CA ASN J 48 -29.33 21.38 19.51
C ASN J 48 -30.39 20.76 18.59
N GLY J 49 -31.55 21.40 18.52
CA GLY J 49 -32.63 21.06 17.57
C GLY J 49 -33.35 19.78 17.93
N ALA J 50 -33.74 18.99 16.93
CA ALA J 50 -34.63 17.82 17.03
C ALA J 50 -34.12 16.81 18.07
N ALA J 51 -32.79 16.70 18.20
CA ALA J 51 -32.14 15.74 19.09
C ALA J 51 -32.53 16.00 20.55
N ALA J 52 -32.88 17.24 20.90
CA ALA J 52 -33.21 17.65 22.29
C ALA J 52 -34.46 16.92 22.78
N HIS J 53 -35.31 16.41 21.85
CA HIS J 53 -36.46 15.58 22.24
C HIS J 53 -35.97 14.28 22.88
N LEU J 54 -34.82 13.78 22.46
CA LEU J 54 -34.43 12.37 22.79
C LEU J 54 -33.34 12.34 23.85
N VAL J 55 -32.46 13.33 23.85
CA VAL J 55 -31.25 13.32 24.70
C VAL J 55 -31.28 14.59 25.55
N HIS J 56 -31.26 14.42 26.85
CA HIS J 56 -31.55 15.55 27.77
C HIS J 56 -30.39 15.86 28.67
N PRO J 57 -30.26 17.14 29.09
CA PRO J 57 -29.36 17.50 30.18
C PRO J 57 -29.55 16.62 31.41
N GLY J 58 -28.45 16.17 31.98
CA GLY J 58 -28.43 15.26 33.13
C GLY J 58 -28.16 13.85 32.67
N ASP J 59 -28.49 13.51 31.44
CA ASP J 59 -28.29 12.14 30.89
C ASP J 59 -26.79 11.85 30.76
N LEU J 60 -26.41 10.62 31.06
CA LEU J 60 -25.08 10.06 30.69
C LEU J 60 -25.19 9.60 29.25
N VAL J 61 -24.25 10.05 28.41
CA VAL J 61 -24.20 9.66 26.99
C VAL J 61 -22.81 9.13 26.63
N ILE J 62 -22.78 8.37 25.55
CA ILE J 62 -21.53 7.99 24.85
C ILE J 62 -21.56 8.63 23.47
N LEU J 63 -20.48 9.33 23.11
CA LEU J 63 -20.33 9.93 21.77
C LEU J 63 -19.33 9.10 20.97
N ILE J 64 -19.70 8.72 19.75
CA ILE J 64 -18.92 7.77 18.92
C ILE J 64 -18.74 8.37 17.53
N ALA J 65 -17.51 8.28 17.00
CA ALA J 65 -17.24 8.50 15.57
C ALA J 65 -16.58 7.25 15.00
N TYR J 66 -16.86 6.97 13.74
CA TYR J 66 -16.31 5.80 13.04
C TYR J 66 -15.49 6.30 11.86
N ALA J 67 -14.56 5.48 11.38
CA ALA J 67 -13.84 5.72 10.11
C ALA J 67 -13.91 4.48 9.24
N THR J 68 -13.91 4.72 7.96
CA THR J 68 -13.81 3.68 6.94
C THR J 68 -12.34 3.59 6.57
N MET J 69 -11.77 2.39 6.64
CA MET J 69 -10.36 2.23 6.27
C MET J 69 -10.12 0.83 5.70
N ASP J 70 -9.07 0.72 4.92
CA ASP J 70 -8.69 -0.55 4.23
C ASP J 70 -8.32 -1.56 5.31
N ASP J 71 -8.49 -2.82 5.00
CA ASP J 71 -8.19 -3.96 5.91
C ASP J 71 -6.84 -3.72 6.62
N ALA J 72 -5.79 -3.37 5.89
CA ALA J 72 -4.43 -3.27 6.48
C ALA J 72 -4.42 -2.23 7.62
N ARG J 73 -4.95 -1.05 7.37
CA ARG J 73 -4.97 0.08 8.33
C ARG J 73 -5.90 -0.28 9.51
N ALA J 74 -7.00 -0.98 9.24
CA ALA J 74 -8.00 -1.35 10.28
C ALA J 74 -7.34 -2.17 11.39
N ARG J 75 -6.37 -3.01 11.04
CA ARG J 75 -5.72 -3.95 11.99
C ARG J 75 -4.72 -3.21 12.87
N THR J 76 -4.29 -2.01 12.49
CA THR J 76 -3.22 -1.27 13.19
C THR J 76 -3.75 0.03 13.79
N TYR J 77 -4.89 0.55 13.32
CA TYR J 77 -5.43 1.84 13.77
C TYR J 77 -5.76 1.78 15.27
N GLN J 78 -5.36 2.80 16.03
CA GLN J 78 -5.65 2.88 17.49
C GLN J 78 -6.63 4.04 17.73
N PRO J 79 -7.88 3.73 18.17
CA PRO J 79 -8.87 4.76 18.40
C PRO J 79 -8.51 5.67 19.58
N ARG J 80 -9.01 6.91 19.51
CA ARG J 80 -8.92 7.88 20.64
C ARG J 80 -10.12 7.65 21.55
N ILE J 81 -9.86 7.16 22.74
CA ILE J 81 -10.88 6.90 23.80
C ILE J 81 -10.70 7.93 24.91
N VAL J 82 -11.71 8.74 25.17
CA VAL J 82 -11.60 9.84 26.17
C VAL J 82 -12.57 9.53 27.30
N PHE J 83 -12.03 9.30 28.49
CA PHE J 83 -12.82 9.17 29.74
C PHE J 83 -12.95 10.57 30.35
N VAL J 84 -14.11 10.88 30.93
CA VAL J 84 -14.41 12.21 31.47
C VAL J 84 -15.01 12.08 32.87
N ASP J 85 -14.81 13.13 33.69
CA ASP J 85 -15.40 13.17 35.05
C ASP J 85 -16.85 13.66 34.93
N ALA J 86 -17.54 13.84 36.06
CA ALA J 86 -18.94 14.30 36.13
C ALA J 86 -19.08 15.68 35.46
N TYR J 87 -17.99 16.42 35.26
CA TYR J 87 -18.01 17.80 34.72
C TYR J 87 -17.48 17.82 33.29
N ASN J 88 -17.34 16.65 32.66
CA ASN J 88 -16.96 16.51 31.22
C ASN J 88 -15.53 17.05 31.01
N LYS J 89 -14.65 16.82 31.98
CA LYS J 89 -13.20 17.12 31.83
C LYS J 89 -12.49 15.80 31.59
N PRO J 90 -11.58 15.71 30.61
CA PRO J 90 -10.83 14.48 30.36
C PRO J 90 -10.01 13.96 31.54
N ILE J 91 -9.79 12.64 31.60
CA ILE J 91 -8.91 11.94 32.59
C ILE J 91 -7.84 11.13 31.82
N MET K 1 -17.13 2.81 -8.18
CA MET K 1 -18.39 2.58 -7.42
C MET K 1 -18.18 1.47 -6.38
N LEU K 2 -18.38 1.81 -5.11
CA LEU K 2 -18.24 0.87 -3.99
C LEU K 2 -19.60 0.39 -3.52
N ARG K 3 -19.74 -0.92 -3.34
CA ARG K 3 -20.96 -1.57 -2.78
C ARG K 3 -20.76 -1.88 -1.31
N THR K 4 -21.83 -1.90 -0.56
CA THR K 4 -21.76 -2.30 0.86
C THR K 4 -22.24 -3.73 0.89
N MET K 5 -21.41 -4.64 1.34
CA MET K 5 -21.72 -6.08 1.29
C MET K 5 -21.59 -6.68 2.69
N LEU K 6 -22.39 -7.70 2.97
CA LEU K 6 -22.23 -8.51 4.20
C LEU K 6 -20.82 -9.10 4.24
N LYS K 7 -20.16 -8.91 5.38
CA LYS K 7 -18.79 -9.41 5.63
C LYS K 7 -18.79 -10.55 6.67
N SER K 8 -19.55 -10.39 7.73
CA SER K 8 -19.52 -11.24 8.93
C SER K 8 -20.95 -11.41 9.42
N LYS K 9 -21.32 -12.61 9.89
CA LYS K 9 -22.60 -12.89 10.50
C LYS K 9 -22.40 -13.93 11.62
N ILE K 10 -22.80 -13.59 12.82
CA ILE K 10 -22.93 -14.57 13.93
C ILE K 10 -24.42 -14.79 14.13
N HIS K 11 -24.83 -15.99 13.82
CA HIS K 11 -26.26 -16.35 13.67
C HIS K 11 -26.82 -17.02 14.94
N ARG K 12 -27.82 -16.35 15.49
CA ARG K 12 -28.71 -16.86 16.57
C ARG K 12 -27.90 -17.23 17.81
N ALA K 13 -27.07 -16.29 18.26
CA ALA K 13 -26.38 -16.38 19.56
C ALA K 13 -27.35 -15.97 20.65
N THR K 14 -27.07 -16.41 21.86
CA THR K 14 -27.90 -16.13 23.03
C THR K 14 -27.20 -15.05 23.83
N VAL K 15 -27.91 -13.98 24.13
CA VAL K 15 -27.35 -12.92 25.02
C VAL K 15 -27.15 -13.53 26.41
N THR K 16 -25.94 -13.43 26.95
CA THR K 16 -25.55 -14.03 28.25
C THR K 16 -25.61 -12.98 29.36
N CYS K 17 -25.35 -11.71 29.07
CA CYS K 17 -25.41 -10.66 30.12
C CYS K 17 -25.68 -9.30 29.50
N ALA K 18 -26.14 -8.38 30.34
CA ALA K 18 -26.26 -6.93 30.02
C ALA K 18 -25.82 -6.10 31.22
N ASP K 19 -25.07 -5.04 30.96
CA ASP K 19 -24.62 -4.13 32.03
C ASP K 19 -24.78 -2.72 31.50
N LEU K 20 -25.74 -1.99 32.06
CA LEU K 20 -26.06 -0.61 31.67
C LEU K 20 -24.86 0.27 32.02
N HIS K 21 -24.23 -0.05 33.14
CA HIS K 21 -23.22 0.86 33.71
C HIS K 21 -21.80 0.32 33.52
N TYR K 22 -21.57 -0.49 32.49
CA TYR K 22 -20.23 -0.92 32.05
C TYR K 22 -19.31 0.31 31.89
N VAL K 23 -18.04 0.19 32.29
CA VAL K 23 -16.97 1.22 32.10
C VAL K 23 -15.77 0.52 31.43
N GLY K 24 -15.42 0.94 30.20
CA GLY K 24 -14.34 0.35 29.38
C GLY K 24 -14.54 0.61 27.89
N VAL L 2 -20.74 -4.16 22.43
CA VAL L 2 -21.12 -5.61 22.54
C VAL L 2 -19.87 -6.45 22.74
N THR L 3 -19.82 -7.20 23.83
CA THR L 3 -18.69 -8.07 24.18
C THR L 3 -18.98 -9.42 23.52
N ILE L 4 -18.06 -9.88 22.68
CA ILE L 4 -18.24 -11.15 21.92
C ILE L 4 -17.06 -12.05 22.22
N ASP L 5 -17.34 -13.32 22.47
CA ASP L 5 -16.35 -14.39 22.67
C ASP L 5 -15.37 -14.31 21.53
N ALA L 6 -14.08 -14.22 21.84
CA ALA L 6 -12.98 -14.07 20.85
C ALA L 6 -13.10 -15.16 19.78
N ASP L 7 -13.61 -16.34 20.13
CA ASP L 7 -13.71 -17.47 19.15
C ASP L 7 -14.72 -17.10 18.08
N LEU L 8 -15.83 -16.46 18.44
CA LEU L 8 -16.88 -16.07 17.48
C LEU L 8 -16.36 -14.91 16.63
N MET L 9 -15.58 -14.02 17.22
CA MET L 9 -14.97 -12.88 16.45
C MET L 9 -14.00 -13.42 15.40
N ASP L 10 -13.14 -14.37 15.78
CA ASP L 10 -12.20 -15.04 14.83
C ASP L 10 -13.02 -15.78 13.77
N ALA L 11 -14.02 -16.55 14.19
CA ALA L 11 -14.86 -17.35 13.27
C ALA L 11 -15.55 -16.41 12.28
N ALA L 12 -15.98 -15.23 12.72
CA ALA L 12 -16.77 -14.29 11.89
C ALA L 12 -15.85 -13.26 11.21
N ASP L 13 -14.55 -13.27 11.54
CA ASP L 13 -13.55 -12.30 11.03
C ASP L 13 -13.96 -10.89 11.46
N LEU L 14 -14.15 -10.69 12.76
CA LEU L 14 -14.49 -9.36 13.36
C LEU L 14 -13.28 -8.90 14.16
N LEU L 15 -12.96 -7.62 14.02
CA LEU L 15 -11.89 -6.98 14.82
C LEU L 15 -12.51 -6.24 16.01
N GLU L 16 -11.78 -6.16 17.11
CA GLU L 16 -12.13 -5.27 18.23
C GLU L 16 -12.31 -3.87 17.64
N GLY L 17 -13.47 -3.26 17.91
CA GLY L 17 -13.74 -1.89 17.45
C GLY L 17 -14.41 -1.84 16.10
N GLU L 18 -14.63 -2.99 15.45
CA GLU L 18 -15.36 -3.02 14.16
C GLU L 18 -16.84 -2.75 14.43
N GLN L 19 -17.46 -1.95 13.58
CA GLN L 19 -18.89 -1.62 13.70
C GLN L 19 -19.72 -2.88 13.50
N VAL L 20 -20.70 -3.08 14.37
CA VAL L 20 -21.56 -4.26 14.38
C VAL L 20 -23.00 -3.83 14.52
N THR L 21 -23.86 -4.49 13.71
CA THR L 21 -25.31 -4.30 13.80
C THR L 21 -25.85 -5.47 14.62
N ILE L 22 -26.59 -5.19 15.68
CA ILE L 22 -27.26 -6.27 16.45
C ILE L 22 -28.75 -6.22 16.14
N VAL L 23 -29.32 -7.37 15.82
CA VAL L 23 -30.78 -7.47 15.65
C VAL L 23 -31.30 -8.53 16.63
N ASP L 24 -32.41 -8.24 17.30
CA ASP L 24 -32.92 -9.07 18.42
C ASP L 24 -34.14 -9.87 17.93
N ILE L 25 -34.01 -11.19 17.89
CA ILE L 25 -35.08 -12.08 17.33
C ILE L 25 -36.26 -12.06 18.29
N ASP L 26 -36.02 -11.86 19.57
CA ASP L 26 -37.09 -11.91 20.58
C ASP L 26 -37.99 -10.67 20.51
N ASN L 27 -37.46 -9.46 20.42
CA ASN L 27 -38.32 -8.26 20.50
C ASN L 27 -38.21 -7.41 19.22
N GLY L 28 -37.37 -7.76 18.25
CA GLY L 28 -37.27 -6.98 16.99
C GLY L 28 -36.42 -5.73 17.07
N ALA L 29 -35.78 -5.44 18.19
CA ALA L 29 -34.83 -4.29 18.30
C ALA L 29 -33.68 -4.47 17.29
N ARG L 30 -33.21 -3.32 16.81
CA ARG L 30 -32.13 -3.22 15.82
C ARG L 30 -31.22 -2.07 16.23
N LEU L 31 -29.93 -2.31 16.39
CA LEU L 31 -29.03 -1.18 16.70
C LEU L 31 -27.65 -1.39 16.16
N VAL L 32 -26.89 -0.34 16.12
CA VAL L 32 -25.52 -0.33 15.57
C VAL L 32 -24.60 -0.09 16.73
N THR L 33 -23.62 -0.95 16.91
CA THR L 33 -22.60 -0.78 17.95
C THR L 33 -21.28 -1.33 17.43
N TYR L 34 -20.30 -1.43 18.32
CA TYR L 34 -18.98 -1.96 17.93
C TYR L 34 -18.62 -3.16 18.79
N ALA L 35 -17.72 -3.99 18.26
CA ALA L 35 -17.38 -5.27 18.91
C ALA L 35 -16.28 -5.06 19.95
N ILE L 36 -16.45 -5.65 21.11
CA ILE L 36 -15.36 -5.78 22.14
C ILE L 36 -15.05 -7.26 22.34
N THR L 37 -13.78 -7.60 22.37
CA THR L 37 -13.29 -9.01 22.49
C THR L 37 -13.61 -9.53 23.89
N GLY L 38 -14.37 -10.62 23.98
CA GLY L 38 -14.76 -11.26 25.24
C GLY L 38 -13.95 -12.51 25.50
N GLU L 39 -13.97 -13.00 26.74
CA GLU L 39 -13.17 -14.17 27.21
C GLU L 39 -13.35 -15.30 26.20
N ARG L 40 -12.26 -15.84 25.65
CA ARG L 40 -12.31 -16.85 24.57
C ARG L 40 -12.96 -18.14 25.11
N GLY L 41 -13.88 -18.73 24.35
CA GLY L 41 -14.55 -19.98 24.70
C GLY L 41 -15.59 -19.85 25.81
N SER L 42 -15.82 -18.65 26.35
CA SER L 42 -16.84 -18.41 27.42
C SER L 42 -18.27 -18.41 26.85
N GLY L 43 -18.43 -18.24 25.54
CA GLY L 43 -19.76 -18.09 24.91
C GLY L 43 -20.41 -16.75 25.27
N VAL L 44 -19.66 -15.78 25.76
CA VAL L 44 -20.19 -14.47 26.20
C VAL L 44 -20.74 -13.70 25.00
N ILE L 45 -21.96 -13.20 25.14
CA ILE L 45 -22.52 -12.14 24.27
C ILE L 45 -23.06 -11.07 25.21
N GLY L 46 -22.23 -10.05 25.47
CA GLY L 46 -22.49 -9.08 26.55
C GLY L 46 -22.92 -7.73 26.00
N ILE L 47 -24.11 -7.29 26.38
CA ILE L 47 -24.66 -5.97 25.94
C ILE L 47 -24.24 -4.93 26.99
N ASN L 48 -23.48 -3.94 26.58
CA ASN L 48 -22.94 -2.90 27.49
C ASN L 48 -23.59 -1.55 27.19
N GLY L 49 -23.91 -0.79 28.25
CA GLY L 49 -24.39 0.59 28.14
C GLY L 49 -25.81 0.67 27.62
N ALA L 50 -26.11 1.70 26.83
CA ALA L 50 -27.46 2.09 26.38
C ALA L 50 -28.19 0.95 25.71
N ALA L 51 -27.46 0.05 25.03
CA ALA L 51 -28.04 -1.09 24.30
C ALA L 51 -28.81 -2.01 25.25
N ALA L 52 -28.47 -2.04 26.54
CA ALA L 52 -29.11 -2.93 27.54
C ALA L 52 -30.58 -2.56 27.72
N HIS L 53 -30.99 -1.36 27.33
CA HIS L 53 -32.42 -0.98 27.34
C HIS L 53 -33.18 -1.78 26.30
N LEU L 54 -32.51 -2.19 25.22
CA LEU L 54 -33.23 -2.76 24.05
C LEU L 54 -33.03 -4.27 23.95
N VAL L 55 -31.89 -4.77 24.39
CA VAL L 55 -31.47 -6.18 24.20
C VAL L 55 -31.18 -6.73 25.60
N HIS L 56 -31.86 -7.81 25.93
CA HIS L 56 -31.88 -8.37 27.30
C HIS L 56 -31.30 -9.78 27.35
N PRO L 57 -30.79 -10.16 28.55
CA PRO L 57 -30.31 -11.51 28.79
C PRO L 57 -31.31 -12.58 28.34
N GLY L 58 -30.81 -13.58 27.61
CA GLY L 58 -31.64 -14.71 27.14
C GLY L 58 -32.16 -14.45 25.73
N ASP L 59 -32.09 -13.21 25.23
CA ASP L 59 -32.57 -12.91 23.87
C ASP L 59 -31.67 -13.61 22.83
N LEU L 60 -32.27 -14.12 21.77
CA LEU L 60 -31.52 -14.61 20.59
C LEU L 60 -31.24 -13.41 19.70
N VAL L 61 -29.98 -13.22 19.32
CA VAL L 61 -29.55 -12.07 18.48
C VAL L 61 -28.77 -12.54 17.26
N ILE L 62 -28.79 -11.72 16.23
CA ILE L 62 -27.90 -11.88 15.05
C ILE L 62 -26.95 -10.69 15.01
N LEU L 63 -25.67 -10.96 14.88
CA LEU L 63 -24.62 -9.92 14.85
C LEU L 63 -24.08 -9.82 13.43
N ILE L 64 -24.05 -8.63 12.87
CA ILE L 64 -23.75 -8.42 11.43
C ILE L 64 -22.68 -7.35 11.30
N ALA L 65 -21.68 -7.61 10.44
CA ALA L 65 -20.74 -6.56 9.99
C ALA L 65 -20.79 -6.50 8.47
N TYR L 66 -20.56 -5.33 7.92
CA TYR L 66 -20.59 -5.04 6.48
C TYR L 66 -19.24 -4.50 6.10
N ALA L 67 -18.90 -4.58 4.80
CA ALA L 67 -17.67 -3.98 4.24
C ALA L 67 -18.04 -3.22 2.98
N THR L 68 -17.28 -2.18 2.73
CA THR L 68 -17.34 -1.43 1.47
C THR L 68 -16.25 -2.02 0.58
N MET L 69 -16.62 -2.39 -0.62
CA MET L 69 -15.61 -2.90 -1.57
C MET L 69 -16.01 -2.57 -3.00
N ASP L 70 -15.01 -2.51 -3.87
CA ASP L 70 -15.20 -2.17 -5.30
C ASP L 70 -16.08 -3.25 -5.93
N ASP L 71 -16.80 -2.87 -6.97
CA ASP L 71 -17.68 -3.78 -7.74
C ASP L 71 -17.01 -5.13 -7.97
N ALA L 72 -15.77 -5.17 -8.45
CA ALA L 72 -15.12 -6.45 -8.84
C ALA L 72 -15.04 -7.39 -7.64
N ARG L 73 -14.56 -6.91 -6.49
CA ARG L 73 -14.37 -7.70 -5.26
C ARG L 73 -15.75 -8.13 -4.72
N ALA L 74 -16.75 -7.25 -4.84
CA ALA L 74 -18.11 -7.50 -4.29
C ALA L 74 -18.71 -8.76 -4.92
N ARG L 75 -18.41 -9.03 -6.19
CA ARG L 75 -19.00 -10.15 -6.96
C ARG L 75 -18.35 -11.48 -6.54
N THR L 76 -17.18 -11.45 -5.90
CA THR L 76 -16.39 -12.66 -5.59
C THR L 76 -16.27 -12.86 -4.08
N TYR L 77 -16.48 -11.81 -3.28
CA TYR L 77 -16.28 -11.88 -1.82
C TYR L 77 -17.21 -12.93 -1.17
N GLN L 78 -16.67 -13.77 -0.30
CA GLN L 78 -17.44 -14.81 0.44
C GLN L 78 -17.49 -14.44 1.92
N PRO L 79 -18.69 -14.10 2.44
CA PRO L 79 -18.81 -13.75 3.87
C PRO L 79 -18.56 -14.91 4.83
N ARG L 80 -18.10 -14.59 6.02
CA ARG L 80 -17.84 -15.58 7.09
C ARG L 80 -19.11 -15.69 7.92
N ILE L 81 -19.85 -16.80 7.81
CA ILE L 81 -21.14 -17.02 8.49
C ILE L 81 -20.99 -18.04 9.60
N VAL L 82 -21.28 -17.66 10.84
CA VAL L 82 -21.06 -18.54 12.02
C VAL L 82 -22.40 -18.94 12.62
N PHE L 83 -22.72 -20.22 12.57
CA PHE L 83 -23.88 -20.81 13.28
C PHE L 83 -23.41 -21.26 14.64
N VAL L 84 -24.25 -21.09 15.68
CA VAL L 84 -23.87 -21.41 17.08
C VAL L 84 -24.95 -22.28 17.75
N ASP L 85 -24.53 -23.06 18.73
CA ASP L 85 -25.44 -23.91 19.52
C ASP L 85 -26.05 -23.06 20.64
N ALA L 86 -26.86 -23.66 21.50
CA ALA L 86 -27.52 -23.00 22.65
C ALA L 86 -26.46 -22.40 23.61
N TYR L 87 -25.19 -22.80 23.52
CA TYR L 87 -24.11 -22.30 24.43
C TYR L 87 -23.18 -21.33 23.70
N ASN L 88 -23.58 -20.86 22.51
CA ASN L 88 -22.82 -19.86 21.72
C ASN L 88 -21.46 -20.43 21.30
N LYS L 89 -21.41 -21.72 20.97
CA LYS L 89 -20.20 -22.38 20.40
C LYS L 89 -20.44 -22.58 18.92
N PRO L 90 -19.47 -22.30 18.04
CA PRO L 90 -19.61 -22.53 16.60
C PRO L 90 -19.96 -23.96 16.19
N ILE L 91 -20.66 -24.12 15.06
CA ILE L 91 -20.98 -25.40 14.38
C ILE L 91 -20.48 -25.32 12.93
N MET M 1 -13.80 13.40 -2.25
CA MET M 1 -15.15 13.29 -1.66
C MET M 1 -15.89 12.12 -2.34
N LEU M 2 -16.41 11.21 -1.53
CA LEU M 2 -17.46 10.25 -1.93
C LEU M 2 -18.81 10.72 -1.40
N ARG M 3 -19.81 10.69 -2.27
CA ARG M 3 -21.24 10.90 -1.93
C ARG M 3 -21.96 9.57 -1.85
N THR M 4 -23.01 9.50 -1.07
CA THR M 4 -23.82 8.29 -0.95
C THR M 4 -25.00 8.49 -1.86
N MET M 5 -25.16 7.64 -2.87
CA MET M 5 -26.18 7.86 -3.91
C MET M 5 -27.09 6.66 -4.03
N LEU M 6 -28.33 6.89 -4.43
CA LEU M 6 -29.24 5.78 -4.80
C LEU M 6 -28.62 4.98 -5.96
N LYS M 7 -28.57 3.66 -5.80
CA LYS M 7 -28.09 2.73 -6.85
C LYS M 7 -29.26 1.85 -7.38
N SER M 8 -30.09 1.37 -6.49
CA SER M 8 -31.14 0.35 -6.79
C SER M 8 -32.40 0.70 -6.02
N LYS M 9 -33.55 0.50 -6.64
CA LYS M 9 -34.86 0.61 -5.97
C LYS M 9 -35.82 -0.45 -6.55
N ILE M 10 -36.40 -1.24 -5.67
CA ILE M 10 -37.56 -2.10 -6.03
C ILE M 10 -38.79 -1.49 -5.39
N HIS M 11 -39.66 -0.99 -6.23
CA HIS M 11 -40.78 -0.11 -5.80
C HIS M 11 -42.10 -0.87 -5.58
N ARG M 12 -42.56 -0.82 -4.34
CA ARG M 12 -43.93 -1.24 -3.91
C ARG M 12 -44.11 -2.72 -4.20
N ALA M 13 -43.20 -3.53 -3.69
CA ALA M 13 -43.31 -5.01 -3.67
C ALA M 13 -44.20 -5.41 -2.51
N THR M 14 -44.77 -6.59 -2.64
CA THR M 14 -45.65 -7.16 -1.60
C THR M 14 -44.84 -8.23 -0.90
N VAL M 15 -44.76 -8.14 0.41
CA VAL M 15 -44.09 -9.22 1.20
C VAL M 15 -44.94 -10.49 1.07
N THR M 16 -44.33 -11.60 0.63
CA THR M 16 -45.07 -12.86 0.35
C THR M 16 -44.94 -13.81 1.53
N CYS M 17 -43.84 -13.79 2.28
CA CYS M 17 -43.66 -14.71 3.42
C CYS M 17 -42.74 -14.09 4.44
N ALA M 18 -42.68 -14.71 5.62
CA ALA M 18 -41.79 -14.35 6.74
C ALA M 18 -41.38 -15.62 7.47
N ASP M 19 -40.11 -15.70 7.88
CA ASP M 19 -39.67 -16.80 8.77
C ASP M 19 -38.80 -16.21 9.85
N LEU M 20 -39.31 -16.18 11.08
CA LEU M 20 -38.61 -15.55 12.23
C LEU M 20 -37.38 -16.37 12.51
N HIS M 21 -37.48 -17.67 12.34
CA HIS M 21 -36.39 -18.56 12.80
C HIS M 21 -35.59 -19.11 11.61
N TYR M 22 -35.50 -18.38 10.50
CA TYR M 22 -34.61 -18.68 9.35
C TYR M 22 -33.21 -19.02 9.83
N VAL M 23 -32.59 -20.02 9.21
CA VAL M 23 -31.18 -20.48 9.42
C VAL M 23 -30.52 -20.53 8.03
N GLY M 24 -29.49 -19.68 7.82
CA GLY M 24 -28.75 -19.52 6.55
C GLY M 24 -28.09 -18.15 6.46
N VAL N 2 -33.45 -10.47 3.83
CA VAL N 2 -34.60 -10.39 2.88
C VAL N 2 -34.32 -11.25 1.66
N THR N 3 -35.20 -12.21 1.40
CA THR N 3 -35.10 -13.14 0.27
C THR N 3 -35.82 -12.46 -0.89
N ILE N 4 -35.11 -12.28 -2.00
CA ILE N 4 -35.64 -11.58 -3.19
C ILE N 4 -35.50 -12.48 -4.39
N ASP N 5 -36.54 -12.55 -5.21
CA ASP N 5 -36.55 -13.27 -6.49
C ASP N 5 -35.32 -12.84 -7.28
N ALA N 6 -34.53 -13.78 -7.73
CA ALA N 6 -33.25 -13.54 -8.44
C ALA N 6 -33.48 -12.60 -9.61
N ASP N 7 -34.66 -12.63 -10.23
CA ASP N 7 -34.94 -11.78 -11.42
C ASP N 7 -34.98 -10.32 -10.99
N LEU N 8 -35.54 -10.03 -9.82
CA LEU N 8 -35.66 -8.64 -9.31
C LEU N 8 -34.26 -8.19 -8.88
N MET N 9 -33.45 -9.09 -8.32
CA MET N 9 -32.06 -8.75 -7.93
C MET N 9 -31.24 -8.40 -9.18
N ASP N 10 -31.33 -9.18 -10.24
CA ASP N 10 -30.65 -8.88 -11.54
C ASP N 10 -31.19 -7.53 -12.05
N ALA N 11 -32.51 -7.38 -12.10
CA ALA N 11 -33.16 -6.15 -12.61
C ALA N 11 -32.69 -4.93 -11.80
N ALA N 12 -32.50 -5.07 -10.49
CA ALA N 12 -32.19 -3.96 -9.57
C ALA N 12 -30.66 -3.87 -9.36
N ASP N 13 -29.89 -4.82 -9.89
CA ASP N 13 -28.41 -4.86 -9.77
C ASP N 13 -28.04 -5.05 -8.32
N LEU N 14 -28.61 -6.08 -7.69
CA LEU N 14 -28.32 -6.45 -6.26
C LEU N 14 -27.56 -7.77 -6.29
N LEU N 15 -26.50 -7.88 -5.51
CA LEU N 15 -25.78 -9.14 -5.27
C LEU N 15 -26.28 -9.77 -3.98
N GLU N 16 -26.22 -11.10 -3.90
CA GLU N 16 -26.41 -11.81 -2.63
C GLU N 16 -25.45 -11.19 -1.60
N GLY N 17 -26.00 -10.77 -0.46
CA GLY N 17 -25.17 -10.20 0.63
C GLY N 17 -25.03 -8.68 0.54
N GLU N 18 -25.59 -8.06 -0.51
CA GLU N 18 -25.54 -6.58 -0.62
C GLU N 18 -26.53 -5.96 0.37
N GLN N 19 -26.10 -4.90 1.03
CA GLN N 19 -26.93 -4.19 2.02
C GLN N 19 -28.16 -3.59 1.34
N VAL N 20 -29.31 -3.78 1.97
CA VAL N 20 -30.61 -3.28 1.47
C VAL N 20 -31.35 -2.60 2.60
N THR N 21 -31.98 -1.47 2.28
CA THR N 21 -32.85 -0.72 3.18
C THR N 21 -34.29 -1.11 2.84
N ILE N 22 -35.05 -1.56 3.80
CA ILE N 22 -36.49 -1.86 3.58
C ILE N 22 -37.31 -0.78 4.27
N VAL N 23 -38.25 -0.22 3.54
CA VAL N 23 -39.22 0.75 4.15
C VAL N 23 -40.63 0.18 3.94
N ASP N 24 -41.45 0.22 4.97
CA ASP N 24 -42.78 -0.44 4.96
C ASP N 24 -43.86 0.63 4.84
N ILE N 25 -44.59 0.61 3.73
CA ILE N 25 -45.61 1.65 3.43
C ILE N 25 -46.80 1.48 4.39
N ASP N 26 -47.04 0.26 4.84
CA ASP N 26 -48.20 -0.03 5.72
C ASP N 26 -48.00 0.50 7.13
N ASN N 27 -46.83 0.32 7.75
CA ASN N 27 -46.68 0.69 9.18
C ASN N 27 -45.54 1.71 9.35
N GLY N 28 -44.81 2.10 8.30
CA GLY N 28 -43.75 3.13 8.44
C GLY N 28 -42.43 2.60 8.98
N ALA N 29 -42.28 1.30 9.24
CA ALA N 29 -40.99 0.71 9.63
C ALA N 29 -39.92 0.96 8.57
N ARG N 30 -38.70 1.13 9.06
CA ARG N 30 -37.52 1.43 8.22
C ARG N 30 -36.35 0.65 8.78
N LEU N 31 -35.72 -0.21 8.00
CA LEU N 31 -34.59 -0.98 8.56
C LEU N 31 -33.58 -1.29 7.48
N VAL N 32 -32.43 -1.72 7.92
CA VAL N 32 -31.31 -2.05 7.01
C VAL N 32 -31.09 -3.54 7.12
N THR N 33 -31.07 -4.23 6.01
CA THR N 33 -30.76 -5.66 5.97
C THR N 33 -29.98 -5.96 4.69
N TYR N 34 -29.79 -7.25 4.42
CA TYR N 34 -29.02 -7.67 3.25
C TYR N 34 -29.85 -8.61 2.38
N ALA N 35 -29.51 -8.69 1.10
CA ALA N 35 -30.31 -9.41 0.10
C ALA N 35 -29.86 -10.89 0.09
N ILE N 36 -30.83 -11.80 0.10
CA ILE N 36 -30.60 -13.24 -0.20
C ILE N 36 -31.35 -13.60 -1.49
N THR N 37 -30.71 -14.37 -2.37
CA THR N 37 -31.26 -14.74 -3.69
C THR N 37 -32.40 -15.73 -3.49
N GLY N 38 -33.59 -15.40 -3.98
CA GLY N 38 -34.78 -16.26 -3.91
C GLY N 38 -35.04 -16.92 -5.24
N GLU N 39 -35.86 -17.97 -5.25
CA GLU N 39 -36.18 -18.79 -6.46
C GLU N 39 -36.53 -17.84 -7.62
N ARG N 40 -35.86 -17.95 -8.74
CA ARG N 40 -36.02 -17.04 -9.89
C ARG N 40 -37.44 -17.14 -10.47
N GLY N 41 -38.09 -16.01 -10.72
CA GLY N 41 -39.46 -15.96 -11.27
C GLY N 41 -40.56 -16.34 -10.29
N SER N 42 -40.25 -16.68 -9.03
CA SER N 42 -41.25 -17.01 -7.99
C SER N 42 -41.99 -15.78 -7.45
N GLY N 43 -41.44 -14.58 -7.63
CA GLY N 43 -42.01 -13.35 -7.03
C GLY N 43 -41.88 -13.33 -5.50
N VAL N 44 -40.95 -14.13 -4.96
CA VAL N 44 -40.72 -14.21 -3.50
C VAL N 44 -40.16 -12.87 -2.98
N ILE N 45 -40.78 -12.36 -1.91
CA ILE N 45 -40.21 -11.31 -1.05
C ILE N 45 -40.31 -11.82 0.37
N GLY N 46 -39.24 -12.43 0.88
CA GLY N 46 -39.26 -13.09 2.18
C GLY N 46 -38.53 -12.30 3.25
N ILE N 47 -39.22 -11.97 4.33
CA ILE N 47 -38.58 -11.31 5.51
C ILE N 47 -38.14 -12.43 6.46
N ASN N 48 -36.85 -12.50 6.74
CA ASN N 48 -36.23 -13.52 7.61
C ASN N 48 -35.74 -12.89 8.92
N GLY N 49 -35.90 -13.62 10.01
CA GLY N 49 -35.29 -13.28 11.31
C GLY N 49 -35.96 -12.09 11.99
N ALA N 50 -35.21 -11.27 12.68
CA ALA N 50 -35.66 -10.19 13.57
C ALA N 50 -36.54 -9.19 12.81
N ALA N 51 -36.27 -9.00 11.53
CA ALA N 51 -37.01 -8.07 10.65
C ALA N 51 -38.51 -8.44 10.60
N ALA N 52 -38.86 -9.69 10.81
CA ALA N 52 -40.26 -10.20 10.75
C ALA N 52 -41.11 -9.54 11.85
N HIS N 53 -40.51 -8.99 12.88
CA HIS N 53 -41.24 -8.22 13.92
C HIS N 53 -41.76 -6.94 13.31
N LEU N 54 -41.09 -6.39 12.30
CA LEU N 54 -41.40 -5.01 11.82
C LEU N 54 -42.13 -5.05 10.48
N VAL N 55 -41.84 -6.03 9.65
CA VAL N 55 -42.32 -6.10 8.25
C VAL N 55 -43.04 -7.43 8.10
N HIS N 56 -44.28 -7.39 7.69
CA HIS N 56 -45.18 -8.55 7.71
C HIS N 56 -45.70 -8.88 6.32
N PRO N 57 -46.04 -10.17 6.10
CA PRO N 57 -46.77 -10.59 4.91
C PRO N 57 -48.00 -9.71 4.62
N GLY N 58 -48.13 -9.33 3.36
CA GLY N 58 -49.20 -8.45 2.87
C GLY N 58 -48.77 -7.00 2.83
N ASP N 59 -47.70 -6.64 3.53
CA ASP N 59 -47.23 -5.22 3.56
C ASP N 59 -46.69 -4.83 2.18
N LEU N 60 -46.96 -3.61 1.78
CA LEU N 60 -46.28 -2.95 0.64
C LEU N 60 -44.95 -2.40 1.13
N VAL N 61 -43.86 -2.77 0.45
CA VAL N 61 -42.50 -2.29 0.87
C VAL N 61 -41.78 -1.67 -0.32
N ILE N 62 -40.81 -0.84 0.00
CA ILE N 62 -39.80 -0.34 -0.98
C ILE N 62 -38.44 -0.88 -0.54
N LEU N 63 -37.71 -1.47 -1.48
CA LEU N 63 -36.35 -1.98 -1.20
C LEU N 63 -35.35 -1.05 -1.90
N ILE N 64 -34.34 -0.60 -1.16
CA ILE N 64 -33.37 0.42 -1.63
C ILE N 64 -31.96 -0.07 -1.40
N ALA N 65 -31.06 0.13 -2.35
CA ALA N 65 -29.59 -0.02 -2.09
C ALA N 65 -28.92 1.32 -2.45
N TYR N 66 -27.87 1.61 -1.74
CA TYR N 66 -27.05 2.84 -1.95
C TYR N 66 -25.64 2.38 -2.27
N ALA N 67 -24.89 3.23 -2.96
CA ALA N 67 -23.47 3.06 -3.27
C ALA N 67 -22.75 4.38 -2.97
N THR N 68 -21.51 4.25 -2.58
CA THR N 68 -20.62 5.38 -2.35
C THR N 68 -19.84 5.55 -3.65
N MET N 69 -19.83 6.77 -4.16
CA MET N 69 -19.07 7.04 -5.38
C MET N 69 -18.53 8.48 -5.37
N ASP N 70 -17.45 8.69 -6.11
CA ASP N 70 -16.77 9.99 -6.22
C ASP N 70 -17.75 10.97 -6.87
N ASP N 71 -17.57 12.24 -6.55
CA ASP N 71 -18.38 13.36 -7.08
C ASP N 71 -18.63 13.17 -8.59
N ALA N 72 -17.61 12.91 -9.38
CA ALA N 72 -17.75 12.86 -10.86
C ALA N 72 -18.77 11.80 -11.26
N ARG N 73 -18.64 10.59 -10.74
CA ARG N 73 -19.54 9.44 -11.07
C ARG N 73 -20.95 9.73 -10.53
N ALA N 74 -21.06 10.36 -9.36
CA ALA N 74 -22.37 10.64 -8.71
C ALA N 74 -23.26 11.49 -9.64
N ARG N 75 -22.65 12.40 -10.42
CA ARG N 75 -23.39 13.36 -11.28
C ARG N 75 -23.92 12.66 -12.53
N THR N 76 -23.37 11.49 -12.90
CA THR N 76 -23.69 10.80 -14.16
C THR N 76 -24.37 9.46 -13.91
N TYR N 77 -24.24 8.89 -12.70
CA TYR N 77 -24.75 7.52 -12.41
C TYR N 77 -26.27 7.46 -12.60
N GLN N 78 -26.76 6.42 -13.26
CA GLN N 78 -28.22 6.19 -13.46
C GLN N 78 -28.67 4.99 -12.63
N PRO N 79 -29.52 5.20 -11.62
CA PRO N 79 -29.99 4.11 -10.76
C PRO N 79 -30.90 3.12 -11.51
N ARG N 80 -30.90 1.88 -11.04
CA ARG N 80 -31.82 0.82 -11.50
C ARG N 80 -33.08 0.94 -10.65
N ILE N 81 -34.19 1.34 -11.29
CA ILE N 81 -35.52 1.43 -10.63
C ILE N 81 -36.40 0.31 -11.16
N VAL N 82 -36.87 -0.60 -10.32
CA VAL N 82 -37.69 -1.74 -10.78
C VAL N 82 -39.10 -1.60 -10.19
N PHE N 83 -40.08 -1.40 -11.04
CA PHE N 83 -41.51 -1.34 -10.69
C PHE N 83 -42.07 -2.76 -10.80
N VAL N 84 -42.96 -3.16 -9.89
CA VAL N 84 -43.52 -4.53 -9.84
C VAL N 84 -45.03 -4.46 -9.68
N ASP N 85 -45.72 -5.50 -10.15
CA ASP N 85 -47.19 -5.64 -9.99
C ASP N 85 -47.48 -6.24 -8.62
N ALA N 86 -48.75 -6.51 -8.31
CA ALA N 86 -49.18 -7.09 -7.01
C ALA N 86 -48.53 -8.47 -6.79
N TYR N 87 -47.98 -9.11 -7.84
CA TYR N 87 -47.39 -10.47 -7.75
C TYR N 87 -45.87 -10.40 -7.85
N ASN N 88 -45.30 -9.21 -7.72
CA ASN N 88 -43.83 -8.98 -7.64
C ASN N 88 -43.18 -9.39 -8.97
N LYS N 89 -43.87 -9.12 -10.09
CA LYS N 89 -43.32 -9.29 -11.45
C LYS N 89 -42.96 -7.93 -12.00
N PRO N 90 -41.77 -7.79 -12.61
CA PRO N 90 -41.33 -6.50 -13.16
C PRO N 90 -42.28 -5.90 -14.21
N ILE N 91 -42.30 -4.57 -14.33
CA ILE N 91 -43.02 -3.77 -15.38
C ILE N 91 -42.00 -2.92 -16.14
N MET O 1 -7.40 6.58 5.73
CA MET O 1 -8.52 6.65 6.73
C MET O 1 -9.54 7.74 6.36
N LEU O 2 -10.77 7.33 6.11
CA LEU O 2 -11.83 8.20 5.55
C LEU O 2 -12.81 8.55 6.67
N ARG O 3 -13.13 9.84 6.79
CA ARG O 3 -14.11 10.36 7.78
C ARG O 3 -15.43 10.63 7.05
N THR O 4 -16.52 10.60 7.77
CA THR O 4 -17.82 11.05 7.27
C THR O 4 -17.96 12.48 7.75
N MET O 5 -18.14 13.40 6.83
CA MET O 5 -18.29 14.83 7.23
C MET O 5 -19.61 15.38 6.72
N LEU O 6 -20.17 16.31 7.48
CA LEU O 6 -21.36 17.08 6.99
C LEU O 6 -20.95 17.80 5.70
N LYS O 7 -21.80 17.67 4.69
CA LYS O 7 -21.66 18.26 3.35
C LYS O 7 -22.75 19.32 3.10
N SER O 8 -23.97 19.06 3.50
CA SER O 8 -25.16 19.90 3.12
C SER O 8 -26.08 20.00 4.32
N LYS O 9 -26.64 21.18 4.56
CA LYS O 9 -27.65 21.38 5.62
C LYS O 9 -28.69 22.40 5.18
N ILE O 10 -29.94 22.00 5.16
CA ILE O 10 -31.08 22.93 4.92
C ILE O 10 -31.79 23.08 6.25
N HIS O 11 -31.68 24.27 6.82
CA HIS O 11 -32.04 24.51 8.23
C HIS O 11 -33.44 25.11 8.39
N ARG O 12 -34.29 24.36 9.07
CA ARG O 12 -35.62 24.80 9.57
C ARG O 12 -36.50 25.15 8.38
N ALA O 13 -36.61 24.22 7.43
CA ALA O 13 -37.61 24.24 6.37
C ALA O 13 -38.93 23.74 6.92
N THR O 14 -40.01 24.16 6.29
CA THR O 14 -41.38 23.74 6.68
C THR O 14 -41.82 22.70 5.67
N VAL O 15 -42.24 21.54 6.16
CA VAL O 15 -42.77 20.50 5.24
C VAL O 15 -44.08 21.05 4.64
N THR O 16 -44.19 21.02 3.33
CA THR O 16 -45.33 21.61 2.58
C THR O 16 -46.35 20.52 2.21
N CYS O 17 -45.93 19.30 1.97
CA CYS O 17 -46.86 18.19 1.66
C CYS O 17 -46.21 16.88 2.03
N ALA O 18 -47.04 15.84 2.15
CA ALA O 18 -46.67 14.44 2.36
C ALA O 18 -47.68 13.54 1.63
N ASP O 19 -47.20 12.49 1.00
CA ASP O 19 -48.10 11.55 0.28
C ASP O 19 -47.59 10.14 0.56
N LEU O 20 -48.38 9.38 1.32
CA LEU O 20 -48.02 8.01 1.73
C LEU O 20 -47.98 7.15 0.48
N HIS O 21 -48.90 7.43 -0.44
CA HIS O 21 -49.14 6.52 -1.59
C HIS O 21 -48.59 7.11 -2.89
N TYR O 22 -47.56 7.95 -2.82
CA TYR O 22 -46.81 8.47 -4.01
C TYR O 22 -46.41 7.29 -4.91
N VAL O 23 -46.46 7.49 -6.23
CA VAL O 23 -45.98 6.52 -7.26
C VAL O 23 -45.04 7.26 -8.21
N GLY O 24 -43.75 6.87 -8.25
CA GLY O 24 -42.67 7.50 -9.03
C GLY O 24 -41.30 7.23 -8.45
N VAL P 2 -37.74 12.33 -0.56
CA VAL P 2 -38.00 13.76 -0.17
C VAL P 2 -37.80 14.65 -1.39
N THR P 3 -38.86 15.37 -1.76
CA THR P 3 -38.86 16.28 -2.90
C THR P 3 -38.38 17.63 -2.40
N ILE P 4 -37.32 18.16 -2.99
CA ILE P 4 -36.71 19.44 -2.56
C ILE P 4 -36.67 20.38 -3.74
N ASP P 5 -37.03 21.63 -3.51
CA ASP P 5 -36.97 22.73 -4.49
C ASP P 5 -35.56 22.73 -5.07
N ALA P 6 -35.43 22.69 -6.38
CA ALA P 6 -34.15 22.64 -7.10
C ALA P 6 -33.22 23.76 -6.62
N ASP P 7 -33.78 24.91 -6.21
CA ASP P 7 -32.94 26.05 -5.75
C ASP P 7 -32.22 25.67 -4.46
N LEU P 8 -32.90 24.95 -3.56
CA LEU P 8 -32.31 24.54 -2.26
C LEU P 8 -31.30 23.43 -2.52
N MET P 9 -31.56 22.57 -3.50
CA MET P 9 -30.60 21.49 -3.86
C MET P 9 -29.30 22.10 -4.42
N ASP P 10 -29.41 23.09 -5.31
CA ASP P 10 -28.23 23.84 -5.83
C ASP P 10 -27.54 24.55 -4.67
N ALA P 11 -28.30 25.25 -3.84
CA ALA P 11 -27.76 26.02 -2.68
C ALA P 11 -27.02 25.08 -1.73
N ALA P 12 -27.54 23.86 -1.54
CA ALA P 12 -27.01 22.89 -0.55
C ALA P 12 -26.03 21.94 -1.22
N ASP P 13 -25.88 22.00 -2.55
CA ASP P 13 -25.00 21.11 -3.35
C ASP P 13 -25.48 19.68 -3.16
N LEU P 14 -26.76 19.43 -3.43
CA LEU P 14 -27.38 18.08 -3.34
C LEU P 14 -27.70 17.64 -4.77
N LEU P 15 -27.40 16.37 -5.06
CA LEU P 15 -27.79 15.77 -6.36
C LEU P 15 -29.08 14.96 -6.17
N GLU P 16 -29.88 14.89 -7.22
CA GLU P 16 -31.01 13.93 -7.29
C GLU P 16 -30.46 12.55 -6.95
N GLY P 17 -31.06 11.89 -5.97
CA GLY P 17 -30.66 10.52 -5.58
C GLY P 17 -29.61 10.50 -4.49
N GLU P 18 -29.13 11.66 -4.04
CA GLU P 18 -28.18 11.71 -2.91
C GLU P 18 -28.90 11.36 -1.61
N GLN P 19 -28.26 10.55 -0.78
CA GLN P 19 -28.85 10.12 0.50
C GLN P 19 -28.97 11.34 1.42
N VAL P 20 -30.13 11.47 2.05
CA VAL P 20 -30.46 12.62 2.91
C VAL P 20 -31.07 12.12 4.20
N THR P 21 -30.64 12.74 5.31
CA THR P 21 -31.19 12.47 6.65
C THR P 21 -32.20 13.57 6.92
N ILE P 22 -33.42 13.21 7.27
CA ILE P 22 -34.42 14.21 7.69
C ILE P 22 -34.61 14.09 9.19
N VAL P 23 -34.54 15.21 9.89
CA VAL P 23 -34.85 15.23 11.33
C VAL P 23 -36.00 16.22 11.56
N ASP P 24 -36.99 15.81 12.36
CA ASP P 24 -38.24 16.58 12.55
C ASP P 24 -38.18 17.29 13.91
N ILE P 25 -38.15 18.61 13.89
CA ILE P 25 -38.01 19.43 15.13
C ILE P 25 -39.29 19.31 15.94
N ASP P 26 -40.43 19.10 15.28
CA ASP P 26 -41.73 19.03 15.98
C ASP P 26 -41.89 17.74 16.78
N ASN P 27 -41.57 16.58 16.23
CA ASN P 27 -41.86 15.31 16.94
C ASN P 27 -40.58 14.49 17.20
N GLY P 28 -39.40 14.94 16.74
CA GLY P 28 -38.13 14.25 17.02
C GLY P 28 -37.87 13.04 16.13
N ALA P 29 -38.71 12.75 15.14
CA ALA P 29 -38.46 11.67 14.15
C ALA P 29 -37.15 11.97 13.40
N ARG P 30 -36.47 10.88 13.06
CA ARG P 30 -35.17 10.90 12.37
C ARG P 30 -35.21 9.79 11.33
N LEU P 31 -35.00 10.10 10.06
CA LEU P 31 -34.95 9.01 9.07
C LEU P 31 -34.01 9.34 7.95
N VAL P 32 -33.69 8.32 7.18
CA VAL P 32 -32.73 8.44 6.07
C VAL P 32 -33.51 8.21 4.81
N THR P 33 -33.38 9.12 3.87
CA THR P 33 -34.03 9.01 2.56
C THR P 33 -33.13 9.63 1.51
N TYR P 34 -33.67 9.76 0.30
CA TYR P 34 -32.86 10.34 -0.80
C TYR P 34 -33.60 11.52 -1.39
N ALA P 35 -32.85 12.42 -2.04
CA ALA P 35 -33.37 13.70 -2.54
C ALA P 35 -33.98 13.49 -3.93
N ILE P 36 -35.16 14.04 -4.14
CA ILE P 36 -35.78 14.18 -5.49
C ILE P 36 -35.93 15.67 -5.81
N THR P 37 -35.56 16.07 -7.03
CA THR P 37 -35.57 17.49 -7.47
C THR P 37 -37.03 17.96 -7.61
N GLY P 38 -37.41 18.99 -6.89
CA GLY P 38 -38.76 19.58 -6.91
C GLY P 38 -38.79 20.87 -7.73
N GLU P 39 -39.98 21.32 -8.10
CA GLU P 39 -40.20 22.51 -8.96
C GLU P 39 -39.36 23.68 -8.42
N ARG P 40 -38.51 24.27 -9.25
CA ARG P 40 -37.56 25.34 -8.83
C ARG P 40 -38.35 26.57 -8.36
N GLY P 41 -37.97 27.15 -7.22
CA GLY P 41 -38.59 28.35 -6.64
C GLY P 41 -39.96 28.11 -6.04
N SER P 42 -40.48 26.88 -6.03
CA SER P 42 -41.81 26.55 -5.43
C SER P 42 -41.73 26.49 -3.89
N GLY P 43 -40.53 26.34 -3.32
CA GLY P 43 -40.36 26.16 -1.88
C GLY P 43 -40.89 24.81 -1.40
N VAL P 44 -41.03 23.85 -2.32
CA VAL P 44 -41.55 22.49 -1.99
C VAL P 44 -40.53 21.76 -1.09
N ILE P 45 -41.03 21.21 -0.01
CA ILE P 45 -40.34 20.19 0.81
C ILE P 45 -41.35 19.05 0.98
N GLY P 46 -41.30 18.06 0.09
CA GLY P 46 -42.36 17.05 -0.05
C GLY P 46 -41.93 15.71 0.51
N ILE P 47 -42.67 15.20 1.50
CA ILE P 47 -42.40 13.86 2.08
C ILE P 47 -43.23 12.85 1.30
N ASN P 48 -42.58 11.89 0.66
CA ASN P 48 -43.24 10.87 -0.20
C ASN P 48 -43.10 9.50 0.47
N GLY P 49 -44.17 8.70 0.38
CA GLY P 49 -44.15 7.28 0.76
C GLY P 49 -44.11 7.07 2.26
N ALA P 50 -43.38 6.05 2.71
CA ALA P 50 -43.40 5.54 4.11
C ALA P 50 -43.07 6.65 5.11
N ALA P 51 -42.24 7.61 4.72
CA ALA P 51 -41.81 8.73 5.58
C ALA P 51 -43.02 9.56 6.07
N ALA P 52 -44.11 9.58 5.31
CA ALA P 52 -45.31 10.39 5.62
C ALA P 52 -45.96 9.93 6.93
N HIS P 53 -45.68 8.69 7.38
CA HIS P 53 -46.14 8.22 8.71
C HIS P 53 -45.46 9.04 9.81
N LEU P 54 -44.23 9.51 9.58
CA LEU P 54 -43.40 10.04 10.68
C LEU P 54 -43.29 11.56 10.59
N VAL P 55 -43.33 12.13 9.39
CA VAL P 55 -43.06 13.56 9.15
C VAL P 55 -44.31 14.12 8.45
N HIS P 56 -44.87 15.15 9.05
CA HIS P 56 -46.20 15.68 8.64
C HIS P 56 -46.13 17.11 8.17
N PRO P 57 -47.07 17.49 7.27
CA PRO P 57 -47.12 18.86 6.76
C PRO P 57 -47.14 19.89 7.88
N GLY P 58 -46.33 20.93 7.75
CA GLY P 58 -46.25 22.01 8.75
C GLY P 58 -45.14 21.77 9.75
N ASP P 59 -44.57 20.54 9.79
CA ASP P 59 -43.42 20.26 10.68
C ASP P 59 -42.19 21.06 10.21
N LEU P 60 -41.42 21.57 11.16
CA LEU P 60 -40.09 22.14 10.90
C LEU P 60 -39.08 20.99 10.82
N VAL P 61 -38.31 20.93 9.75
CA VAL P 61 -37.34 19.84 9.52
C VAL P 61 -35.96 20.39 9.19
N ILE P 62 -34.96 19.57 9.48
CA ILE P 62 -33.57 19.81 9.03
C ILE P 62 -33.21 18.69 8.06
N LEU P 63 -32.69 19.04 6.90
CA LEU P 63 -32.24 18.07 5.88
C LEU P 63 -30.71 18.06 5.87
N ILE P 64 -30.10 16.88 5.97
CA ILE P 64 -28.65 16.74 6.14
C ILE P 64 -28.11 15.75 5.11
N ALA P 65 -26.98 16.04 4.48
CA ALA P 65 -26.22 15.08 3.69
C ALA P 65 -24.79 15.06 4.17
N TYR P 66 -24.11 13.94 4.04
CA TYR P 66 -22.74 13.71 4.51
C TYR P 66 -21.91 13.29 3.32
N ALA P 67 -20.58 13.40 3.41
CA ALA P 67 -19.61 12.92 2.40
C ALA P 67 -18.48 12.20 3.10
N THR P 68 -17.95 11.19 2.45
CA THR P 68 -16.83 10.41 2.98
C THR P 68 -15.56 10.98 2.37
N MET P 69 -14.59 11.35 3.15
CA MET P 69 -13.34 11.87 2.56
C MET P 69 -12.12 11.56 3.42
N ASP P 70 -10.97 11.56 2.79
CA ASP P 70 -9.65 11.32 3.44
C ASP P 70 -9.42 12.42 4.47
N ASP P 71 -8.67 12.06 5.50
CA ASP P 71 -8.27 12.94 6.62
C ASP P 71 -7.90 14.34 6.09
N ALA P 72 -7.05 14.45 5.08
CA ALA P 72 -6.52 15.76 4.64
C ALA P 72 -7.68 16.67 4.19
N ARG P 73 -8.57 16.16 3.34
CA ARG P 73 -9.70 16.92 2.79
C ARG P 73 -10.70 17.25 3.91
N ALA P 74 -10.88 16.33 4.86
CA ALA P 74 -11.87 16.49 5.95
C ALA P 74 -11.55 17.74 6.77
N ARG P 75 -10.26 18.09 6.92
CA ARG P 75 -9.81 19.20 7.79
C ARG P 75 -10.06 20.54 7.10
N THR P 76 -10.25 20.54 5.77
CA THR P 76 -10.38 21.79 4.98
C THR P 76 -11.77 21.93 4.36
N TYR P 77 -12.51 20.84 4.23
CA TYR P 77 -13.83 20.84 3.56
C TYR P 77 -14.82 21.79 4.27
N GLN P 78 -15.52 22.62 3.49
CA GLN P 78 -16.53 23.58 4.02
C GLN P 78 -17.91 23.13 3.57
N PRO P 79 -18.79 22.73 4.52
CA PRO P 79 -20.16 22.39 4.19
C PRO P 79 -20.98 23.59 3.65
N ARG P 80 -21.97 23.27 2.84
CA ARG P 80 -22.98 24.22 2.35
C ARG P 80 -24.11 24.28 3.35
N ILE P 81 -24.26 25.42 4.03
CA ILE P 81 -25.35 25.63 5.03
C ILE P 81 -26.39 26.59 4.44
N VAL P 82 -27.63 26.17 4.32
CA VAL P 82 -28.70 26.97 3.68
C VAL P 82 -29.75 27.32 4.73
N PHE P 83 -29.86 28.61 5.04
CA PHE P 83 -30.94 29.15 5.91
C PHE P 83 -32.12 29.52 5.02
N VAL P 84 -33.35 29.28 5.49
CA VAL P 84 -34.58 29.54 4.70
C VAL P 84 -35.58 30.30 5.55
N ASP P 85 -36.46 31.05 4.88
CA ASP P 85 -37.56 31.80 5.54
C ASP P 85 -38.73 30.85 5.73
N ALA P 86 -39.85 31.35 6.25
CA ALA P 86 -41.09 30.60 6.49
C ALA P 86 -41.61 29.97 5.17
N TYR P 87 -41.17 30.44 4.00
CA TYR P 87 -41.66 29.97 2.68
C TYR P 87 -40.60 29.11 1.98
N ASN P 88 -39.56 28.70 2.72
CA ASN P 88 -38.49 27.80 2.20
C ASN P 88 -37.73 28.47 1.06
N LYS P 89 -37.49 29.78 1.17
CA LYS P 89 -36.63 30.54 0.23
C LYS P 89 -35.31 30.82 0.92
N PRO P 90 -34.15 30.61 0.26
CA PRO P 90 -32.85 30.89 0.84
C PRO P 90 -32.65 32.33 1.36
N ILE P 91 -31.81 32.49 2.39
CA ILE P 91 -31.36 33.79 2.98
C ILE P 91 -29.82 33.78 3.00
N MET Q 1 12.59 4.55 -31.28
CA MET Q 1 12.16 5.88 -30.79
C MET Q 1 12.09 5.87 -29.26
N LEU Q 2 12.84 6.78 -28.64
CA LEU Q 2 12.80 6.99 -27.17
C LEU Q 2 11.97 8.24 -26.87
N ARG Q 3 11.07 8.12 -25.91
CA ARG Q 3 10.27 9.26 -25.36
C ARG Q 3 10.89 9.71 -24.04
N THR Q 4 10.75 10.97 -23.72
CA THR Q 4 11.13 11.49 -22.41
C THR Q 4 9.87 11.49 -21.58
N MET Q 5 9.90 10.81 -20.46
CA MET Q 5 8.69 10.57 -19.63
C MET Q 5 8.93 11.02 -18.21
N LEU Q 6 7.88 11.45 -17.54
CA LEU Q 6 7.91 11.67 -16.08
C LEU Q 6 8.26 10.36 -15.38
N LYS Q 7 9.25 10.40 -14.50
CA LYS Q 7 9.70 9.25 -13.68
C LYS Q 7 9.40 9.48 -12.19
N SER Q 8 9.63 10.68 -11.70
CA SER Q 8 9.56 11.01 -10.26
C SER Q 8 8.94 12.38 -10.11
N LYS Q 9 8.10 12.55 -9.08
CA LYS Q 9 7.54 13.86 -8.69
C LYS Q 9 7.40 13.91 -7.17
N ILE Q 10 7.98 14.92 -6.56
CA ILE Q 10 7.69 15.29 -5.15
C ILE Q 10 6.84 16.54 -5.20
N HIS Q 11 5.59 16.37 -4.78
CA HIS Q 11 4.54 17.41 -4.93
C HIS Q 11 4.37 18.29 -3.68
N ARG Q 12 4.63 19.57 -3.88
CA ARG Q 12 4.31 20.66 -2.91
C ARG Q 12 5.07 20.44 -1.62
N ALA Q 13 6.40 20.28 -1.75
CA ALA Q 13 7.32 20.29 -0.60
C ALA Q 13 7.61 21.73 -0.23
N THR Q 14 7.99 21.92 1.02
CA THR Q 14 8.29 23.27 1.54
C THR Q 14 9.79 23.36 1.64
N VAL Q 15 10.35 24.41 1.04
CA VAL Q 15 11.81 24.64 1.10
C VAL Q 15 12.15 24.94 2.57
N THR Q 16 13.14 24.21 3.10
CA THR Q 16 13.54 24.34 4.54
C THR Q 16 14.76 25.24 4.67
N CYS Q 17 15.65 25.26 3.69
CA CYS Q 17 16.85 26.15 3.71
C CYS Q 17 17.30 26.46 2.29
N ALA Q 18 18.07 27.52 2.17
CA ALA Q 18 18.72 27.99 0.94
C ALA Q 18 20.07 28.61 1.30
N ASP Q 19 21.12 28.30 0.54
CA ASP Q 19 22.48 28.75 0.91
C ASP Q 19 23.19 29.08 -0.39
N LEU Q 20 23.43 30.37 -0.64
CA LEU Q 20 24.09 30.85 -1.87
C LEU Q 20 25.52 30.33 -1.86
N HIS Q 21 26.12 30.30 -0.68
CA HIS Q 21 27.56 30.07 -0.56
C HIS Q 21 27.86 28.65 -0.04
N TYR Q 22 26.97 27.68 -0.27
CA TYR Q 22 27.21 26.24 0.01
C TYR Q 22 28.55 25.82 -0.62
N VAL Q 23 29.31 24.97 0.07
CA VAL Q 23 30.58 24.35 -0.43
C VAL Q 23 30.48 22.83 -0.24
N GLY Q 24 30.48 22.07 -1.33
CA GLY Q 24 30.31 20.60 -1.37
C GLY Q 24 29.78 20.09 -2.70
N VAL R 2 20.24 20.50 -4.99
CA VAL R 2 19.04 20.40 -4.07
C VAL R 2 19.21 19.21 -3.15
N THR R 3 19.23 19.48 -1.85
CA THR R 3 19.36 18.46 -0.81
C THR R 3 17.97 17.96 -0.47
N ILE R 4 17.74 16.66 -0.62
CA ILE R 4 16.40 16.04 -0.40
C ILE R 4 16.54 14.94 0.64
N ASP R 5 15.60 14.91 1.58
CA ASP R 5 15.49 13.88 2.61
C ASP R 5 15.54 12.52 1.93
N ALA R 6 16.43 11.66 2.35
CA ALA R 6 16.65 10.31 1.77
C ALA R 6 15.33 9.55 1.67
N ASP R 7 14.39 9.79 2.58
CA ASP R 7 13.09 9.06 2.56
C ASP R 7 12.30 9.46 1.32
N LEU R 8 12.34 10.74 0.95
CA LEU R 8 11.61 11.25 -0.25
C LEU R 8 12.32 10.77 -1.50
N MET R 9 13.65 10.67 -1.47
CA MET R 9 14.43 10.16 -2.62
C MET R 9 14.09 8.69 -2.87
N ASP R 10 14.04 7.88 -1.81
CA ASP R 10 13.61 6.45 -1.91
C ASP R 10 12.18 6.39 -2.42
N ALA R 11 11.29 7.17 -1.80
CA ALA R 11 9.85 7.20 -2.15
C ALA R 11 9.68 7.58 -3.62
N ALA R 12 10.50 8.50 -4.12
CA ALA R 12 10.37 9.08 -5.48
C ALA R 12 11.26 8.33 -6.46
N ASP R 13 12.11 7.40 -5.97
CA ASP R 13 13.08 6.63 -6.80
C ASP R 13 14.05 7.61 -7.45
N LEU R 14 14.69 8.45 -6.63
CA LEU R 14 15.72 9.43 -7.09
C LEU R 14 17.06 8.96 -6.57
N LEU R 15 18.09 9.01 -7.44
CA LEU R 15 19.48 8.73 -7.02
C LEU R 15 20.20 10.04 -6.74
N GLU R 16 21.17 10.00 -5.83
CA GLU R 16 22.15 11.08 -5.65
C GLU R 16 22.76 11.36 -7.04
N GLY R 17 22.70 12.63 -7.46
CA GLY R 17 23.31 13.06 -8.72
C GLY R 17 22.33 13.01 -9.87
N GLU R 18 21.09 12.57 -9.63
CA GLU R 18 20.08 12.51 -10.72
C GLU R 18 19.61 13.92 -11.04
N GLN R 19 19.46 14.25 -12.31
CA GLN R 19 18.99 15.59 -12.73
C GLN R 19 17.55 15.79 -12.25
N VAL R 20 17.30 16.96 -11.66
CA VAL R 20 15.99 17.30 -11.08
C VAL R 20 15.60 18.70 -11.53
N THR R 21 14.32 18.84 -11.88
CA THR R 21 13.72 20.13 -12.24
C THR R 21 13.00 20.63 -10.98
N ILE R 22 13.30 21.84 -10.55
CA ILE R 22 12.53 22.46 -9.44
C ILE R 22 11.65 23.54 -10.01
N VAL R 23 10.39 23.51 -9.64
CA VAL R 23 9.46 24.60 -10.04
C VAL R 23 8.87 25.21 -8.76
N ASP R 24 8.82 26.52 -8.68
CA ASP R 24 8.45 27.25 -7.43
C ASP R 24 7.02 27.78 -7.56
N ILE R 25 6.11 27.27 -6.74
CA ILE R 25 4.68 27.63 -6.81
C ILE R 25 4.50 29.10 -6.38
N ASP R 26 5.37 29.58 -5.50
CA ASP R 26 5.24 30.94 -4.95
C ASP R 26 5.62 32.00 -5.98
N ASN R 27 6.72 31.86 -6.71
CA ASN R 27 7.17 32.96 -7.60
C ASN R 27 7.26 32.49 -9.06
N GLY R 28 6.99 31.22 -9.37
CA GLY R 28 7.01 30.76 -10.78
C GLY R 28 8.40 30.44 -11.34
N ALA R 29 9.46 30.53 -10.56
CA ALA R 29 10.81 30.13 -11.00
C ALA R 29 10.83 28.65 -11.38
N ARG R 30 11.67 28.35 -12.35
CA ARG R 30 11.83 27.01 -12.94
C ARG R 30 13.32 26.80 -13.18
N LEU R 31 13.90 25.75 -12.63
CA LEU R 31 15.34 25.53 -12.89
C LEU R 31 15.67 24.04 -12.86
N VAL R 32 16.81 23.73 -13.41
CA VAL R 32 17.27 22.33 -13.51
C VAL R 32 18.47 22.21 -12.59
N THR R 33 18.44 21.22 -11.72
CA THR R 33 19.56 20.93 -10.83
C THR R 33 19.63 19.42 -10.61
N TYR R 34 20.48 19.03 -9.67
CA TYR R 34 20.65 17.60 -9.37
C TYR R 34 20.39 17.34 -7.89
N ALA R 35 20.05 16.10 -7.58
CA ALA R 35 19.61 15.70 -6.22
C ALA R 35 20.83 15.36 -5.38
N ILE R 36 20.89 15.88 -4.18
CA ILE R 36 21.84 15.44 -3.10
C ILE R 36 21.04 14.82 -1.96
N THR R 37 21.51 13.68 -1.44
CA THR R 37 20.82 12.93 -0.36
C THR R 37 20.93 13.72 0.94
N GLY R 38 19.82 14.06 1.55
CA GLY R 38 19.74 14.78 2.83
C GLY R 38 19.42 13.84 3.98
N GLU R 39 19.65 14.30 5.21
CA GLU R 39 19.46 13.51 6.45
C GLU R 39 18.09 12.84 6.41
N ARG R 40 18.03 11.52 6.55
CA ARG R 40 16.78 10.73 6.42
C ARG R 40 15.79 11.15 7.52
N GLY R 41 14.53 11.36 7.16
CA GLY R 41 13.44 11.74 8.10
C GLY R 41 13.53 13.17 8.61
N SER R 42 14.51 13.98 8.17
CA SER R 42 14.65 15.40 8.60
C SER R 42 13.63 16.31 7.89
N GLY R 43 13.05 15.85 6.77
CA GLY R 43 12.16 16.68 5.94
C GLY R 43 12.90 17.80 5.24
N VAL R 44 14.22 17.69 5.11
CA VAL R 44 15.07 18.74 4.48
C VAL R 44 14.72 18.83 2.99
N ILE R 45 14.50 20.05 2.54
CA ILE R 45 14.52 20.43 1.09
C ILE R 45 15.43 21.64 1.01
N GLY R 46 16.69 21.40 0.69
CA GLY R 46 17.76 22.42 0.79
C GLY R 46 18.19 22.93 -0.57
N ILE R 47 18.03 24.23 -0.81
CA ILE R 47 18.48 24.85 -2.08
C ILE R 47 19.91 25.34 -1.88
N ASN R 48 20.84 24.82 -2.68
CA ASN R 48 22.28 25.14 -2.57
C ASN R 48 22.74 25.97 -3.78
N GLY R 49 23.59 26.94 -3.55
CA GLY R 49 24.30 27.67 -4.62
C GLY R 49 23.40 28.66 -5.33
N ALA R 50 23.61 28.83 -6.63
CA ALA R 50 22.99 29.90 -7.47
C ALA R 50 21.47 29.82 -7.41
N ALA R 51 20.91 28.63 -7.22
CA ALA R 51 19.45 28.40 -7.15
C ALA R 51 18.82 29.23 -6.00
N ALA R 52 19.57 29.54 -4.96
CA ALA R 52 19.07 30.29 -3.78
C ALA R 52 18.64 31.70 -4.18
N HIS R 53 19.10 32.22 -5.32
CA HIS R 53 18.61 33.51 -5.85
C HIS R 53 17.14 33.38 -6.24
N LEU R 54 16.70 32.20 -6.66
CA LEU R 54 15.39 32.04 -7.32
C LEU R 54 14.37 31.36 -6.40
N VAL R 55 14.83 30.48 -5.52
CA VAL R 55 13.96 29.64 -4.67
C VAL R 55 14.38 29.91 -3.23
N HIS R 56 13.40 30.30 -2.43
CA HIS R 56 13.63 30.81 -1.06
C HIS R 56 12.96 29.96 -0.01
N PRO R 57 13.52 30.01 1.22
CA PRO R 57 12.90 29.36 2.38
C PRO R 57 11.41 29.70 2.52
N GLY R 58 10.60 28.68 2.75
CA GLY R 58 9.16 28.81 2.92
C GLY R 58 8.41 28.59 1.61
N ASP R 59 9.08 28.67 0.45
CA ASP R 59 8.41 28.50 -0.85
C ASP R 59 7.89 27.05 -0.98
N LEU R 60 6.71 26.88 -1.56
CA LEU R 60 6.21 25.58 -2.01
C LEU R 60 6.83 25.27 -3.37
N VAL R 61 7.41 24.10 -3.51
CA VAL R 61 8.07 23.67 -4.77
C VAL R 61 7.57 22.30 -5.20
N ILE R 62 7.71 22.02 -6.48
CA ILE R 62 7.52 20.67 -7.05
C ILE R 62 8.88 20.23 -7.60
N LEU R 63 9.29 19.02 -7.23
CA LEU R 63 10.55 18.42 -7.73
C LEU R 63 10.22 17.34 -8.75
N ILE R 64 10.85 17.39 -9.92
CA ILE R 64 10.51 16.50 -11.06
C ILE R 64 11.78 15.86 -11.59
N ALA R 65 11.76 14.56 -11.86
CA ALA R 65 12.78 13.88 -12.67
C ALA R 65 12.12 13.19 -13.84
N TYR R 66 12.83 13.13 -14.95
CA TYR R 66 12.33 12.46 -16.19
C TYR R 66 13.32 11.35 -16.51
N ALA R 67 12.87 10.37 -17.29
CA ALA R 67 13.68 9.29 -17.87
C ALA R 67 13.36 9.19 -19.35
N THR R 68 14.35 8.80 -20.11
CA THR R 68 14.23 8.51 -21.53
C THR R 68 14.00 7.01 -21.64
N MET R 69 12.96 6.60 -22.33
CA MET R 69 12.69 5.16 -22.48
C MET R 69 12.05 4.89 -23.84
N ASP R 70 12.19 3.66 -24.31
CA ASP R 70 11.64 3.20 -25.60
C ASP R 70 10.12 3.32 -25.53
N ASP R 71 9.52 3.52 -26.69
CA ASP R 71 8.04 3.65 -26.84
C ASP R 71 7.33 2.57 -26.01
N ALA R 72 7.74 1.31 -26.11
CA ALA R 72 6.98 0.20 -25.48
C ALA R 72 6.93 0.41 -23.96
N ARG R 73 8.07 0.69 -23.33
CA ARG R 73 8.19 0.86 -21.86
C ARG R 73 7.44 2.13 -21.44
N ALA R 74 7.48 3.18 -22.26
CA ALA R 74 6.84 4.49 -21.95
C ALA R 74 5.33 4.30 -21.71
N ARG R 75 4.70 3.38 -22.44
CA ARG R 75 3.24 3.18 -22.41
C ARG R 75 2.84 2.41 -21.15
N THR R 76 3.77 1.74 -20.47
CA THR R 76 3.47 0.88 -19.32
C THR R 76 4.11 1.41 -18.03
N TYR R 77 5.14 2.24 -18.15
CA TYR R 77 5.91 2.74 -16.98
C TYR R 77 4.97 3.56 -16.07
N GLN R 78 5.03 3.31 -14.76
CA GLN R 78 4.21 4.03 -13.76
C GLN R 78 5.14 4.91 -12.91
N PRO R 79 5.00 6.25 -13.00
CA PRO R 79 5.83 7.16 -12.24
C PRO R 79 5.58 7.06 -10.72
N ARG R 80 6.62 7.38 -9.95
CA ARG R 80 6.53 7.46 -8.48
C ARG R 80 6.12 8.89 -8.14
N ILE R 81 4.90 9.05 -7.62
CA ILE R 81 4.34 10.36 -7.22
C ILE R 81 4.27 10.38 -5.70
N VAL R 82 4.96 11.32 -5.06
CA VAL R 82 5.05 11.37 -3.58
C VAL R 82 4.36 12.66 -3.14
N PHE R 83 3.26 12.51 -2.39
CA PHE R 83 2.58 13.65 -1.73
C PHE R 83 3.19 13.79 -0.33
N VAL R 84 3.34 15.03 0.14
CA VAL R 84 3.99 15.33 1.44
C VAL R 84 3.12 16.28 2.25
N ASP R 85 3.25 16.20 3.57
CA ASP R 85 2.54 17.11 4.51
C ASP R 85 3.34 18.41 4.63
N ALA R 86 2.89 19.32 5.49
CA ALA R 86 3.54 20.62 5.77
C ALA R 86 4.99 20.41 6.26
N TYR R 87 5.35 19.21 6.72
CA TYR R 87 6.69 18.91 7.32
C TYR R 87 7.52 18.07 6.35
N ASN R 88 7.09 17.94 5.09
CA ASN R 88 7.82 17.20 4.02
C ASN R 88 7.95 15.73 4.38
N LYS R 89 6.91 15.15 4.98
CA LYS R 89 6.83 13.68 5.25
C LYS R 89 5.86 13.09 4.25
N PRO R 90 6.18 11.94 3.64
CA PRO R 90 5.28 11.27 2.70
C PRO R 90 3.89 10.93 3.26
N ILE R 91 2.88 10.88 2.38
CA ILE R 91 1.49 10.42 2.66
C ILE R 91 1.13 9.21 1.77
N MET S 1 24.64 7.27 -32.53
CA MET S 1 24.35 8.72 -32.41
C MET S 1 22.83 8.93 -32.34
N LEU S 2 22.35 9.59 -31.29
CA LEU S 2 20.92 9.94 -31.15
C LEU S 2 20.70 11.42 -31.50
N ARG S 3 19.74 11.71 -32.35
CA ARG S 3 19.26 13.07 -32.64
C ARG S 3 17.96 13.34 -31.90
N THR S 4 17.69 14.57 -31.55
CA THR S 4 16.42 14.95 -30.96
C THR S 4 15.57 15.48 -32.11
N MET S 5 14.43 14.88 -32.34
CA MET S 5 13.54 15.30 -33.46
C MET S 5 12.16 15.68 -32.97
N LEU S 6 11.52 16.62 -33.66
CA LEU S 6 10.10 16.94 -33.38
C LEU S 6 9.27 15.68 -33.59
N LYS S 7 8.42 15.33 -32.61
CA LYS S 7 7.52 14.17 -32.65
C LYS S 7 6.05 14.65 -32.68
N SER S 8 5.71 15.63 -31.87
CA SER S 8 4.30 16.04 -31.62
C SER S 8 4.23 17.56 -31.57
N LYS S 9 3.18 18.13 -32.13
CA LYS S 9 2.92 19.58 -32.07
C LYS S 9 1.41 19.81 -32.04
N ILE S 10 0.93 20.49 -31.02
CA ILE S 10 -0.46 21.04 -31.03
C ILE S 10 -0.35 22.53 -31.19
N HIS S 11 -0.80 23.00 -32.34
CA HIS S 11 -0.53 24.38 -32.81
C HIS S 11 -1.68 25.36 -32.48
N ARG S 12 -1.32 26.36 -31.68
CA ARG S 12 -2.16 27.55 -31.38
C ARG S 12 -3.44 27.11 -30.68
N ALA S 13 -3.26 26.37 -29.61
CA ALA S 13 -4.34 26.00 -28.66
C ALA S 13 -4.54 27.16 -27.70
N THR S 14 -5.73 27.23 -27.15
CA THR S 14 -6.10 28.32 -26.23
C THR S 14 -6.10 27.73 -24.84
N VAL S 15 -5.37 28.35 -23.93
CA VAL S 15 -5.40 27.90 -22.52
C VAL S 15 -6.80 28.22 -21.96
N THR S 16 -7.51 27.24 -21.42
CA THR S 16 -8.89 27.38 -20.95
C THR S 16 -8.94 27.64 -19.42
N CYS S 17 -8.00 27.11 -18.65
CA CYS S 17 -8.03 27.34 -17.19
C CYS S 17 -6.63 27.18 -16.61
N ALA S 18 -6.44 27.73 -15.43
CA ALA S 18 -5.19 27.61 -14.63
C ALA S 18 -5.55 27.53 -13.16
N ASP S 19 -4.87 26.63 -12.44
CA ASP S 19 -5.03 26.47 -10.98
C ASP S 19 -3.63 26.42 -10.36
N LEU S 20 -3.31 27.45 -9.61
CA LEU S 20 -1.98 27.61 -8.97
C LEU S 20 -1.81 26.51 -7.95
N HIS S 21 -2.91 26.17 -7.28
CA HIS S 21 -2.85 25.26 -6.12
C HIS S 21 -3.39 23.87 -6.47
N TYR S 22 -3.29 23.44 -7.71
CA TYR S 22 -3.62 22.06 -8.20
C TYR S 22 -2.95 21.04 -7.25
N VAL S 23 -3.66 19.95 -6.97
CA VAL S 23 -3.18 18.78 -6.16
C VAL S 23 -3.39 17.50 -6.98
N GLY S 24 -2.29 16.83 -7.35
CA GLY S 24 -2.28 15.62 -8.20
C GLY S 24 -0.94 15.44 -8.92
N VAL T 2 0.43 20.17 -17.33
CA VAL T 2 -0.55 20.66 -18.34
C VAL T 2 -1.58 19.56 -18.62
N THR T 3 -2.85 19.89 -18.37
CA THR T 3 -3.98 18.98 -18.58
C THR T 3 -4.43 19.18 -20.03
N ILE T 4 -4.44 18.12 -20.80
CA ILE T 4 -4.77 18.17 -22.25
C ILE T 4 -5.92 17.21 -22.51
N ASP T 5 -6.88 17.66 -23.29
CA ASP T 5 -8.03 16.86 -23.75
C ASP T 5 -7.47 15.59 -24.37
N ALA T 6 -7.94 14.43 -23.91
CA ALA T 6 -7.47 13.10 -24.36
C ALA T 6 -7.50 13.02 -25.89
N ASP T 7 -8.42 13.73 -26.56
CA ASP T 7 -8.53 13.66 -28.04
C ASP T 7 -7.29 14.29 -28.67
N LEU T 8 -6.80 15.40 -28.08
CA LEU T 8 -5.59 16.09 -28.62
C LEU T 8 -4.36 15.23 -28.31
N MET T 9 -4.34 14.56 -27.16
CA MET T 9 -3.22 13.66 -26.82
C MET T 9 -3.14 12.49 -27.80
N ASP T 10 -4.28 11.87 -28.12
CA ASP T 10 -4.35 10.78 -29.15
C ASP T 10 -3.91 11.36 -30.49
N ALA T 11 -4.48 12.50 -30.88
CA ALA T 11 -4.19 13.14 -32.18
C ALA T 11 -2.69 13.45 -32.28
N ALA T 12 -2.06 13.86 -31.19
CA ALA T 12 -0.65 14.32 -31.18
C ALA T 12 0.28 13.18 -30.78
N ASP T 13 -0.26 12.02 -30.39
CA ASP T 13 0.51 10.83 -29.95
C ASP T 13 1.30 11.21 -28.71
N LEU T 14 0.60 11.73 -27.69
CA LEU T 14 1.19 12.09 -26.38
C LEU T 14 0.67 11.10 -25.34
N LEU T 15 1.54 10.64 -24.46
CA LEU T 15 1.17 9.81 -23.30
C LEU T 15 1.06 10.68 -22.06
N GLU T 16 0.22 10.28 -21.13
CA GLU T 16 0.21 10.84 -19.77
C GLU T 16 1.64 10.74 -19.23
N GLY T 17 2.20 11.86 -18.79
CA GLY T 17 3.55 11.89 -18.19
C GLY T 17 4.63 12.17 -19.22
N GLU T 18 4.26 12.33 -20.49
CA GLU T 18 5.26 12.69 -21.52
C GLU T 18 5.70 14.13 -21.36
N GLN T 19 6.99 14.40 -21.48
CA GLN T 19 7.53 15.77 -21.36
C GLN T 19 6.99 16.63 -22.49
N VAL T 20 6.53 17.83 -22.14
CA VAL T 20 5.95 18.78 -23.12
C VAL T 20 6.55 20.15 -22.89
N THR T 21 6.88 20.81 -24.00
CA THR T 21 7.35 22.19 -24.02
C THR T 21 6.16 23.06 -24.36
N ILE T 22 5.86 24.04 -23.52
CA ILE T 22 4.76 25.01 -23.83
C ILE T 22 5.41 26.33 -24.20
N VAL T 23 4.99 26.89 -25.32
CA VAL T 23 5.45 28.26 -25.70
C VAL T 23 4.21 29.15 -25.87
N ASP T 24 4.25 30.34 -25.30
CA ASP T 24 3.08 31.25 -25.19
C ASP T 24 3.18 32.35 -26.24
N ILE T 25 2.26 32.37 -27.19
CA ILE T 25 2.29 33.35 -28.32
C ILE T 25 1.99 34.74 -27.77
N ASP T 26 1.21 34.83 -26.71
CA ASP T 26 0.80 36.13 -26.14
C ASP T 26 1.96 36.83 -25.43
N ASN T 27 2.71 36.15 -24.57
CA ASN T 27 3.72 36.86 -23.75
C ASN T 27 5.14 36.31 -24.01
N GLY T 28 5.31 35.29 -24.85
CA GLY T 28 6.66 34.79 -25.19
C GLY T 28 7.26 33.84 -24.15
N ALA T 29 6.54 33.49 -23.08
CA ALA T 29 6.99 32.47 -22.11
C ALA T 29 7.24 31.14 -22.80
N ARG T 30 8.21 30.43 -22.28
CA ARG T 30 8.66 29.11 -22.78
C ARG T 30 8.96 28.25 -21.56
N LEU T 31 8.31 27.10 -21.42
CA LEU T 31 8.65 26.24 -20.27
C LEU T 31 8.47 24.77 -20.63
N VAL T 32 9.00 23.93 -19.77
CA VAL T 32 8.96 22.48 -19.96
C VAL T 32 8.08 21.92 -18.88
N THR T 33 7.11 21.13 -19.27
CA THR T 33 6.24 20.43 -18.31
C THR T 33 5.86 19.07 -18.88
N TYR T 34 4.94 18.40 -18.20
CA TYR T 34 4.50 17.07 -18.64
C TYR T 34 2.99 17.05 -18.84
N ALA T 35 2.52 16.12 -19.66
CA ALA T 35 1.11 16.04 -20.08
C ALA T 35 0.31 15.25 -19.05
N ILE T 36 -0.84 15.78 -18.66
CA ILE T 36 -1.89 15.03 -17.90
C ILE T 36 -3.15 14.90 -18.77
N THR T 37 -3.75 13.73 -18.80
CA THR T 37 -4.93 13.43 -19.65
C THR T 37 -6.15 14.17 -19.10
N GLY T 38 -6.76 15.01 -19.91
CA GLY T 38 -7.97 15.78 -19.54
C GLY T 38 -9.22 15.17 -20.15
N GLU T 39 -10.38 15.54 -19.63
CA GLU T 39 -11.70 15.01 -20.04
C GLU T 39 -11.80 15.03 -21.57
N ARG T 40 -12.07 13.89 -22.20
CA ARG T 40 -12.07 13.74 -23.67
C ARG T 40 -13.17 14.63 -24.28
N GLY T 41 -12.85 15.37 -25.34
CA GLY T 41 -13.78 16.25 -26.06
C GLY T 41 -14.15 17.53 -25.30
N SER T 42 -13.60 17.78 -24.11
CA SER T 42 -13.88 19.01 -23.32
C SER T 42 -13.12 20.21 -23.87
N GLY T 43 -12.08 19.99 -24.69
CA GLY T 43 -11.21 21.08 -25.18
C GLY T 43 -10.39 21.72 -24.08
N VAL T 44 -10.22 21.02 -22.96
CA VAL T 44 -9.44 21.53 -21.80
C VAL T 44 -7.96 21.66 -22.22
N ILE T 45 -7.39 22.81 -21.92
CA ILE T 45 -5.92 23.04 -21.86
C ILE T 45 -5.68 23.70 -20.52
N GLY T 46 -5.33 22.90 -19.52
CA GLY T 46 -5.24 23.36 -18.11
C GLY T 46 -3.80 23.52 -17.67
N ILE T 47 -3.41 24.73 -17.27
CA ILE T 47 -2.05 24.95 -16.70
C ILE T 47 -2.14 24.78 -15.19
N ASN T 48 -1.40 23.81 -14.64
CA ASN T 48 -1.43 23.49 -13.20
C ASN T 48 -0.11 23.88 -12.53
N GLY T 49 -0.21 24.41 -11.31
CA GLY T 49 0.96 24.69 -10.45
C GLY T 49 1.75 25.88 -10.91
N ALA T 50 3.07 25.84 -10.75
CA ALA T 50 3.99 26.99 -10.91
C ALA T 50 3.87 27.60 -12.30
N ALA T 51 3.56 26.77 -13.30
CA ALA T 51 3.45 27.21 -14.70
C ALA T 51 2.35 28.28 -14.87
N ALA T 52 1.35 28.29 -13.99
CA ALA T 52 0.21 29.24 -14.05
C ALA T 52 0.68 30.68 -13.87
N HIS T 53 1.86 30.89 -13.30
CA HIS T 53 2.46 32.24 -13.21
C HIS T 53 2.82 32.74 -14.60
N LEU T 54 3.14 31.85 -15.53
CA LEU T 54 3.75 32.28 -16.83
C LEU T 54 2.74 32.17 -17.97
N VAL T 55 1.85 31.18 -17.90
CA VAL T 55 0.92 30.86 -19.01
C VAL T 55 -0.50 30.96 -18.44
N HIS T 56 -1.30 31.78 -19.06
CA HIS T 56 -2.62 32.19 -18.50
C HIS T 56 -3.76 31.80 -19.41
N PRO T 57 -4.95 31.59 -18.81
CA PRO T 57 -6.18 31.45 -19.58
C PRO T 57 -6.37 32.55 -20.61
N GLY T 58 -6.74 32.15 -21.82
CA GLY T 58 -6.95 33.09 -22.94
C GLY T 58 -5.71 33.16 -23.81
N ASP T 59 -4.56 32.77 -23.31
CA ASP T 59 -3.30 32.80 -24.11
C ASP T 59 -3.39 31.76 -25.22
N LEU T 60 -2.85 32.10 -26.38
CA LEU T 60 -2.59 31.12 -27.47
C LEU T 60 -1.25 30.47 -27.17
N VAL T 61 -1.22 29.14 -27.17
CA VAL T 61 0.04 28.38 -26.89
C VAL T 61 0.31 27.36 -27.98
N ILE T 62 1.56 26.97 -28.08
CA ILE T 62 2.00 25.82 -28.91
C ILE T 62 2.56 24.77 -27.92
N LEU T 63 2.12 23.53 -28.06
CA LEU T 63 2.60 22.40 -27.24
C LEU T 63 3.49 21.52 -28.10
N ILE T 64 4.68 21.20 -27.60
CA ILE T 64 5.72 20.47 -28.38
C ILE T 64 6.23 19.29 -27.57
N ALA T 65 6.37 18.13 -28.19
CA ALA T 65 7.13 16.99 -27.64
C ALA T 65 8.18 16.58 -28.65
N TYR T 66 9.28 16.06 -28.19
CA TYR T 66 10.45 15.63 -28.99
C TYR T 66 10.69 14.16 -28.71
N ALA T 67 11.40 13.48 -29.61
CA ALA T 67 11.86 12.09 -29.40
C ALA T 67 13.33 11.97 -29.74
N THR T 68 14.00 11.11 -29.01
CA THR T 68 15.41 10.80 -29.23
C THR T 68 15.43 9.54 -30.10
N MET T 69 16.16 9.60 -31.20
CA MET T 69 16.24 8.42 -32.09
C MET T 69 17.57 8.39 -32.84
N ASP T 70 17.91 7.21 -33.33
CA ASP T 70 19.14 6.96 -34.11
C ASP T 70 19.08 7.82 -35.39
N ASP T 71 20.26 8.16 -35.88
CA ASP T 71 20.44 8.97 -37.11
C ASP T 71 19.50 8.48 -38.21
N ALA T 72 19.46 7.17 -38.48
CA ALA T 72 18.73 6.62 -39.64
C ALA T 72 17.23 6.95 -39.51
N ARG T 73 16.64 6.70 -38.35
CA ARG T 73 15.19 6.88 -38.11
C ARG T 73 14.87 8.38 -38.13
N ALA T 74 15.83 9.22 -37.64
CA ALA T 74 15.63 10.69 -37.60
C ALA T 74 15.37 11.21 -39.03
N ARG T 75 15.99 10.59 -40.06
CA ARG T 75 15.90 11.07 -41.45
C ARG T 75 14.52 10.77 -42.06
N THR T 76 13.77 9.83 -41.48
CA THR T 76 12.50 9.33 -42.05
C THR T 76 11.32 9.68 -41.14
N TYR T 77 11.55 9.92 -39.85
CA TYR T 77 10.43 10.03 -38.87
C TYR T 77 9.49 11.20 -39.22
N GLN T 78 8.18 10.98 -39.18
CA GLN T 78 7.17 12.03 -39.49
C GLN T 78 6.42 12.40 -38.21
N PRO T 79 6.57 13.64 -37.71
CA PRO T 79 5.83 14.10 -36.53
C PRO T 79 4.31 14.19 -36.74
N ARG T 80 3.58 14.05 -35.67
CA ARG T 80 2.11 14.29 -35.58
C ARG T 80 1.88 15.77 -35.31
N ILE T 81 1.35 16.49 -36.30
CA ILE T 81 1.03 17.95 -36.17
C ILE T 81 -0.48 18.14 -36.06
N VAL T 82 -0.97 18.72 -34.99
CA VAL T 82 -2.44 18.87 -34.75
C VAL T 82 -2.78 20.36 -34.75
N PHE T 83 -3.56 20.78 -35.71
CA PHE T 83 -4.16 22.15 -35.74
C PHE T 83 -5.49 22.12 -35.00
N VAL T 84 -5.82 23.17 -34.27
CA VAL T 84 -7.06 23.24 -33.44
C VAL T 84 -7.81 24.55 -33.71
N ASP T 85 -9.12 24.50 -33.50
CA ASP T 85 -9.99 25.72 -33.65
C ASP T 85 -9.93 26.50 -32.34
N ALA T 86 -10.68 27.59 -32.23
CA ALA T 86 -10.73 28.46 -31.03
C ALA T 86 -11.22 27.66 -29.81
N TYR T 87 -11.86 26.49 -30.01
CA TYR T 87 -12.39 25.66 -28.90
C TYR T 87 -11.54 24.43 -28.65
N ASN T 88 -10.33 24.39 -29.21
CA ASN T 88 -9.31 23.34 -28.95
C ASN T 88 -9.83 22.00 -29.48
N LYS T 89 -10.52 22.01 -30.62
CA LYS T 89 -10.94 20.77 -31.32
C LYS T 89 -10.03 20.61 -32.53
N PRO T 90 -9.53 19.39 -32.80
CA PRO T 90 -8.67 19.16 -33.97
C PRO T 90 -9.33 19.52 -35.31
N ILE T 91 -8.52 19.88 -36.31
CA ILE T 91 -8.92 20.09 -37.74
C ILE T 91 -8.08 19.15 -38.63
N MET U 1 28.08 4.79 -21.39
CA MET U 1 27.89 6.23 -21.03
C MET U 1 27.85 7.08 -22.30
N LEU U 2 26.74 7.79 -22.51
CA LEU U 2 26.54 8.69 -23.67
C LEU U 2 26.74 10.13 -23.20
N ARG U 3 27.53 10.89 -23.98
CA ARG U 3 27.75 12.35 -23.76
C ARG U 3 26.93 13.15 -24.75
N THR U 4 26.57 14.35 -24.36
CA THR U 4 25.82 15.25 -25.25
C THR U 4 26.85 16.16 -25.90
N MET U 5 26.96 16.13 -27.20
CA MET U 5 28.06 16.82 -27.91
C MET U 5 27.49 17.74 -28.98
N LEU U 6 28.22 18.83 -29.24
CA LEU U 6 27.89 19.70 -30.40
C LEU U 6 27.97 18.87 -31.68
N LYS U 7 26.94 18.98 -32.51
CA LYS U 7 26.86 18.38 -33.85
C LYS U 7 26.88 19.48 -34.94
N SER U 8 26.18 20.56 -34.75
CA SER U 8 25.94 21.59 -35.80
C SER U 8 26.00 22.96 -35.16
N LYS U 9 26.59 23.93 -35.86
CA LYS U 9 26.59 25.34 -35.46
C LYS U 9 26.52 26.20 -36.73
N ILE U 10 25.56 27.11 -36.76
CA ILE U 10 25.54 28.21 -37.76
C ILE U 10 25.91 29.48 -37.01
N HIS U 11 27.07 30.01 -37.37
CA HIS U 11 27.73 31.10 -36.62
C HIS U 11 27.45 32.49 -37.22
N ARG U 12 26.80 33.32 -36.39
CA ARG U 12 26.63 34.76 -36.64
C ARG U 12 25.80 34.98 -37.90
N ALA U 13 24.66 34.34 -37.96
CA ALA U 13 23.61 34.60 -38.97
C ALA U 13 22.82 35.81 -38.54
N THR U 14 22.22 36.48 -39.51
CA THR U 14 21.41 37.68 -39.26
C THR U 14 19.96 37.25 -39.41
N VAL U 15 19.14 37.49 -38.40
CA VAL U 15 17.70 37.21 -38.52
C VAL U 15 17.12 38.15 -39.57
N THR U 16 16.44 37.60 -40.58
CA THR U 16 15.91 38.38 -41.74
C THR U 16 14.43 38.71 -41.52
N CYS U 17 13.66 37.87 -40.84
CA CYS U 17 12.23 38.17 -40.60
C CYS U 17 11.75 37.47 -39.35
N ALA U 18 10.65 37.97 -38.81
CA ALA U 18 10.01 37.47 -37.57
C ALA U 18 8.48 37.55 -37.72
N ASP U 19 7.78 36.47 -37.34
CA ASP U 19 6.32 36.43 -37.54
C ASP U 19 5.71 35.78 -36.31
N LEU U 20 5.02 36.58 -35.50
CA LEU U 20 4.40 36.12 -34.24
C LEU U 20 3.30 35.14 -34.61
N HIS U 21 2.62 35.43 -35.70
CA HIS U 21 1.36 34.73 -36.04
C HIS U 21 1.56 33.76 -37.20
N TYR U 22 2.79 33.24 -37.39
CA TYR U 22 3.07 32.15 -38.37
C TYR U 22 2.10 30.98 -38.14
N VAL U 23 1.62 30.37 -39.23
CA VAL U 23 0.75 29.16 -39.23
C VAL U 23 1.39 28.14 -40.18
N GLY U 24 1.83 26.98 -39.64
CA GLY U 24 2.54 25.90 -40.38
C GLY U 24 3.40 25.03 -39.49
N VAL V 2 12.08 27.83 -36.39
CA VAL V 2 13.09 28.66 -37.10
C VAL V 2 13.28 28.14 -38.52
N THR V 3 13.02 29.01 -39.50
CA THR V 3 13.13 28.71 -40.93
C THR V 3 14.57 28.98 -41.34
N ILE V 4 15.24 27.97 -41.86
CA ILE V 4 16.68 28.08 -42.25
C ILE V 4 16.83 27.71 -43.72
N ASP V 5 17.61 28.50 -44.44
CA ASP V 5 17.98 28.25 -45.84
C ASP V 5 18.48 26.83 -45.97
N ALA V 6 17.91 26.06 -46.87
CA ALA V 6 18.23 24.63 -47.09
C ALA V 6 19.74 24.46 -47.27
N ASP V 7 20.44 25.45 -47.83
CA ASP V 7 21.90 25.34 -48.04
C ASP V 7 22.61 25.32 -46.69
N LEU V 8 22.15 26.12 -45.73
CA LEU V 8 22.78 26.18 -44.39
C LEU V 8 22.43 24.90 -43.63
N MET V 9 21.23 24.36 -43.84
CA MET V 9 20.83 23.08 -43.19
C MET V 9 21.70 21.92 -43.70
N ASP V 10 21.92 21.85 -45.02
CA ASP V 10 22.84 20.84 -45.62
C ASP V 10 24.25 21.08 -45.08
N ALA V 11 24.72 22.32 -45.11
CA ALA V 11 26.09 22.70 -44.66
C ALA V 11 26.26 22.30 -43.18
N ALA V 12 25.22 22.46 -42.37
CA ALA V 12 25.27 22.27 -40.90
C ALA V 12 24.80 20.85 -40.56
N ASP V 13 24.33 20.07 -41.53
CA ASP V 13 23.82 18.68 -41.35
C ASP V 13 22.62 18.72 -40.40
N LEU V 14 21.63 19.55 -40.71
CA LEU V 14 20.39 19.73 -39.90
C LEU V 14 19.23 19.16 -40.71
N LEU V 15 18.37 18.39 -40.04
CA LEU V 15 17.13 17.88 -40.66
C LEU V 15 15.96 18.79 -40.28
N GLU V 16 14.98 18.86 -41.17
CA GLU V 16 13.66 19.44 -40.86
C GLU V 16 13.14 18.74 -39.60
N GLY V 17 12.80 19.54 -38.58
CA GLY V 17 12.22 19.02 -37.33
C GLY V 17 13.30 18.74 -36.29
N GLU V 18 14.56 18.97 -36.62
CA GLU V 18 15.65 18.70 -35.62
C GLU V 18 15.64 19.82 -34.59
N GLN V 19 15.81 19.47 -33.33
CA GLN V 19 15.84 20.46 -32.24
C GLN V 19 17.05 21.38 -32.40
N VAL V 20 16.81 22.67 -32.26
CA VAL V 20 17.84 23.72 -32.47
C VAL V 20 17.76 24.71 -31.32
N THR V 21 18.92 25.10 -30.81
CA THR V 21 19.06 26.15 -29.79
C THR V 21 19.40 27.45 -30.54
N ILE V 22 18.65 28.51 -30.30
CA ILE V 22 19.01 29.83 -30.86
C ILE V 22 19.51 30.72 -29.73
N VAL V 23 20.63 31.35 -29.93
CA VAL V 23 21.16 32.32 -28.93
C VAL V 23 21.37 33.66 -29.64
N ASP V 24 20.94 34.75 -29.03
CA ASP V 24 20.86 36.09 -29.65
C ASP V 24 22.01 36.95 -29.12
N ILE V 25 22.94 37.32 -30.00
CA ILE V 25 24.15 38.08 -29.58
C ILE V 25 23.73 39.48 -29.18
N ASP V 26 22.67 40.01 -29.77
CA ASP V 26 22.24 41.38 -29.53
C ASP V 26 21.60 41.54 -28.16
N ASN V 27 20.70 40.65 -27.74
CA ASN V 27 19.98 40.89 -26.47
C ASN V 27 20.23 39.74 -25.47
N GLY V 28 20.97 38.69 -25.83
CA GLY V 28 21.29 37.60 -24.88
C GLY V 28 20.18 36.57 -24.70
N ALA V 29 19.07 36.66 -25.42
CA ALA V 29 18.00 35.62 -25.39
C ALA V 29 18.56 34.28 -25.86
N ARG V 30 18.03 33.23 -25.29
CA ARG V 30 18.45 31.84 -25.50
C ARG V 30 17.17 31.03 -25.52
N LEU V 31 16.93 30.26 -26.57
CA LEU V 31 15.71 29.42 -26.57
C LEU V 31 15.94 28.18 -27.39
N VAL V 32 15.05 27.22 -27.20
CA VAL V 32 15.12 25.92 -27.89
C VAL V 32 13.94 25.84 -28.83
N THR V 33 14.22 25.56 -30.09
CA THR V 33 13.18 25.39 -31.09
C THR V 33 13.60 24.33 -32.09
N TYR V 34 12.85 24.21 -33.18
CA TYR V 34 13.18 23.17 -34.19
C TYR V 34 13.35 23.81 -35.55
N ALA V 35 14.07 23.13 -36.44
CA ALA V 35 14.47 23.68 -37.76
C ALA V 35 13.38 23.40 -38.77
N ILE V 36 13.04 24.41 -39.56
CA ILE V 36 12.16 24.27 -40.76
C ILE V 36 12.98 24.66 -41.99
N THR V 37 12.89 23.87 -43.06
CA THR V 37 13.66 24.08 -44.31
C THR V 37 13.14 25.32 -45.03
N GLY V 38 14.01 26.30 -45.27
CA GLY V 38 13.67 27.55 -45.99
C GLY V 38 14.18 27.51 -47.42
N GLU V 39 13.68 28.41 -48.25
CA GLU V 39 13.99 28.50 -49.71
C GLU V 39 15.52 28.45 -49.88
N ARG V 40 16.02 27.51 -50.67
CA ARG V 40 17.47 27.29 -50.85
C ARG V 40 18.13 28.53 -51.48
N GLY V 41 19.27 28.97 -50.93
CA GLY V 41 20.02 30.12 -51.43
C GLY V 41 19.39 31.48 -51.14
N SER V 42 18.24 31.54 -50.46
CA SER V 42 17.55 32.80 -50.09
C SER V 42 18.24 33.52 -48.92
N GLY V 43 19.07 32.81 -48.14
CA GLY V 43 19.69 33.35 -46.93
C GLY V 43 18.67 33.62 -45.82
N VAL V 44 17.52 32.97 -45.90
CA VAL V 44 16.43 33.14 -44.89
C VAL V 44 16.89 32.58 -43.54
N ILE V 45 16.71 33.38 -42.50
CA ILE V 45 16.72 32.95 -41.08
C ILE V 45 15.44 33.53 -40.49
N GLY V 46 14.38 32.73 -40.46
CA GLY V 46 13.03 33.19 -40.10
C GLY V 46 12.62 32.74 -38.71
N ILE V 47 12.33 33.69 -37.83
CA ILE V 47 11.82 33.38 -36.47
C ILE V 47 10.30 33.35 -36.53
N ASN V 48 9.70 32.22 -36.21
CA ASN V 48 8.23 32.00 -36.30
C ASN V 48 7.66 31.84 -34.89
N GLY V 49 6.48 32.40 -34.66
CA GLY V 49 5.67 32.16 -33.44
C GLY V 49 6.23 32.88 -32.23
N ALA V 50 6.12 32.26 -31.06
CA ALA V 50 6.42 32.86 -29.73
C ALA V 50 7.85 33.39 -29.67
N ALA V 51 8.77 32.77 -30.39
CA ALA V 51 10.20 33.17 -30.43
C ALA V 51 10.37 34.61 -30.90
N ALA V 52 9.44 35.14 -31.70
CA ALA V 52 9.50 36.51 -32.26
C ALA V 52 9.45 37.56 -31.14
N HIS V 53 8.97 37.20 -29.96
CA HIS V 53 9.02 38.09 -28.78
C HIS V 53 10.47 38.32 -28.37
N LEU V 54 11.34 37.34 -28.59
CA LEU V 54 12.69 37.34 -27.98
C LEU V 54 13.76 37.66 -29.01
N VAL V 55 13.56 37.29 -30.27
CA VAL V 55 14.57 37.39 -31.34
C VAL V 55 13.95 38.20 -32.45
N HIS V 56 14.63 39.27 -32.81
CA HIS V 56 14.10 40.30 -33.74
C HIS V 56 14.90 40.42 -35.01
N PRO V 57 14.24 40.88 -36.09
CA PRO V 57 14.92 41.11 -37.36
C PRO V 57 16.17 41.97 -37.19
N GLY V 58 17.28 41.55 -37.82
CA GLY V 58 18.55 42.28 -37.77
C GLY V 58 19.47 41.75 -36.67
N ASP V 59 18.93 40.99 -35.71
CA ASP V 59 19.75 40.42 -34.61
C ASP V 59 20.74 39.41 -35.17
N LEU V 60 21.95 39.42 -34.62
CA LEU V 60 22.97 38.37 -34.92
C LEU V 60 22.67 37.19 -33.98
N VAL V 61 22.53 36.00 -34.55
CA VAL V 61 22.21 34.78 -33.76
C VAL V 61 23.20 33.67 -34.07
N ILE V 62 23.31 32.76 -33.12
CA ILE V 62 24.04 31.48 -33.29
C ILE V 62 23.02 30.35 -33.20
N LEU V 63 23.06 29.45 -34.14
CA LEU V 63 22.12 28.28 -34.17
C LEU V 63 22.92 27.03 -33.85
N ILE V 64 22.44 26.23 -32.90
CA ILE V 64 23.20 25.08 -32.35
C ILE V 64 22.31 23.85 -32.35
N ALA V 65 22.82 22.70 -32.76
CA ALA V 65 22.19 21.39 -32.52
C ALA V 65 23.18 20.49 -31.79
N TYR V 66 22.64 19.58 -31.00
CA TYR V 66 23.41 18.63 -30.19
C TYR V 66 23.03 17.21 -30.60
N ALA V 67 23.86 16.25 -30.32
CA ALA V 67 23.64 14.80 -30.53
C ALA V 67 24.18 14.07 -29.31
N THR V 68 23.55 12.96 -28.98
CA THR V 68 24.05 12.07 -27.94
C THR V 68 24.88 10.99 -28.63
N MET V 69 26.09 10.78 -28.18
CA MET V 69 26.90 9.68 -28.74
C MET V 69 27.81 9.09 -27.68
N ASP V 70 28.19 7.84 -27.91
CA ASP V 70 29.07 7.07 -26.99
C ASP V 70 30.44 7.77 -26.97
N ASP V 71 31.13 7.62 -25.88
CA ASP V 71 32.50 8.14 -25.66
C ASP V 71 33.35 7.96 -26.92
N ALA V 72 33.40 6.76 -27.49
CA ALA V 72 34.32 6.48 -28.62
C ALA V 72 34.02 7.42 -29.80
N ARG V 73 32.77 7.53 -30.20
CA ARG V 73 32.31 8.35 -31.34
C ARG V 73 32.52 9.84 -31.00
N ALA V 74 32.30 10.24 -29.76
CA ALA V 74 32.43 11.66 -29.33
C ALA V 74 33.85 12.19 -29.61
N ARG V 75 34.85 11.33 -29.48
CA ARG V 75 36.28 11.73 -29.59
C ARG V 75 36.67 11.88 -31.07
N THR V 76 35.89 11.33 -31.99
CA THR V 76 36.24 11.27 -33.43
C THR V 76 35.25 12.06 -34.26
N TYR V 77 34.06 12.34 -33.73
CA TYR V 77 33.02 13.07 -34.45
C TYR V 77 33.50 14.50 -34.70
N GLN V 78 33.31 15.00 -35.91
CA GLN V 78 33.69 16.39 -36.27
C GLN V 78 32.42 17.19 -36.50
N PRO V 79 32.14 18.21 -35.64
CA PRO V 79 30.96 19.04 -35.80
C PRO V 79 31.00 19.90 -37.07
N ARG V 80 29.82 20.14 -37.64
CA ARG V 80 29.69 20.94 -38.86
C ARG V 80 29.48 22.37 -38.41
N ILE V 81 30.49 23.22 -38.65
CA ILE V 81 30.48 24.65 -38.24
C ILE V 81 30.38 25.46 -39.52
N VAL V 82 29.34 26.29 -39.64
CA VAL V 82 29.10 27.05 -40.90
C VAL V 82 29.24 28.53 -40.59
N PHE V 83 30.26 29.17 -41.14
CA PHE V 83 30.46 30.64 -41.06
C PHE V 83 29.76 31.28 -42.24
N VAL V 84 29.13 32.44 -42.03
CA VAL V 84 28.26 33.09 -43.02
C VAL V 84 28.60 34.58 -43.14
N ASP V 85 28.32 35.15 -44.30
CA ASP V 85 28.53 36.60 -44.56
C ASP V 85 27.30 37.35 -44.05
N ALA V 86 27.26 38.67 -44.24
CA ALA V 86 26.14 39.54 -43.81
C ALA V 86 24.83 39.10 -44.48
N TYR V 87 24.87 38.29 -45.55
CA TYR V 87 23.66 37.87 -46.32
C TYR V 87 23.36 36.39 -46.04
N ASN V 88 23.98 35.81 -45.01
CA ASN V 88 23.70 34.41 -44.55
C ASN V 88 24.09 33.42 -45.67
N LYS V 89 25.17 33.69 -46.38
CA LYS V 89 25.75 32.75 -47.38
C LYS V 89 26.99 32.13 -46.75
N PRO V 90 27.18 30.80 -46.86
CA PRO V 90 28.37 30.13 -46.33
C PRO V 90 29.71 30.67 -46.86
N ILE V 91 30.76 30.56 -46.03
CA ILE V 91 32.18 30.88 -46.38
C ILE V 91 33.04 29.62 -46.13
N MET W 1 15.80 1.87 -19.81
CA MET W 1 15.37 3.20 -19.29
C MET W 1 16.60 4.01 -18.85
N LEU W 2 16.81 5.18 -19.47
CA LEU W 2 17.99 6.03 -19.18
C LEU W 2 17.59 7.19 -18.26
N ARG W 3 18.38 7.40 -17.24
CA ARG W 3 18.36 8.50 -16.29
C ARG W 3 19.45 9.51 -16.66
N THR W 4 19.23 10.76 -16.34
CA THR W 4 20.20 11.82 -16.62
C THR W 4 20.93 12.05 -15.33
N MET W 5 22.24 11.84 -15.33
CA MET W 5 23.01 11.87 -14.06
C MET W 5 24.13 12.91 -14.17
N LEU W 6 24.49 13.49 -13.04
CA LEU W 6 25.71 14.33 -12.95
C LEU W 6 26.92 13.49 -13.38
N LYS W 7 27.71 14.03 -14.31
CA LYS W 7 28.96 13.41 -14.78
C LYS W 7 30.17 14.27 -14.34
N SER W 8 30.08 15.58 -14.49
CA SER W 8 31.21 16.53 -14.32
C SER W 8 30.70 17.77 -13.61
N LYS W 9 31.50 18.33 -12.70
CA LYS W 9 31.21 19.61 -12.04
C LYS W 9 32.54 20.35 -11.79
N ILE W 10 32.62 21.57 -12.29
CA ILE W 10 33.69 22.52 -11.89
C ILE W 10 33.07 23.55 -10.96
N HIS W 11 33.48 23.50 -9.72
CA HIS W 11 32.82 24.23 -8.61
C HIS W 11 33.56 25.54 -8.27
N ARG W 12 32.81 26.63 -8.45
CA ARG W 12 33.17 28.00 -8.03
C ARG W 12 34.44 28.44 -8.74
N ALA W 13 34.42 28.35 -10.05
CA ALA W 13 35.45 28.90 -10.95
C ALA W 13 35.18 30.39 -11.13
N THR W 14 36.22 31.12 -11.46
CA THR W 14 36.13 32.59 -11.64
C THR W 14 36.14 32.86 -13.12
N VAL W 15 35.15 33.58 -13.63
CA VAL W 15 35.18 34.03 -15.03
C VAL W 15 36.34 35.01 -15.20
N THR W 16 37.24 34.77 -16.13
CA THR W 16 38.49 35.53 -16.35
C THR W 16 38.31 36.48 -17.52
N CYS W 17 37.51 36.14 -18.52
CA CYS W 17 37.31 37.02 -19.70
C CYS W 17 36.00 36.71 -20.36
N ALA W 18 35.54 37.64 -21.21
CA ALA W 18 34.32 37.54 -22.01
C ALA W 18 34.53 38.26 -23.34
N ASP W 19 34.03 37.70 -24.42
CA ASP W 19 34.06 38.35 -25.74
C ASP W 19 32.72 38.11 -26.40
N LEU W 20 31.92 39.17 -26.56
CA LEU W 20 30.57 39.12 -27.15
C LEU W 20 30.72 38.69 -28.60
N HIS W 21 31.77 39.17 -29.25
CA HIS W 21 31.90 39.03 -30.71
C HIS W 21 32.97 38.01 -31.08
N TYR W 22 33.20 37.01 -30.25
CA TYR W 22 34.09 35.84 -30.52
C TYR W 22 33.78 35.27 -31.90
N VAL W 23 34.82 34.84 -32.62
CA VAL W 23 34.71 34.13 -33.94
C VAL W 23 35.56 32.85 -33.85
N GLY W 24 34.92 31.67 -33.96
CA GLY W 24 35.55 30.35 -33.82
C GLY W 24 34.55 29.26 -33.41
N VAL X 2 31.88 28.41 -24.00
CA VAL X 2 32.71 28.63 -22.77
C VAL X 2 34.08 28.00 -22.96
N THR X 3 35.12 28.81 -22.82
CA THR X 3 36.51 28.39 -22.96
C THR X 3 36.98 27.94 -21.59
N ILE X 4 37.44 26.72 -21.48
CA ILE X 4 37.87 26.12 -20.18
C ILE X 4 39.30 25.64 -20.33
N ASP X 5 40.11 25.91 -19.32
CA ASP X 5 41.50 25.45 -19.22
C ASP X 5 41.50 23.93 -19.42
N ALA X 6 42.30 23.44 -20.33
CA ALA X 6 42.38 22.01 -20.71
C ALA X 6 42.60 21.15 -19.45
N ASP X 7 43.26 21.67 -18.42
CA ASP X 7 43.53 20.90 -17.18
C ASP X 7 42.21 20.63 -16.46
N LEU X 8 41.31 21.61 -16.44
CA LEU X 8 39.99 21.47 -15.76
C LEU X 8 39.12 20.52 -16.60
N MET X 9 39.24 20.59 -17.93
CA MET X 9 38.48 19.68 -18.82
C MET X 9 38.92 18.22 -18.60
N ASP X 10 40.22 17.97 -18.52
CA ASP X 10 40.77 16.62 -18.19
C ASP X 10 40.29 16.21 -16.79
N ALA X 11 40.45 17.10 -15.82
CA ALA X 11 40.05 16.83 -14.42
C ALA X 11 38.55 16.49 -14.35
N ALA X 12 37.72 17.16 -15.15
CA ALA X 12 36.24 17.03 -15.11
C ALA X 12 35.78 16.00 -16.14
N ASP X 13 36.68 15.48 -16.98
CA ASP X 13 36.38 14.50 -18.06
C ASP X 13 35.42 15.13 -19.05
N LEU X 14 35.78 16.30 -19.57
CA LEU X 14 34.97 17.07 -20.56
C LEU X 14 35.73 17.05 -21.88
N LEU X 15 35.00 16.83 -22.98
CA LEU X 15 35.55 16.97 -24.34
C LEU X 15 35.20 18.34 -24.90
N GLU X 16 36.05 18.87 -25.78
CA GLU X 16 35.72 20.01 -26.64
C GLU X 16 34.40 19.68 -27.34
N GLY X 17 33.41 20.57 -27.20
CA GLY X 17 32.11 20.41 -27.86
C GLY X 17 31.10 19.73 -26.97
N GLU X 18 31.49 19.30 -25.77
CA GLU X 18 30.51 18.67 -24.83
C GLU X 18 29.59 19.73 -24.24
N GLN X 19 28.33 19.45 -24.15
CA GLN X 19 27.33 20.37 -23.58
C GLN X 19 27.62 20.63 -22.12
N VAL X 20 27.59 21.90 -21.73
CA VAL X 20 27.88 22.31 -20.33
C VAL X 20 26.81 23.31 -19.89
N THR X 21 26.40 23.17 -18.64
CA THR X 21 25.47 24.07 -17.97
C THR X 21 26.31 25.02 -17.13
N ILE X 22 26.13 26.31 -17.30
CA ILE X 22 26.82 27.31 -16.43
C ILE X 22 25.77 27.91 -15.49
N VAL X 23 26.08 27.92 -14.21
CA VAL X 23 25.21 28.63 -13.23
C VAL X 23 26.06 29.70 -12.53
N ASP X 24 25.53 30.90 -12.41
CA ASP X 24 26.28 32.09 -11.93
C ASP X 24 25.89 32.38 -10.48
N ILE X 25 26.84 32.24 -9.57
CA ILE X 25 26.57 32.40 -8.10
C ILE X 25 26.28 33.87 -7.81
N ASP X 26 26.87 34.77 -8.58
CA ASP X 26 26.72 36.22 -8.35
C ASP X 26 25.32 36.73 -8.73
N ASN X 27 24.78 36.35 -9.88
CA ASN X 27 23.50 36.97 -10.33
C ASN X 27 22.42 35.90 -10.53
N GLY X 28 22.71 34.60 -10.36
CA GLY X 28 21.68 33.55 -10.47
C GLY X 28 21.38 33.13 -11.91
N ALA X 29 22.05 33.68 -12.93
CA ALA X 29 21.88 33.22 -14.33
C ALA X 29 22.22 31.74 -14.46
N ARG X 30 21.49 31.09 -15.36
CA ARG X 30 21.60 29.64 -15.63
C ARG X 30 21.51 29.44 -17.13
N LEU X 31 22.51 28.88 -17.76
CA LEU X 31 22.41 28.67 -19.23
C LEU X 31 23.13 27.41 -19.66
N VAL X 32 22.84 26.99 -20.85
CA VAL X 32 23.42 25.74 -21.42
C VAL X 32 24.32 26.19 -22.56
N THR X 33 25.55 25.73 -22.54
CA THR X 33 26.48 25.99 -23.63
C THR X 33 27.40 24.79 -23.79
N TYR X 34 28.41 24.96 -24.63
CA TYR X 34 29.35 23.85 -24.90
C TYR X 34 30.77 24.28 -24.58
N ALA X 35 31.63 23.31 -24.31
CA ALA X 35 33.00 23.55 -23.85
C ALA X 35 33.92 23.76 -25.04
N ILE X 36 34.76 24.78 -24.97
CA ILE X 36 35.94 24.96 -25.87
C ILE X 36 37.21 24.85 -25.02
N THR X 37 38.21 24.12 -25.53
CA THR X 37 39.49 23.86 -24.83
C THR X 37 40.30 25.16 -24.77
N GLY X 38 40.64 25.59 -23.57
CA GLY X 38 41.47 26.79 -23.33
C GLY X 38 42.90 26.43 -23.01
N GLU X 39 43.81 27.39 -23.14
CA GLU X 39 45.27 27.22 -22.90
C GLU X 39 45.47 26.46 -21.59
N ARG X 40 46.18 25.35 -21.59
CA ARG X 40 46.36 24.46 -20.43
C ARG X 40 47.12 25.21 -19.32
N GLY X 41 46.65 25.12 -18.08
CA GLY X 41 47.27 25.76 -16.90
C GLY X 41 47.11 27.27 -16.86
N SER X 42 46.41 27.90 -17.80
CA SER X 42 46.17 29.37 -17.82
C SER X 42 45.08 29.77 -16.81
N GLY X 43 44.25 28.83 -16.36
CA GLY X 43 43.12 29.14 -15.48
C GLY X 43 42.03 29.92 -16.19
N VAL X 44 42.02 29.87 -17.52
CA VAL X 44 41.01 30.61 -18.34
C VAL X 44 39.62 29.99 -18.09
N ILE X 45 38.66 30.86 -17.81
CA ILE X 45 37.21 30.55 -17.89
C ILE X 45 36.61 31.68 -18.72
N GLY X 46 36.47 31.44 -20.03
CA GLY X 46 36.10 32.49 -20.98
C GLY X 46 34.65 32.35 -21.44
N ILE X 47 33.84 33.37 -21.22
CA ILE X 47 32.44 33.37 -21.74
C ILE X 47 32.45 34.03 -23.12
N ASN X 48 32.04 33.28 -24.15
CA ASN X 48 32.05 33.76 -25.56
C ASN X 48 30.62 33.97 -26.05
N GLY X 49 30.42 35.04 -26.82
CA GLY X 49 29.17 35.30 -27.56
C GLY X 49 28.02 35.71 -26.64
N ALA X 50 26.80 35.27 -26.94
CA ALA X 50 25.55 35.75 -26.32
C ALA X 50 25.59 35.57 -24.81
N ALA X 51 26.28 34.53 -24.32
CA ALA X 51 26.37 34.21 -22.90
C ALA X 51 26.97 35.39 -22.10
N ALA X 52 27.80 36.22 -22.73
CA ALA X 52 28.49 37.35 -22.08
C ALA X 52 27.49 38.39 -21.56
N HIS X 53 26.26 38.38 -22.08
CA HIS X 53 25.18 39.24 -21.54
C HIS X 53 24.83 38.81 -20.13
N LEU X 54 24.97 37.53 -19.81
CA LEU X 54 24.40 36.96 -18.56
C LEU X 54 25.49 36.68 -17.53
N VAL X 55 26.67 36.30 -17.98
CA VAL X 55 27.76 35.83 -17.09
C VAL X 55 28.97 36.73 -17.39
N HIS X 56 29.48 37.34 -16.35
CA HIS X 56 30.49 38.42 -16.48
C HIS X 56 31.80 38.05 -15.81
N PRO X 57 32.91 38.65 -16.32
CA PRO X 57 34.19 38.62 -15.63
C PRO X 57 34.07 38.96 -14.15
N GLY X 58 34.73 38.13 -13.32
CA GLY X 58 34.72 38.29 -11.86
C GLY X 58 33.64 37.46 -11.20
N ASP X 59 32.65 37.01 -11.95
CA ASP X 59 31.55 36.18 -11.38
C ASP X 59 32.11 34.82 -10.96
N LEU X 60 31.62 34.30 -9.84
CA LEU X 60 31.83 32.89 -9.44
C LEU X 60 30.78 32.05 -10.18
N VAL X 61 31.22 31.01 -10.87
CA VAL X 61 30.29 30.11 -11.62
C VAL X 61 30.53 28.66 -11.23
N ILE X 62 29.52 27.84 -11.46
CA ILE X 62 29.61 26.37 -11.39
C ILE X 62 29.36 25.84 -12.80
N LEU X 63 30.26 24.97 -13.27
CA LEU X 63 30.15 24.34 -14.61
C LEU X 63 29.75 22.89 -14.44
N ILE X 64 28.71 22.46 -15.15
CA ILE X 64 28.08 21.12 -14.93
C ILE X 64 27.92 20.42 -16.26
N ALA X 65 28.29 19.14 -16.33
CA ALA X 65 27.96 18.29 -17.49
C ALA X 65 27.17 17.07 -16.99
N TYR X 66 26.24 16.61 -17.81
CA TYR X 66 25.35 15.48 -17.47
C TYR X 66 25.59 14.37 -18.47
N ALA X 67 25.27 13.14 -18.08
CA ALA X 67 25.36 11.95 -18.95
C ALA X 67 24.12 11.12 -18.82
N THR X 68 23.73 10.51 -19.92
CA THR X 68 22.55 9.65 -19.98
C THR X 68 23.05 8.22 -19.78
N MET X 69 22.48 7.51 -18.84
CA MET X 69 22.93 6.11 -18.63
C MET X 69 21.79 5.26 -18.08
N ASP X 70 21.88 3.97 -18.34
CA ASP X 70 20.88 2.97 -17.90
C ASP X 70 20.89 2.95 -16.37
N ASP X 71 19.74 2.58 -15.81
CA ASP X 71 19.52 2.44 -14.35
C ASP X 71 20.75 1.79 -13.68
N ALA X 72 21.23 0.66 -14.20
CA ALA X 72 22.27 -0.13 -13.51
C ALA X 72 23.54 0.72 -13.35
N ARG X 73 23.99 1.37 -14.43
CA ARG X 73 25.23 2.18 -14.45
C ARG X 73 25.02 3.42 -13.57
N ALA X 74 23.81 4.00 -13.56
CA ALA X 74 23.51 5.24 -12.80
C ALA X 74 23.77 5.03 -11.31
N ARG X 75 23.53 3.83 -10.80
CA ARG X 75 23.63 3.51 -9.35
C ARG X 75 25.11 3.36 -8.95
N THR X 76 26.02 3.14 -9.90
CA THR X 76 27.44 2.86 -9.61
C THR X 76 28.35 3.97 -10.13
N TYR X 77 27.89 4.78 -11.09
CA TYR X 77 28.74 5.82 -11.72
C TYR X 77 29.17 6.84 -10.66
N GLN X 78 30.46 7.22 -10.67
CA GLN X 78 31.02 8.23 -9.75
C GLN X 78 31.38 9.50 -10.52
N PRO X 79 30.68 10.62 -10.26
CA PRO X 79 30.93 11.86 -10.99
C PRO X 79 32.29 12.47 -10.73
N ARG X 80 32.82 13.20 -11.70
CA ARG X 80 34.10 13.95 -11.54
C ARG X 80 33.73 15.32 -10.99
N ILE X 81 34.12 15.59 -9.75
CA ILE X 81 33.89 16.90 -9.07
C ILE X 81 35.25 17.60 -8.94
N VAL X 82 35.40 18.78 -9.52
CA VAL X 82 36.69 19.50 -9.52
C VAL X 82 36.51 20.78 -8.70
N PHE X 83 37.21 20.87 -7.57
CA PHE X 83 37.28 22.09 -6.74
C PHE X 83 38.47 22.90 -7.22
N VAL X 84 38.35 24.23 -7.24
CA VAL X 84 39.40 25.12 -7.81
C VAL X 84 39.65 26.27 -6.82
N ASP X 85 40.87 26.79 -6.84
CA ASP X 85 41.24 27.97 -6.01
C ASP X 85 40.78 29.24 -6.73
N ALA X 86 41.07 30.40 -6.16
CA ALA X 86 40.68 31.71 -6.74
C ALA X 86 41.33 31.91 -8.12
N TYR X 87 42.33 31.12 -8.50
CA TYR X 87 43.06 31.24 -9.80
C TYR X 87 42.66 30.11 -10.75
N ASN X 88 41.58 29.38 -10.43
CA ASN X 88 41.00 28.32 -11.29
C ASN X 88 42.02 27.19 -11.50
N LYS X 89 42.76 26.86 -10.45
CA LYS X 89 43.67 25.68 -10.44
C LYS X 89 43.01 24.60 -9.60
N PRO X 90 42.99 23.33 -10.06
CA PRO X 90 42.38 22.25 -9.30
C PRO X 90 42.99 22.03 -7.90
N ILE X 91 42.20 21.49 -6.97
CA ILE X 91 42.58 21.04 -5.60
C ILE X 91 42.10 19.58 -5.47
#